data_4DJ7
#
_entry.id   4DJ7
#
_cell.length_a   200.279
_cell.length_b   115.723
_cell.length_c   117.656
_cell.angle_alpha   90.00
_cell.angle_beta   124.39
_cell.angle_gamma   90.00
#
_symmetry.space_group_name_H-M   'C 1 2 1'
#
loop_
_entity.id
_entity.type
_entity.pdbx_description
1 polymer Hemagglutinin
2 polymer Hemagglutinin
3 branched 2-acetamido-2-deoxy-beta-D-glucopyranose-(1-4)-2-acetamido-2-deoxy-beta-D-glucopyranose
4 branched 'N-acetyl-alpha-neuraminic acid-(2-3)-beta-D-galactopyranose-(1-4)-2-acetamido-2-deoxy-beta-D-glucopyranose'
5 non-polymer 2-acetamido-2-deoxy-beta-D-glucopyranose
6 water water
#
loop_
_entity_poly.entity_id
_entity_poly.type
_entity_poly.pdbx_seq_one_letter_code
_entity_poly.pdbx_strand_id
1 'polypeptide(L)'
;ADPGDKICLGHHAVSNGTKVNTLTERGVEVVNATETVERTNVPRICSKGKRTVDLGQCGLLGTITGPPQCDQFLEFSADL
IIERREGSDVCYPGKFVNEEALRQILRESGGIDKETMGFTYSGIRTNGTTSACRRSGSSFYAEMKWLLSNTDNAAFPQMT
KSYKNTRKDPALIIWGIHHSGSTTEQTKLYGSGNKLITVGSSNYQQSFVPSPGARPQVNGQSGRIDFHWLILNPNDTVTF
SFNGAFIAPDRASFLRGKSMGIQSEVQVDANCEGDCYHSGGTIISNLPFQNINSRAVGKCPRYVKQESLLLATGMKNVPE
IPKRRRR
;
A,C,E
2 'polypeptide(L)'
;GLFGAIAGFIENGWEGLIDGWYGFRHQNAQGEGTAADYKSTQSAIDQITGKLNRLIEKTNQQFELIDNEFTEVERQIGNV
INWTRDSMTEVWSYNAELLVAMENQHTIDLADSEMNKLYERVKRQLRENAEEDGTGCFEIFHKCDDDCMASIRNNTYDHS
KYREEAIQNRIQIDSGR
;
B,D,F
#
loop_
_chem_comp.id
_chem_comp.type
_chem_comp.name
_chem_comp.formula
GAL D-saccharide, beta linking beta-D-galactopyranose 'C6 H12 O6'
NAG D-saccharide, beta linking 2-acetamido-2-deoxy-beta-D-glucopyranose 'C8 H15 N O6'
SIA D-saccharide, alpha linking 'N-acetyl-alpha-neuraminic acid' 'C11 H19 N O9'
#
# COMPACT_ATOMS: atom_id res chain seq x y z
N ASP A 5 -58.28 -21.23 -16.28
CA ASP A 5 -58.52 -19.90 -15.63
C ASP A 5 -57.29 -19.00 -15.52
N LYS A 6 -56.18 -19.52 -14.94
CA LYS A 6 -55.01 -18.68 -14.67
C LYS A 6 -53.64 -19.34 -14.91
N ILE A 7 -52.75 -18.54 -15.52
CA ILE A 7 -51.31 -18.85 -15.59
C ILE A 7 -50.51 -17.95 -14.61
N CYS A 8 -49.59 -18.55 -13.85
CA CYS A 8 -48.73 -17.78 -12.92
C CYS A 8 -47.24 -18.10 -13.12
N LEU A 9 -46.40 -17.07 -13.07
CA LEU A 9 -44.96 -17.31 -13.06
C LEU A 9 -44.35 -17.12 -11.67
N GLY A 10 -43.12 -17.62 -11.51
CA GLY A 10 -42.52 -17.77 -10.19
C GLY A 10 -41.10 -18.26 -10.30
N HIS A 11 -40.42 -18.31 -9.17
CA HIS A 11 -38.98 -18.62 -9.12
C HIS A 11 -38.73 -19.74 -8.10
N HIS A 12 -37.54 -20.34 -8.15
CA HIS A 12 -37.27 -21.44 -7.25
C HIS A 12 -36.81 -21.01 -5.86
N ALA A 13 -36.80 -21.98 -4.95
CA ALA A 13 -36.30 -21.76 -3.60
C ALA A 13 -35.94 -23.11 -2.99
N VAL A 14 -35.32 -23.06 -1.81
CA VAL A 14 -34.84 -24.28 -1.14
C VAL A 14 -35.07 -24.12 0.36
N SER A 15 -35.12 -25.24 1.09
CA SER A 15 -35.58 -25.17 2.48
C SER A 15 -34.52 -24.61 3.43
N ASN A 16 -33.26 -24.90 3.14
CA ASN A 16 -32.13 -24.25 3.80
C ASN A 16 -31.25 -23.54 2.77
N GLY A 17 -31.22 -22.22 2.83
CA GLY A 17 -30.22 -21.45 2.09
C GLY A 17 -29.03 -21.06 2.96
N THR A 18 -28.13 -20.27 2.39
CA THR A 18 -26.96 -19.77 3.13
C THR A 18 -26.90 -18.23 3.22
N LYS A 19 -26.47 -17.74 4.38
CA LYS A 19 -26.38 -16.31 4.63
C LYS A 19 -25.14 -15.64 4.00
N VAL A 20 -25.36 -14.59 3.23
CA VAL A 20 -24.30 -13.71 2.75
C VAL A 20 -24.48 -12.31 3.34
N ASN A 21 -23.49 -11.44 3.13
CA ASN A 21 -23.70 -10.02 3.38
C ASN A 21 -23.89 -9.18 2.13
N THR A 22 -24.69 -8.13 2.22
CA THR A 22 -24.81 -7.20 1.11
C THR A 22 -24.47 -5.77 1.54
N LEU A 23 -24.67 -4.84 0.62
CA LEU A 23 -24.41 -3.43 0.88
C LEU A 23 -25.35 -2.89 1.94
N THR A 24 -26.42 -3.65 2.19
CA THR A 24 -27.64 -3.09 2.74
C THR A 24 -28.17 -3.93 3.91
N GLU A 25 -27.77 -5.20 3.98
CA GLU A 25 -28.29 -6.13 4.98
C GLU A 25 -27.22 -7.18 5.32
N ARG A 26 -27.14 -7.55 6.60
CA ARG A 26 -26.30 -8.68 7.01
C ARG A 26 -27.12 -9.97 6.99
N GLY A 27 -26.46 -11.08 6.72
CA GLY A 27 -27.10 -12.39 6.81
C GLY A 27 -28.40 -12.54 6.03
N VAL A 28 -28.43 -12.04 4.81
CA VAL A 28 -29.55 -12.31 3.92
C VAL A 28 -29.42 -13.66 3.21
N GLU A 29 -30.44 -14.50 3.32
CA GLU A 29 -30.39 -15.85 2.80
C GLU A 29 -30.52 -15.89 1.28
N VAL A 30 -29.54 -16.46 0.61
CA VAL A 30 -29.66 -16.77 -0.81
C VAL A 30 -29.62 -18.27 -1.05
N VAL A 31 -29.93 -18.67 -2.28
CA VAL A 31 -30.16 -20.08 -2.63
C VAL A 31 -28.88 -20.90 -2.61
N ASN A 32 -27.86 -20.42 -3.31
CA ASN A 32 -26.50 -20.99 -3.28
C ASN A 32 -25.49 -19.84 -3.15
N ALA A 33 -24.41 -20.07 -2.39
CA ALA A 33 -23.29 -19.14 -2.33
C ALA A 33 -21.96 -19.91 -2.30
N THR A 34 -20.85 -19.21 -2.53
CA THR A 34 -19.53 -19.86 -2.55
C THR A 34 -18.37 -19.06 -1.93
N GLU A 35 -17.46 -19.79 -1.29
CA GLU A 35 -16.36 -19.20 -0.53
C GLU A 35 -15.37 -18.46 -1.43
N THR A 36 -14.70 -17.48 -0.85
CA THR A 36 -13.89 -16.55 -1.59
C THR A 36 -12.52 -16.49 -0.90
N VAL A 37 -12.48 -16.99 0.34
CA VAL A 37 -11.26 -16.98 1.13
C VAL A 37 -10.74 -18.41 1.37
N GLU A 38 -9.54 -18.67 0.87
CA GLU A 38 -8.89 -19.96 1.09
C GLU A 38 -8.50 -20.17 2.57
N ARG A 39 -8.99 -21.25 3.18
CA ARG A 39 -8.57 -21.57 4.53
C ARG A 39 -7.80 -22.87 4.62
N THR A 40 -7.78 -23.64 3.52
CA THR A 40 -7.13 -24.96 3.51
C THR A 40 -5.66 -24.97 3.12
N ASN A 41 -4.81 -25.45 4.03
CA ASN A 41 -3.38 -25.58 3.78
C ASN A 41 -2.99 -26.98 3.39
N VAL A 42 -1.96 -27.11 2.55
CA VAL A 42 -1.34 -28.43 2.28
C VAL A 42 0.02 -28.54 2.96
N PRO A 43 0.14 -29.44 3.94
CA PRO A 43 1.31 -29.37 4.84
C PRO A 43 2.60 -29.90 4.21
N ARG A 44 2.85 -29.52 2.97
CA ARG A 44 3.99 -30.07 2.20
C ARG A 44 4.43 -29.01 1.20
N ILE A 45 5.71 -29.03 0.82
CA ILE A 45 6.16 -28.23 -0.31
C ILE A 45 5.86 -28.89 -1.67
N CYS A 46 4.81 -28.42 -2.30
CA CYS A 46 4.37 -29.01 -3.56
C CYS A 46 5.30 -28.57 -4.68
N SER A 47 6.22 -29.45 -5.06
CA SER A 47 7.39 -29.07 -5.85
C SER A 47 7.32 -29.63 -7.29
N LYS A 48 6.19 -30.25 -7.64
CA LYS A 48 6.07 -30.96 -8.92
C LYS A 48 6.44 -30.08 -10.10
N GLY A 49 7.44 -30.51 -10.88
CA GLY A 49 7.79 -29.82 -12.11
C GLY A 49 8.75 -28.67 -11.87
N LYS A 50 9.18 -28.51 -10.63
CA LYS A 50 10.20 -27.52 -10.36
C LYS A 50 11.56 -28.13 -10.01
N ARG A 51 12.62 -27.70 -10.68
CA ARG A 51 13.97 -27.98 -10.24
C ARG A 51 14.14 -27.59 -8.78
N THR A 52 14.26 -28.56 -7.87
CA THR A 52 14.30 -28.23 -6.44
C THR A 52 15.63 -28.53 -5.74
N VAL A 53 16.08 -27.64 -4.88
CA VAL A 53 17.25 -27.90 -4.07
C VAL A 53 16.90 -27.63 -2.62
N ASP A 54 16.75 -28.68 -1.82
CA ASP A 54 16.50 -28.52 -0.39
C ASP A 54 17.84 -28.51 0.36
N LEU A 55 18.24 -27.34 0.88
CA LEU A 55 19.61 -27.19 1.40
C LEU A 55 19.95 -27.99 2.65
N GLY A 56 18.91 -28.38 3.41
CA GLY A 56 19.07 -29.10 4.67
C GLY A 56 20.12 -28.50 5.60
N GLN A 57 21.22 -29.21 5.82
CA GLN A 57 22.21 -28.78 6.78
C GLN A 57 23.05 -27.63 6.24
N CYS A 58 22.95 -27.37 4.95
CA CYS A 58 23.74 -26.31 4.34
C CYS A 58 23.01 -24.95 4.36
N GLY A 59 23.66 -23.91 4.90
CA GLY A 59 23.09 -22.58 4.87
C GLY A 59 23.28 -21.88 3.52
N LEU A 60 22.30 -21.13 3.08
CA LEU A 60 22.40 -20.56 1.75
C LEU A 60 23.75 -19.87 1.46
N LEU A 61 24.20 -19.00 2.36
CA LEU A 61 25.51 -18.33 2.22
C LEU A 61 26.67 -19.31 2.12
N GLY A 62 26.58 -20.42 2.86
CA GLY A 62 27.52 -21.52 2.71
C GLY A 62 27.85 -21.94 1.28
N THR A 63 26.86 -21.90 0.39
CA THR A 63 27.06 -22.34 -0.99
C THR A 63 28.10 -21.47 -1.70
N ILE A 64 28.40 -20.31 -1.13
CA ILE A 64 29.37 -19.39 -1.71
C ILE A 64 30.82 -19.62 -1.26
N THR A 65 30.99 -19.92 0.03
CA THR A 65 32.31 -19.99 0.62
C THR A 65 32.75 -21.45 0.75
N GLY A 66 31.84 -22.29 1.25
CA GLY A 66 31.98 -23.74 1.13
C GLY A 66 32.51 -24.42 2.37
N PRO A 67 31.77 -24.35 3.48
CA PRO A 67 32.03 -25.24 4.61
C PRO A 67 31.63 -26.67 4.22
N PRO A 68 32.11 -27.66 4.98
CA PRO A 68 31.79 -29.04 4.68
C PRO A 68 30.31 -29.35 4.44
N GLN A 69 29.39 -28.75 5.21
CA GLN A 69 27.94 -29.00 5.05
C GLN A 69 27.47 -28.78 3.62
N CYS A 70 28.19 -27.94 2.87
CA CYS A 70 27.69 -27.41 1.62
C CYS A 70 28.43 -27.98 0.40
N ASP A 71 29.35 -28.91 0.64
CA ASP A 71 30.15 -29.47 -0.44
C ASP A 71 29.29 -29.88 -1.62
N GLN A 72 28.19 -30.54 -1.32
CA GLN A 72 27.27 -31.01 -2.35
C GLN A 72 26.41 -29.89 -2.98
N PHE A 73 26.74 -28.63 -2.73
CA PHE A 73 25.92 -27.49 -3.18
C PHE A 73 26.70 -26.36 -3.82
N LEU A 74 28.00 -26.54 -4.03
CA LEU A 74 28.86 -25.46 -4.49
C LEU A 74 28.44 -24.93 -5.86
N GLU A 75 27.73 -25.75 -6.63
CA GLU A 75 27.42 -25.36 -7.99
C GLU A 75 26.01 -25.71 -8.48
N PHE A 76 24.99 -25.59 -7.65
CA PHE A 76 23.66 -26.12 -8.02
C PHE A 76 22.86 -25.36 -9.11
N SER A 77 21.74 -25.94 -9.55
CA SER A 77 20.70 -25.22 -10.33
C SER A 77 19.36 -25.45 -9.72
N ALA A 78 18.49 -24.44 -9.78
CA ALA A 78 17.22 -24.52 -9.09
C ALA A 78 16.16 -23.55 -9.62
N ASP A 79 14.90 -23.98 -9.59
CA ASP A 79 13.77 -23.10 -9.78
C ASP A 79 13.28 -22.69 -8.41
N LEU A 80 13.45 -23.59 -7.44
CA LEU A 80 12.91 -23.43 -6.09
C LEU A 80 13.96 -23.85 -5.05
N ILE A 81 14.32 -22.93 -4.15
CA ILE A 81 15.39 -23.20 -3.18
C ILE A 81 14.85 -23.17 -1.78
N ILE A 82 15.11 -24.22 -0.99
CA ILE A 82 14.50 -24.36 0.34
C ILE A 82 15.56 -24.31 1.43
N GLU A 83 15.49 -23.29 2.28
CA GLU A 83 16.38 -23.17 3.43
C GLU A 83 15.75 -23.91 4.59
N ARG A 84 16.56 -24.64 5.36
CA ARG A 84 16.07 -25.30 6.57
C ARG A 84 16.50 -24.56 7.83
N ARG A 85 15.82 -24.82 8.93
CA ARG A 85 16.12 -24.10 10.15
C ARG A 85 17.46 -24.54 10.75
N GLU A 86 18.02 -25.62 10.21
CA GLU A 86 19.25 -26.19 10.74
C GLU A 86 20.38 -25.94 9.76
N GLY A 87 20.12 -25.09 8.79
CA GLY A 87 21.14 -24.66 7.84
C GLY A 87 22.17 -23.80 8.54
N SER A 88 23.37 -23.72 7.96
CA SER A 88 24.49 -23.17 8.70
C SER A 88 25.55 -22.72 7.72
N ASP A 89 26.05 -21.50 7.90
CA ASP A 89 26.72 -20.79 6.82
C ASP A 89 28.23 -20.98 6.87
N VAL A 90 28.71 -21.63 7.92
CA VAL A 90 29.99 -21.29 8.53
C VAL A 90 30.56 -22.53 9.17
N CYS A 91 31.86 -22.80 8.99
CA CYS A 91 32.51 -23.85 9.78
C CYS A 91 33.35 -23.23 10.87
N TYR A 92 34.31 -22.41 10.47
CA TYR A 92 35.10 -21.61 11.39
C TYR A 92 34.27 -20.42 11.88
N PRO A 93 34.24 -20.18 13.20
CA PRO A 93 33.36 -19.15 13.74
C PRO A 93 33.55 -17.77 13.09
N GLY A 94 32.44 -17.17 12.64
CA GLY A 94 32.46 -15.88 11.99
C GLY A 94 31.11 -15.57 11.39
N LYS A 95 30.98 -14.42 10.73
CA LYS A 95 29.70 -14.02 10.16
C LYS A 95 29.89 -13.45 8.76
N PHE A 96 28.80 -13.43 8.00
CA PHE A 96 28.74 -12.68 6.76
C PHE A 96 28.27 -11.29 7.10
N VAL A 97 29.01 -10.28 6.65
CA VAL A 97 28.55 -8.92 6.84
C VAL A 97 27.51 -8.61 5.77
N ASN A 98 26.38 -8.07 6.18
CA ASN A 98 25.36 -7.70 5.23
C ASN A 98 24.74 -8.94 4.63
N GLU A 99 24.49 -9.91 5.52
CA GLU A 99 24.05 -11.24 5.16
C GLU A 99 22.68 -11.29 4.50
N GLU A 100 21.67 -10.63 5.07
CA GLU A 100 20.34 -10.82 4.50
C GLU A 100 20.23 -10.36 3.03
N ALA A 101 20.93 -9.28 2.67
CA ALA A 101 21.01 -8.88 1.29
C ALA A 101 21.49 -10.04 0.47
N LEU A 102 22.70 -10.49 0.78
CA LEU A 102 23.26 -11.65 0.10
C LEU A 102 22.26 -12.82 -0.02
N ARG A 103 21.53 -13.13 1.05
CA ARG A 103 20.57 -14.24 0.97
C ARG A 103 19.51 -13.97 -0.09
N GLN A 104 18.97 -12.75 -0.05
CA GLN A 104 17.97 -12.30 -1.00
C GLN A 104 18.43 -12.44 -2.45
N ILE A 105 19.70 -12.14 -2.73
CA ILE A 105 20.24 -12.30 -4.07
C ILE A 105 20.28 -13.78 -4.42
N LEU A 106 20.94 -14.56 -3.57
CA LEU A 106 21.11 -15.99 -3.77
C LEU A 106 19.80 -16.74 -3.98
N ARG A 107 18.74 -16.34 -3.25
CA ARG A 107 17.43 -16.99 -3.33
C ARG A 107 16.82 -16.92 -4.71
N GLU A 108 17.04 -15.82 -5.42
CA GLU A 108 16.50 -15.68 -6.76
C GLU A 108 17.55 -15.89 -7.84
N SER A 109 18.65 -16.55 -7.49
CA SER A 109 19.79 -16.72 -8.40
C SER A 109 19.47 -17.64 -9.57
N GLY A 110 18.50 -18.53 -9.36
CA GLY A 110 18.36 -19.65 -10.25
C GLY A 110 19.49 -20.64 -10.10
N GLY A 111 20.27 -20.48 -9.04
CA GLY A 111 21.43 -21.36 -8.79
C GLY A 111 22.75 -20.66 -9.06
N ILE A 112 23.86 -21.35 -8.85
CA ILE A 112 25.17 -20.72 -9.07
C ILE A 112 26.13 -21.53 -9.93
N ASP A 113 26.98 -20.81 -10.64
CA ASP A 113 28.01 -21.42 -11.49
C ASP A 113 29.39 -20.83 -11.16
N LYS A 114 30.30 -21.65 -10.66
CA LYS A 114 31.60 -21.14 -10.21
C LYS A 114 32.62 -21.05 -11.33
N GLU A 115 33.44 -20.01 -11.31
CA GLU A 115 34.57 -19.91 -12.21
C GLU A 115 35.80 -19.51 -11.45
N THR A 116 36.94 -20.10 -11.78
CA THR A 116 38.18 -19.71 -11.14
C THR A 116 38.45 -18.23 -11.31
N MET A 117 39.14 -17.64 -10.35
CA MET A 117 39.57 -16.27 -10.52
C MET A 117 40.98 -16.17 -11.08
N GLY A 118 41.69 -17.30 -11.09
CA GLY A 118 43.00 -17.35 -11.68
C GLY A 118 43.98 -16.52 -10.88
N PHE A 119 43.88 -16.61 -9.56
CA PHE A 119 44.92 -16.08 -8.70
C PHE A 119 46.04 -17.12 -8.52
N THR A 120 47.28 -16.69 -8.66
CA THR A 120 48.40 -17.54 -8.25
C THR A 120 49.34 -16.74 -7.34
N TYR A 121 50.11 -17.43 -6.49
CA TYR A 121 50.79 -16.77 -5.40
C TYR A 121 52.26 -17.15 -5.27
N SER A 122 53.07 -16.21 -4.80
CA SER A 122 54.51 -16.41 -4.75
C SER A 122 55.10 -15.94 -3.43
N GLY A 123 55.83 -16.82 -2.75
CA GLY A 123 56.54 -16.45 -1.53
C GLY A 123 55.64 -16.33 -0.31
N ILE A 124 54.58 -17.15 -0.28
CA ILE A 124 53.66 -17.21 0.84
C ILE A 124 53.01 -18.58 0.92
N ARG A 125 52.43 -18.89 2.08
CA ARG A 125 51.66 -20.11 2.24
C ARG A 125 50.24 -19.92 1.72
N THR A 126 49.67 -20.98 1.16
CA THR A 126 48.36 -20.91 0.55
C THR A 126 47.38 -21.85 1.24
N ASN A 127 47.93 -22.76 2.05
CA ASN A 127 47.26 -23.99 2.43
C ASN A 127 46.93 -24.01 3.91
N GLY A 128 46.65 -22.84 4.47
CA GLY A 128 46.25 -22.75 5.87
C GLY A 128 44.95 -23.47 6.12
N THR A 129 44.84 -24.15 7.26
CA THR A 129 43.63 -24.92 7.60
C THR A 129 43.23 -24.83 9.08
N THR A 130 42.13 -25.51 9.41
CA THR A 130 41.54 -25.43 10.73
C THR A 130 40.85 -26.75 11.04
N SER A 131 40.93 -27.18 12.29
CA SER A 131 40.17 -28.33 12.75
C SER A 131 38.69 -28.00 12.90
N ALA A 132 38.32 -26.78 12.53
CA ALA A 132 36.93 -26.37 12.64
C ALA A 132 36.17 -26.76 11.39
N CYS A 133 36.87 -26.80 10.25
CA CYS A 133 36.30 -27.36 9.02
C CYS A 133 36.85 -28.77 8.77
N ARG A 134 36.18 -29.73 9.39
CA ARG A 134 36.56 -31.14 9.39
C ARG A 134 36.23 -31.83 8.07
N ARG A 135 37.25 -32.44 7.46
CA ARG A 135 37.08 -33.14 6.19
C ARG A 135 38.09 -34.30 6.04
N SER A 136 38.30 -35.06 7.12
CA SER A 136 39.37 -36.07 7.15
C SER A 136 40.66 -35.50 7.70
N GLY A 137 40.55 -34.67 8.75
CA GLY A 137 41.65 -33.81 9.13
C GLY A 137 41.24 -32.37 8.87
N SER A 138 41.99 -31.44 9.44
CA SER A 138 41.69 -30.03 9.26
C SER A 138 41.55 -29.81 7.77
N SER A 139 40.61 -28.95 7.41
CA SER A 139 40.44 -28.57 6.04
C SER A 139 40.27 -27.07 6.05
N PHE A 140 39.53 -26.54 5.08
CA PHE A 140 39.17 -25.13 5.11
C PHE A 140 37.98 -24.92 4.20
N TYR A 141 37.49 -23.69 4.14
CA TYR A 141 36.42 -23.34 3.21
C TYR A 141 36.82 -23.71 1.77
N ALA A 142 36.06 -24.60 1.14
CA ALA A 142 36.40 -25.13 -0.19
C ALA A 142 36.64 -24.11 -1.32
N GLU A 143 36.03 -22.93 -1.22
CA GLU A 143 36.19 -21.93 -2.28
C GLU A 143 37.24 -20.91 -1.93
N MET A 144 37.75 -20.94 -0.71
CA MET A 144 38.66 -19.91 -0.26
C MET A 144 40.10 -20.40 -0.14
N LYS A 145 41.03 -19.47 0.05
CA LYS A 145 42.36 -19.84 0.53
C LYS A 145 42.79 -18.93 1.67
N TRP A 146 43.20 -19.55 2.78
CA TRP A 146 43.89 -18.85 3.88
C TRP A 146 45.29 -18.50 3.44
N LEU A 147 45.56 -17.24 3.15
CA LEU A 147 46.90 -16.82 2.79
C LEU A 147 47.72 -16.51 4.02
N LEU A 148 48.89 -17.14 4.12
CA LEU A 148 49.78 -17.05 5.28
C LEU A 148 51.16 -16.50 4.90
N SER A 149 51.93 -16.13 5.92
CA SER A 149 53.36 -15.96 5.75
C SER A 149 54.05 -17.30 5.58
N ASN A 150 55.27 -17.27 5.06
CA ASN A 150 56.00 -18.48 4.76
C ASN A 150 56.43 -19.24 6.03
N THR A 151 56.95 -18.51 7.01
CA THR A 151 57.31 -19.06 8.33
C THR A 151 56.73 -18.21 9.45
N ASP A 152 56.48 -18.83 10.60
CA ASP A 152 55.99 -18.11 11.76
C ASP A 152 56.81 -16.84 11.99
N ASN A 153 56.15 -15.70 12.04
CA ASN A 153 56.78 -14.42 12.39
C ASN A 153 57.21 -13.58 11.20
N ALA A 154 57.45 -14.25 10.07
CA ALA A 154 57.99 -13.60 8.88
C ALA A 154 57.02 -12.58 8.30
N ALA A 155 57.54 -11.58 7.57
CA ALA A 155 56.73 -10.45 7.12
C ALA A 155 55.99 -10.72 5.81
N PHE A 156 54.66 -10.74 5.89
CA PHE A 156 53.82 -10.94 4.72
C PHE A 156 54.02 -9.79 3.75
N PRO A 157 54.04 -10.06 2.43
CA PRO A 157 54.41 -9.04 1.46
C PRO A 157 53.20 -8.20 1.06
N GLN A 158 53.44 -6.97 0.62
CA GLN A 158 52.36 -6.09 0.20
C GLN A 158 51.87 -6.57 -1.17
N MET A 159 50.73 -7.24 -1.20
CA MET A 159 50.30 -7.95 -2.40
C MET A 159 49.20 -7.23 -3.15
N THR A 160 49.09 -7.49 -4.44
CA THR A 160 47.94 -7.02 -5.22
C THR A 160 47.40 -8.07 -6.19
N LYS A 161 46.25 -8.64 -5.86
CA LYS A 161 45.55 -9.52 -6.78
C LYS A 161 44.41 -8.76 -7.39
N SER A 162 44.34 -8.76 -8.73
CA SER A 162 43.15 -8.23 -9.41
C SER A 162 42.42 -9.22 -10.35
N TYR A 163 41.14 -8.95 -10.59
CA TYR A 163 40.29 -9.86 -11.36
C TYR A 163 39.19 -9.16 -12.13
N LYS A 164 39.17 -9.40 -13.46
CA LYS A 164 38.25 -8.73 -14.37
C LYS A 164 37.12 -9.67 -14.79
N ASN A 165 35.90 -9.30 -14.47
CA ASN A 165 34.74 -10.04 -14.94
C ASN A 165 34.61 -9.91 -16.45
N THR A 166 35.02 -10.95 -17.15
CA THR A 166 34.99 -10.91 -18.61
C THR A 166 33.78 -11.68 -19.13
N ARG A 167 32.85 -12.02 -18.25
CA ARG A 167 31.62 -12.65 -18.71
C ARG A 167 30.53 -11.63 -18.94
N LYS A 168 29.39 -12.06 -19.49
CA LYS A 168 28.36 -11.12 -19.93
C LYS A 168 27.56 -10.60 -18.75
N ASP A 169 27.72 -11.27 -17.60
CA ASP A 169 26.79 -11.17 -16.47
C ASP A 169 27.54 -10.73 -15.22
N PRO A 170 26.82 -10.16 -14.23
CA PRO A 170 27.48 -9.73 -13.01
C PRO A 170 28.06 -10.90 -12.22
N ALA A 171 29.26 -10.71 -11.68
CA ALA A 171 29.93 -11.71 -10.85
C ALA A 171 29.72 -11.38 -9.37
N LEU A 172 29.46 -12.40 -8.56
CA LEU A 172 29.46 -12.25 -7.12
C LEU A 172 30.83 -12.63 -6.52
N ILE A 173 31.45 -11.68 -5.83
CA ILE A 173 32.83 -11.81 -5.36
C ILE A 173 32.87 -11.85 -3.83
N ILE A 174 33.65 -12.75 -3.24
CA ILE A 174 33.71 -12.83 -1.79
C ILE A 174 35.15 -12.84 -1.30
N TRP A 175 35.39 -12.21 -0.16
CA TRP A 175 36.66 -12.36 0.56
C TRP A 175 36.45 -12.44 2.07
N GLY A 176 37.54 -12.63 2.80
CA GLY A 176 37.43 -12.75 4.23
C GLY A 176 38.51 -11.99 4.97
N ILE A 177 38.15 -11.44 6.12
CA ILE A 177 39.12 -10.86 7.02
C ILE A 177 39.25 -11.76 8.25
N HIS A 178 40.49 -12.11 8.57
CA HIS A 178 40.74 -12.97 9.71
C HIS A 178 41.05 -12.13 10.92
N HIS A 179 40.24 -12.27 11.96
CA HIS A 179 40.55 -11.64 13.24
C HIS A 179 41.18 -12.66 14.18
N SER A 180 42.50 -12.57 14.38
CA SER A 180 43.21 -13.54 15.18
C SER A 180 42.81 -13.46 16.65
N GLY A 181 43.19 -14.47 17.44
CA GLY A 181 42.77 -14.56 18.83
C GLY A 181 43.60 -13.72 19.79
N SER A 182 44.72 -13.20 19.29
CA SER A 182 45.61 -12.32 20.06
C SER A 182 46.43 -11.45 19.11
N THR A 183 46.99 -10.36 19.62
CA THR A 183 47.90 -9.55 18.82
C THR A 183 49.11 -10.36 18.33
N THR A 184 49.58 -11.29 19.15
CA THR A 184 50.74 -12.11 18.77
C THR A 184 50.36 -13.30 17.90
N GLU A 185 49.13 -13.78 18.06
CA GLU A 185 48.55 -14.73 17.10
C GLU A 185 48.61 -14.13 15.71
N GLN A 186 48.24 -12.86 15.60
CA GLN A 186 48.35 -12.14 14.36
C GLN A 186 49.81 -12.09 13.88
N THR A 187 50.65 -11.40 14.64
CA THR A 187 52.03 -11.22 14.23
C THR A 187 52.76 -12.54 13.94
N LYS A 188 52.31 -13.63 14.54
CA LYS A 188 52.90 -14.94 14.30
C LYS A 188 52.50 -15.47 12.92
N LEU A 189 51.31 -15.06 12.47
CA LEU A 189 50.75 -15.53 11.18
C LEU A 189 51.17 -14.68 9.99
N TYR A 190 51.17 -13.36 10.15
CA TYR A 190 51.35 -12.47 9.03
C TYR A 190 52.46 -11.47 9.27
N GLY A 191 53.20 -11.65 10.36
CA GLY A 191 54.30 -10.75 10.73
C GLY A 191 53.83 -9.57 11.57
N SER A 192 54.77 -8.90 12.22
CA SER A 192 54.47 -7.71 13.03
C SER A 192 53.97 -6.58 12.15
N GLY A 193 53.43 -5.53 12.76
CA GLY A 193 53.02 -4.34 12.03
C GLY A 193 51.53 -4.20 11.76
N ASN A 194 51.07 -2.96 11.74
CA ASN A 194 49.70 -2.61 11.41
C ASN A 194 49.27 -3.14 10.03
N LYS A 195 48.22 -3.97 10.02
CA LYS A 195 47.76 -4.62 8.78
C LYS A 195 46.60 -3.85 8.17
N LEU A 196 46.42 -3.99 6.86
CA LEU A 196 45.29 -3.36 6.19
C LEU A 196 44.91 -4.16 4.97
N ILE A 197 43.65 -4.05 4.56
CA ILE A 197 43.15 -4.73 3.38
C ILE A 197 42.20 -3.77 2.69
N THR A 198 42.45 -3.49 1.41
CA THR A 198 41.51 -2.66 0.65
C THR A 198 40.97 -3.38 -0.56
N VAL A 199 39.73 -3.05 -0.93
CA VAL A 199 39.08 -3.71 -2.06
C VAL A 199 38.34 -2.63 -2.84
N GLY A 200 38.70 -2.50 -4.11
CA GLY A 200 38.09 -1.49 -4.98
C GLY A 200 37.57 -2.07 -6.29
N SER A 201 36.53 -1.44 -6.83
CA SER A 201 36.21 -1.52 -8.24
C SER A 201 35.80 -0.13 -8.75
N SER A 202 34.75 -0.07 -9.56
CA SER A 202 34.23 1.20 -10.06
C SER A 202 33.00 1.63 -9.26
N ASN A 203 32.44 0.73 -8.50
CA ASN A 203 31.31 1.07 -7.63
C ASN A 203 31.58 0.66 -6.22
N TYR A 204 32.84 0.37 -5.92
CA TYR A 204 33.18 -0.18 -4.64
C TYR A 204 34.53 0.34 -4.17
N GLN A 205 34.52 0.93 -2.99
CA GLN A 205 35.72 1.37 -2.33
C GLN A 205 35.54 1.08 -0.84
N GLN A 206 36.44 0.29 -0.25
CA GLN A 206 36.36 0.06 1.18
C GLN A 206 37.61 -0.59 1.73
N SER A 207 37.96 -0.27 2.96
CA SER A 207 39.13 -0.88 3.56
C SER A 207 38.79 -1.59 4.87
N PHE A 208 39.65 -2.51 5.29
CA PHE A 208 39.40 -3.33 6.46
C PHE A 208 40.67 -3.48 7.29
N VAL A 209 40.55 -3.25 8.60
CA VAL A 209 41.58 -3.60 9.57
C VAL A 209 41.12 -4.76 10.43
N PRO A 210 41.96 -5.81 10.54
CA PRO A 210 41.70 -6.88 11.49
C PRO A 210 41.65 -6.36 12.94
N SER A 211 40.87 -7.03 13.78
CA SER A 211 40.79 -6.71 15.21
C SER A 211 41.24 -7.92 16.02
N PRO A 212 42.55 -8.17 16.06
CA PRO A 212 43.02 -9.31 16.82
C PRO A 212 42.78 -9.06 18.30
N GLY A 213 42.56 -10.12 19.07
CA GLY A 213 42.31 -9.97 20.51
C GLY A 213 41.45 -11.07 21.11
N ALA A 214 41.34 -11.07 22.43
CA ALA A 214 40.73 -12.18 23.16
C ALA A 214 39.22 -12.28 22.93
N ARG A 215 38.79 -13.45 22.45
CA ARG A 215 37.38 -13.83 22.36
C ARG A 215 37.19 -15.20 23.02
N PRO A 216 35.94 -15.52 23.43
CA PRO A 216 35.61 -16.92 23.74
C PRO A 216 35.86 -17.83 22.54
N GLN A 217 36.11 -19.11 22.81
CA GLN A 217 36.23 -20.09 21.75
C GLN A 217 34.85 -20.53 21.27
N VAL A 218 34.67 -20.51 19.95
CA VAL A 218 33.54 -21.21 19.33
C VAL A 218 34.08 -22.26 18.38
N ASN A 219 33.52 -23.47 18.44
CA ASN A 219 34.17 -24.61 17.81
C ASN A 219 35.65 -24.66 18.14
N GLY A 220 36.00 -24.30 19.37
CA GLY A 220 37.39 -24.33 19.84
C GLY A 220 38.37 -23.39 19.13
N GLN A 221 37.86 -22.28 18.60
CA GLN A 221 38.73 -21.25 18.02
C GLN A 221 38.36 -19.86 18.52
N SER A 222 39.35 -19.07 18.89
CA SER A 222 39.10 -17.71 19.39
C SER A 222 39.14 -16.70 18.24
N GLY A 223 39.75 -17.10 17.13
CA GLY A 223 39.77 -16.27 15.94
C GLY A 223 38.40 -16.11 15.33
N ARG A 224 38.26 -15.14 14.44
CA ARG A 224 37.06 -15.00 13.65
C ARG A 224 37.40 -14.68 12.20
N ILE A 225 36.65 -15.29 11.29
CA ILE A 225 36.72 -14.96 9.87
C ILE A 225 35.37 -14.38 9.46
N ASP A 226 35.40 -13.19 8.88
CA ASP A 226 34.17 -12.48 8.51
C ASP A 226 34.17 -12.18 7.01
N PHE A 227 33.05 -12.49 6.36
CA PHE A 227 33.02 -12.49 4.91
C PHE A 227 32.38 -11.23 4.41
N HIS A 228 32.98 -10.67 3.36
CA HIS A 228 32.46 -9.47 2.75
C HIS A 228 32.24 -9.77 1.28
N TRP A 229 31.39 -9.00 0.62
CA TRP A 229 30.98 -9.37 -0.74
C TRP A 229 30.64 -8.18 -1.62
N LEU A 230 30.56 -8.42 -2.93
CA LEU A 230 30.20 -7.37 -3.88
C LEU A 230 29.83 -7.94 -5.25
N ILE A 231 28.92 -7.26 -5.95
CA ILE A 231 28.58 -7.62 -7.33
C ILE A 231 29.52 -6.90 -8.28
N LEU A 232 30.31 -7.67 -9.04
CA LEU A 232 31.25 -7.11 -10.04
C LEU A 232 30.57 -7.05 -11.40
N ASN A 233 30.60 -5.89 -12.03
CA ASN A 233 29.86 -5.71 -13.26
C ASN A 233 30.64 -6.20 -14.46
N PRO A 234 29.92 -6.71 -15.48
CA PRO A 234 30.54 -7.07 -16.74
C PRO A 234 31.64 -6.09 -17.06
N ASN A 235 32.88 -6.58 -17.12
CA ASN A 235 33.92 -5.81 -17.74
C ASN A 235 34.67 -4.95 -16.72
N ASP A 236 34.09 -4.83 -15.52
CA ASP A 236 34.77 -4.15 -14.43
C ASP A 236 35.75 -5.11 -13.74
N THR A 237 36.59 -4.57 -12.85
CA THR A 237 37.73 -5.29 -12.32
C THR A 237 37.78 -5.07 -10.80
N VAL A 238 37.85 -6.15 -10.03
CA VAL A 238 38.24 -6.03 -8.61
C VAL A 238 39.75 -6.07 -8.42
N THR A 239 40.23 -5.14 -7.61
CA THR A 239 41.58 -5.25 -7.04
C THR A 239 41.53 -5.51 -5.53
N PHE A 240 42.32 -6.49 -5.07
CA PHE A 240 42.60 -6.69 -3.66
C PHE A 240 44.04 -6.30 -3.38
N SER A 241 44.27 -5.37 -2.46
CA SER A 241 45.63 -5.17 -1.91
C SER A 241 45.69 -5.39 -0.40
N PHE A 242 46.76 -6.02 0.06
CA PHE A 242 46.78 -6.54 1.41
C PHE A 242 48.16 -6.97 1.83
N ASN A 243 48.33 -7.16 3.14
CA ASN A 243 49.60 -7.56 3.72
C ASN A 243 49.31 -8.45 4.91
N GLY A 244 48.20 -9.19 4.83
CA GLY A 244 47.90 -10.26 5.78
C GLY A 244 46.45 -10.30 6.21
N ALA A 245 46.14 -11.22 7.11
CA ALA A 245 44.78 -11.39 7.64
C ALA A 245 43.73 -11.45 6.53
N PHE A 246 44.10 -12.03 5.40
CA PHE A 246 43.26 -12.05 4.19
C PHE A 246 42.89 -13.48 3.73
N ILE A 247 41.60 -13.75 3.63
CA ILE A 247 41.11 -15.03 3.16
C ILE A 247 40.65 -14.88 1.71
N ALA A 248 41.49 -15.29 0.78
CA ALA A 248 41.26 -14.97 -0.63
C ALA A 248 40.28 -15.92 -1.32
N PRO A 249 39.40 -15.36 -2.16
CA PRO A 249 38.55 -16.16 -3.00
C PRO A 249 39.38 -16.92 -4.03
N ASP A 250 39.07 -18.21 -4.25
CA ASP A 250 39.61 -18.92 -5.40
C ASP A 250 38.69 -18.86 -6.63
N ARG A 251 37.39 -18.89 -6.39
CA ARG A 251 36.42 -18.87 -7.46
C ARG A 251 35.43 -17.73 -7.28
N ALA A 252 34.96 -17.19 -8.40
CA ALA A 252 33.89 -16.22 -8.38
C ALA A 252 32.60 -16.97 -8.68
N SER A 253 31.46 -16.38 -8.33
CA SER A 253 30.16 -17.02 -8.55
C SER A 253 29.29 -16.26 -9.55
N PHE A 254 28.79 -16.95 -10.57
CA PHE A 254 27.83 -16.33 -11.46
C PHE A 254 26.45 -16.94 -11.27
N LEU A 255 25.41 -16.11 -11.21
CA LEU A 255 24.04 -16.59 -11.01
C LEU A 255 23.48 -17.08 -12.32
N ARG A 256 22.64 -18.11 -12.27
CA ARG A 256 22.33 -18.87 -13.48
C ARG A 256 21.13 -18.35 -14.25
N GLY A 257 20.22 -17.68 -13.55
CA GLY A 257 18.90 -17.46 -14.12
C GLY A 257 17.95 -16.91 -13.08
N LYS A 258 16.89 -17.65 -12.83
CA LYS A 258 15.82 -17.19 -11.97
C LYS A 258 15.36 -18.33 -11.10
N SER A 259 15.04 -18.01 -9.86
CA SER A 259 14.48 -18.97 -8.93
C SER A 259 13.73 -18.23 -7.85
N MET A 260 12.94 -18.95 -7.05
CA MET A 260 12.40 -18.43 -5.83
C MET A 260 13.00 -19.19 -4.67
N GLY A 261 13.12 -18.52 -3.54
CA GLY A 261 13.57 -19.17 -2.31
C GLY A 261 12.51 -19.14 -1.24
N ILE A 262 12.44 -20.17 -0.41
CA ILE A 262 11.48 -20.18 0.68
C ILE A 262 12.13 -20.81 1.89
N GLN A 263 11.59 -20.52 3.06
CA GLN A 263 11.99 -21.23 4.26
C GLN A 263 10.88 -22.12 4.76
N SER A 264 11.20 -23.38 5.04
CA SER A 264 10.17 -24.35 5.32
C SER A 264 10.52 -25.35 6.39
N GLU A 265 9.47 -25.94 6.95
CA GLU A 265 9.59 -26.90 8.02
C GLU A 265 8.89 -28.21 7.62
N VAL A 266 8.46 -28.29 6.37
CA VAL A 266 7.75 -29.47 5.90
C VAL A 266 8.44 -30.25 4.76
N GLN A 267 8.02 -31.50 4.57
CA GLN A 267 8.58 -32.36 3.52
C GLN A 267 8.27 -31.84 2.13
N VAL A 268 9.12 -32.21 1.18
CA VAL A 268 8.85 -31.96 -0.22
C VAL A 268 7.90 -33.00 -0.81
N ASP A 269 7.09 -32.57 -1.78
CA ASP A 269 6.16 -33.47 -2.45
C ASP A 269 6.15 -33.13 -3.92
N ALA A 270 6.73 -34.01 -4.72
CA ALA A 270 6.89 -33.78 -6.16
C ALA A 270 5.62 -34.20 -6.89
N ASN A 271 4.56 -34.43 -6.13
CA ASN A 271 3.35 -34.91 -6.73
C ASN A 271 2.20 -33.89 -6.78
N CYS A 272 2.20 -32.91 -5.86
CA CYS A 272 1.26 -31.78 -5.93
C CYS A 272 1.98 -30.54 -6.44
N GLU A 273 1.21 -29.52 -6.77
CA GLU A 273 1.65 -28.45 -7.67
C GLU A 273 1.05 -27.13 -7.19
N GLY A 274 1.92 -26.19 -6.84
CA GLY A 274 1.45 -24.90 -6.34
C GLY A 274 2.52 -23.85 -6.52
N ASP A 275 2.12 -22.59 -6.44
CA ASP A 275 3.09 -21.51 -6.56
C ASP A 275 3.11 -20.61 -5.34
N CYS A 276 2.45 -21.03 -4.27
CA CYS A 276 2.28 -20.17 -3.09
C CYS A 276 2.65 -20.93 -1.83
N TYR A 277 3.68 -20.45 -1.14
CA TYR A 277 4.47 -21.28 -0.22
C TYR A 277 4.62 -20.47 1.04
N HIS A 278 4.79 -21.18 2.16
CA HIS A 278 5.05 -20.56 3.45
C HIS A 278 5.62 -21.66 4.35
N SER A 279 6.11 -21.30 5.53
CA SER A 279 7.01 -22.21 6.23
C SER A 279 6.35 -23.55 6.58
N GLY A 280 5.02 -23.59 6.49
CA GLY A 280 4.28 -24.77 6.89
C GLY A 280 3.47 -25.30 5.74
N GLY A 281 3.83 -24.90 4.53
CA GLY A 281 3.45 -25.65 3.34
C GLY A 281 3.01 -24.81 2.15
N THR A 282 2.13 -25.39 1.34
CA THR A 282 1.74 -24.80 0.07
C THR A 282 0.27 -24.43 0.21
N ILE A 283 -0.11 -23.26 -0.28
CA ILE A 283 -1.50 -22.90 -0.48
C ILE A 283 -1.98 -23.14 -1.91
N ILE A 284 -2.73 -24.22 -2.10
CA ILE A 284 -3.30 -24.54 -3.41
C ILE A 284 -4.75 -24.07 -3.54
N SER A 285 -5.00 -23.16 -4.47
CA SER A 285 -6.31 -22.53 -4.55
C SER A 285 -6.43 -21.64 -5.76
N ASN A 286 -7.65 -21.49 -6.24
CA ASN A 286 -7.96 -20.44 -7.20
C ASN A 286 -8.55 -19.17 -6.58
N LEU A 287 -8.85 -19.20 -5.29
CA LEU A 287 -9.71 -18.17 -4.70
C LEU A 287 -8.94 -16.87 -4.59
N PRO A 288 -9.63 -15.72 -4.67
CA PRO A 288 -8.82 -14.50 -4.74
C PRO A 288 -8.07 -14.19 -3.45
N PHE A 289 -8.59 -14.58 -2.29
CA PHE A 289 -7.94 -14.26 -1.01
C PHE A 289 -7.72 -15.48 -0.11
N GLN A 290 -6.99 -15.30 0.98
CA GLN A 290 -6.55 -16.44 1.80
C GLN A 290 -6.25 -15.94 3.19
N ASN A 291 -6.50 -16.80 4.18
CA ASN A 291 -6.43 -16.42 5.58
C ASN A 291 -5.52 -17.39 6.31
N ILE A 292 -4.56 -17.94 5.57
CA ILE A 292 -3.69 -18.94 6.13
C ILE A 292 -2.40 -18.36 6.71
N ASN A 293 -1.70 -17.57 5.92
CA ASN A 293 -0.41 -17.01 6.36
C ASN A 293 -0.09 -15.70 5.65
N SER A 294 0.08 -14.65 6.43
CA SER A 294 0.27 -13.34 5.83
C SER A 294 1.66 -13.20 5.19
N ARG A 295 2.58 -14.12 5.50
CA ARG A 295 3.90 -14.10 4.90
C ARG A 295 4.16 -15.12 3.77
N ALA A 296 3.10 -15.68 3.20
CA ALA A 296 3.24 -16.56 2.05
C ALA A 296 3.99 -15.79 0.96
N VAL A 297 4.70 -16.50 0.10
CA VAL A 297 5.47 -15.89 -0.97
C VAL A 297 5.26 -16.72 -2.19
N GLY A 298 5.52 -16.15 -3.36
CA GLY A 298 5.18 -16.80 -4.62
C GLY A 298 4.09 -16.05 -5.36
N LYS A 299 3.26 -16.76 -6.12
CA LYS A 299 2.05 -16.19 -6.70
C LYS A 299 0.86 -16.69 -5.88
N CYS A 300 0.30 -15.78 -5.08
CA CYS A 300 -0.61 -16.14 -4.00
C CYS A 300 -1.98 -15.44 -4.13
N PRO A 301 -3.04 -16.05 -3.57
CA PRO A 301 -4.16 -15.18 -3.21
C PRO A 301 -3.75 -14.09 -2.20
N ARG A 302 -4.43 -12.96 -2.24
CA ARG A 302 -4.15 -11.82 -1.36
C ARG A 302 -4.57 -12.19 0.08
N TYR A 303 -3.70 -11.91 1.05
CA TYR A 303 -3.97 -12.31 2.42
C TYR A 303 -4.99 -11.37 3.03
N VAL A 304 -5.99 -11.91 3.76
CA VAL A 304 -7.00 -11.04 4.38
C VAL A 304 -7.26 -11.45 5.85
N LYS A 305 -7.77 -10.51 6.64
CA LYS A 305 -8.10 -10.69 8.06
C LYS A 305 -9.26 -11.69 8.24
N GLN A 306 -10.26 -11.59 7.36
CA GLN A 306 -11.49 -12.35 7.51
C GLN A 306 -11.26 -13.83 7.30
N GLU A 307 -12.01 -14.65 8.03
CA GLU A 307 -11.92 -16.09 7.88
C GLU A 307 -12.79 -16.60 6.77
N SER A 308 -13.89 -15.89 6.50
CA SER A 308 -14.79 -16.31 5.44
C SER A 308 -15.48 -15.11 4.78
N LEU A 309 -15.65 -15.15 3.47
CA LEU A 309 -16.43 -14.12 2.77
C LEU A 309 -17.25 -14.76 1.64
N LEU A 310 -18.53 -15.04 1.90
CA LEU A 310 -19.33 -15.77 0.93
C LEU A 310 -19.87 -14.88 -0.20
N LEU A 311 -19.76 -15.38 -1.41
CA LEU A 311 -20.25 -14.70 -2.60
C LEU A 311 -21.55 -15.37 -3.08
N ALA A 312 -22.61 -14.60 -3.22
CA ALA A 312 -23.89 -15.18 -3.61
C ALA A 312 -23.78 -15.72 -5.02
N THR A 313 -24.22 -16.96 -5.23
CA THR A 313 -24.32 -17.52 -6.59
C THR A 313 -25.74 -17.88 -6.98
N GLY A 314 -26.71 -17.33 -6.27
CA GLY A 314 -28.13 -17.56 -6.59
C GLY A 314 -28.96 -16.38 -6.15
N MET A 315 -30.29 -16.53 -6.22
CA MET A 315 -31.21 -15.43 -5.94
C MET A 315 -31.56 -15.35 -4.46
N LYS A 316 -32.21 -14.24 -4.05
CA LYS A 316 -32.86 -14.16 -2.75
C LYS A 316 -33.59 -15.47 -2.52
N ASN A 317 -33.41 -16.09 -1.37
CA ASN A 317 -34.13 -17.32 -1.07
C ASN A 317 -35.37 -17.08 -0.24
N VAL A 318 -36.50 -17.59 -0.72
CA VAL A 318 -37.81 -17.32 -0.08
C VAL A 318 -38.64 -18.58 0.08
N PRO A 319 -38.69 -19.13 1.31
CA PRO A 319 -39.40 -20.37 1.58
C PRO A 319 -40.90 -20.17 1.89
N GLU A 320 -41.62 -21.27 2.06
CA GLU A 320 -43.07 -21.29 1.88
C GLU A 320 -43.83 -20.37 2.85
N GLY B 1 -34.80 -7.19 -4.12
CA GLY B 1 -35.64 -6.16 -3.47
C GLY B 1 -35.77 -4.87 -4.29
N LEU B 2 -34.89 -4.69 -5.28
CA LEU B 2 -34.82 -3.45 -6.06
C LEU B 2 -35.89 -3.36 -7.14
N PHE B 3 -36.31 -4.49 -7.68
CA PHE B 3 -37.32 -4.51 -8.73
C PHE B 3 -38.68 -4.97 -8.20
N GLY B 4 -38.69 -5.46 -6.97
CA GLY B 4 -39.94 -5.65 -6.23
C GLY B 4 -40.72 -6.87 -6.68
N ALA B 5 -40.03 -7.82 -7.30
CA ALA B 5 -40.66 -9.08 -7.67
C ALA B 5 -40.42 -10.14 -6.60
N ILE B 6 -39.17 -10.60 -6.51
CA ILE B 6 -38.80 -11.63 -5.54
C ILE B 6 -38.88 -11.08 -4.11
N ALA B 7 -39.64 -11.76 -3.27
CA ALA B 7 -39.99 -11.23 -1.95
C ALA B 7 -40.74 -9.92 -2.06
N GLY B 8 -41.28 -9.63 -3.24
CA GLY B 8 -42.06 -8.41 -3.47
C GLY B 8 -43.55 -8.69 -3.62
N PHE B 9 -44.02 -8.66 -4.87
CA PHE B 9 -45.44 -8.93 -5.14
C PHE B 9 -45.70 -10.41 -5.43
N ILE B 10 -44.72 -11.12 -5.97
CA ILE B 10 -44.69 -12.57 -5.80
C ILE B 10 -44.46 -12.88 -4.32
N GLU B 11 -45.25 -13.82 -3.80
CA GLU B 11 -45.29 -14.06 -2.35
C GLU B 11 -44.06 -14.85 -1.89
N ASN B 12 -43.75 -15.90 -2.64
CA ASN B 12 -42.58 -16.71 -2.37
C ASN B 12 -42.22 -17.63 -3.53
N GLY B 13 -41.26 -18.51 -3.27
CA GLY B 13 -40.72 -19.35 -4.31
C GLY B 13 -41.18 -20.78 -4.22
N TRP B 14 -40.87 -21.55 -5.25
CA TRP B 14 -41.42 -22.88 -5.40
C TRP B 14 -40.36 -23.94 -5.18
N GLU B 15 -40.36 -24.54 -4.00
CA GLU B 15 -39.39 -25.58 -3.66
C GLU B 15 -39.48 -26.79 -4.58
N GLY B 16 -40.64 -26.97 -5.20
CA GLY B 16 -40.87 -28.08 -6.11
C GLY B 16 -40.58 -27.74 -7.56
N LEU B 17 -39.86 -26.65 -7.79
CA LEU B 17 -39.35 -26.34 -9.12
C LEU B 17 -37.88 -26.65 -9.21
N ILE B 18 -37.56 -27.91 -9.52
CA ILE B 18 -36.18 -28.39 -9.48
C ILE B 18 -35.38 -28.05 -10.74
N ASP B 19 -36.08 -27.80 -11.85
CA ASP B 19 -35.44 -27.80 -13.16
C ASP B 19 -35.14 -26.42 -13.75
N GLY B 20 -35.19 -25.40 -12.90
CA GLY B 20 -34.89 -24.04 -13.33
C GLY B 20 -35.02 -23.01 -12.24
N TRP B 21 -34.78 -21.74 -12.58
CA TRP B 21 -34.84 -20.66 -11.62
C TRP B 21 -36.18 -19.98 -11.72
N TYR B 22 -36.60 -19.71 -12.95
CA TYR B 22 -37.87 -19.07 -13.23
C TYR B 22 -38.78 -20.00 -14.02
N GLY B 23 -40.08 -19.94 -13.77
CA GLY B 23 -40.99 -20.88 -14.40
C GLY B 23 -42.45 -20.47 -14.38
N PHE B 24 -43.27 -21.28 -15.06
CA PHE B 24 -44.72 -21.11 -15.10
C PHE B 24 -45.44 -22.23 -14.36
N ARG B 25 -46.42 -21.85 -13.55
CA ARG B 25 -47.37 -22.79 -12.97
C ARG B 25 -48.79 -22.35 -13.33
N HIS B 26 -49.54 -23.25 -13.97
CA HIS B 26 -50.85 -22.89 -14.50
C HIS B 26 -51.99 -23.72 -13.93
N GLN B 27 -53.20 -23.20 -14.06
CA GLN B 27 -54.42 -23.94 -13.76
C GLN B 27 -55.47 -23.68 -14.85
N ASN B 28 -56.03 -24.76 -15.38
CA ASN B 28 -57.06 -24.64 -16.40
C ASN B 28 -58.01 -25.82 -16.38
N ALA B 29 -58.76 -26.00 -17.47
CA ALA B 29 -59.81 -27.00 -17.53
C ALA B 29 -59.27 -28.43 -17.38
N GLN B 30 -58.14 -28.71 -18.03
CA GLN B 30 -57.62 -30.08 -18.11
C GLN B 30 -56.87 -30.51 -16.86
N GLY B 31 -56.25 -29.55 -16.18
CA GLY B 31 -55.46 -29.84 -14.99
C GLY B 31 -54.41 -28.79 -14.70
N GLU B 32 -53.54 -29.10 -13.74
CA GLU B 32 -52.55 -28.15 -13.24
C GLU B 32 -51.13 -28.58 -13.64
N GLY B 33 -50.27 -27.61 -13.92
CA GLY B 33 -48.93 -27.91 -14.44
C GLY B 33 -47.82 -27.00 -13.97
N THR B 34 -46.58 -27.51 -14.00
CA THR B 34 -45.39 -26.75 -13.58
C THR B 34 -44.23 -27.04 -14.53
N ALA B 35 -43.75 -26.02 -15.23
CA ALA B 35 -42.66 -26.20 -16.18
C ALA B 35 -41.81 -24.94 -16.33
N ALA B 36 -40.48 -25.10 -16.22
CA ALA B 36 -39.58 -23.95 -16.05
C ALA B 36 -39.31 -23.21 -17.36
N ASP B 37 -38.92 -21.94 -17.26
CA ASP B 37 -38.47 -21.17 -18.42
C ASP B 37 -36.95 -21.19 -18.59
N TYR B 38 -36.50 -21.71 -19.73
CA TYR B 38 -35.08 -21.92 -19.97
C TYR B 38 -34.30 -20.62 -20.22
N LYS B 39 -34.82 -19.76 -21.10
CA LYS B 39 -34.07 -18.60 -21.58
C LYS B 39 -33.79 -17.54 -20.50
N SER B 40 -34.71 -17.38 -19.55
CA SER B 40 -34.50 -16.44 -18.45
C SER B 40 -33.59 -17.02 -17.37
N THR B 41 -33.66 -18.33 -17.17
CA THR B 41 -32.78 -19.04 -16.24
C THR B 41 -31.34 -18.99 -16.74
N GLN B 42 -31.14 -19.45 -17.96
CA GLN B 42 -29.86 -19.36 -18.65
C GLN B 42 -29.29 -17.94 -18.59
N SER B 43 -30.18 -16.95 -18.66
CA SER B 43 -29.72 -15.58 -18.72
C SER B 43 -29.08 -15.18 -17.39
N ALA B 44 -29.74 -15.52 -16.30
CA ALA B 44 -29.21 -15.25 -14.98
C ALA B 44 -27.94 -16.06 -14.71
N ILE B 45 -28.06 -17.38 -14.71
CA ILE B 45 -26.89 -18.24 -14.64
C ILE B 45 -25.68 -17.68 -15.43
N ASP B 46 -25.93 -17.19 -16.64
CA ASP B 46 -24.83 -16.74 -17.50
C ASP B 46 -24.13 -15.51 -16.93
N GLN B 47 -24.91 -14.64 -16.30
CA GLN B 47 -24.36 -13.49 -15.62
C GLN B 47 -23.60 -13.87 -14.33
N ILE B 48 -24.13 -14.81 -13.56
CA ILE B 48 -23.46 -15.23 -12.34
C ILE B 48 -22.13 -15.93 -12.61
N THR B 49 -22.09 -16.69 -13.70
CA THR B 49 -20.88 -17.37 -14.14
C THR B 49 -19.85 -16.35 -14.63
N GLY B 50 -20.35 -15.30 -15.27
CA GLY B 50 -19.55 -14.15 -15.69
C GLY B 50 -18.85 -13.50 -14.54
N LYS B 51 -19.57 -13.25 -13.45
CA LYS B 51 -18.97 -12.81 -12.19
C LYS B 51 -17.85 -13.72 -11.71
N LEU B 52 -18.19 -14.99 -11.47
CA LEU B 52 -17.24 -15.98 -10.97
C LEU B 52 -15.94 -16.03 -11.75
N ASN B 53 -16.04 -15.96 -13.07
CA ASN B 53 -14.86 -16.06 -13.92
C ASN B 53 -13.95 -14.87 -13.70
N ARG B 54 -14.54 -13.75 -13.32
CA ARG B 54 -13.78 -12.53 -13.11
C ARG B 54 -13.09 -12.56 -11.74
N LEU B 55 -13.72 -13.20 -10.76
CA LEU B 55 -13.27 -13.16 -9.36
C LEU B 55 -12.44 -14.35 -8.92
N ILE B 56 -12.78 -15.54 -9.40
CA ILE B 56 -11.97 -16.71 -9.14
C ILE B 56 -10.73 -16.60 -10.02
N GLU B 57 -10.09 -15.43 -9.94
CA GLU B 57 -8.97 -15.10 -10.83
C GLU B 57 -7.64 -15.36 -10.13
N LYS B 58 -6.66 -15.76 -10.94
CA LYS B 58 -5.28 -15.93 -10.50
C LYS B 58 -4.43 -14.69 -10.82
N THR B 59 -3.83 -14.10 -9.78
CA THR B 59 -2.78 -13.08 -9.95
C THR B 59 -1.48 -13.70 -10.39
N ASN B 60 -0.99 -13.30 -11.56
CA ASN B 60 0.29 -13.81 -12.04
C ASN B 60 1.50 -13.16 -11.37
N GLN B 61 1.31 -12.54 -10.20
CA GLN B 61 2.37 -11.68 -9.66
C GLN B 61 3.20 -12.32 -8.57
N GLN B 62 4.50 -12.40 -8.81
CA GLN B 62 5.34 -13.11 -7.89
C GLN B 62 5.87 -12.16 -6.84
N PHE B 63 5.77 -12.55 -5.57
CA PHE B 63 6.47 -11.86 -4.50
C PHE B 63 7.52 -12.74 -3.83
N GLU B 64 8.54 -12.11 -3.25
CA GLU B 64 9.63 -12.82 -2.58
C GLU B 64 9.70 -12.45 -1.10
N LEU B 65 10.38 -13.27 -0.30
CA LEU B 65 10.68 -12.92 1.07
C LEU B 65 11.41 -11.60 1.07
N ILE B 66 11.03 -10.63 1.91
CA ILE B 66 12.02 -9.57 2.31
C ILE B 66 12.42 -9.74 3.77
N ASP B 67 12.22 -10.95 4.25
CA ASP B 67 11.96 -11.18 5.64
C ASP B 67 12.69 -12.46 5.94
N ASN B 68 12.82 -12.77 7.22
CA ASN B 68 13.55 -13.95 7.59
C ASN B 68 13.04 -14.55 8.88
N GLU B 69 12.50 -15.75 8.76
CA GLU B 69 11.83 -16.44 9.85
C GLU B 69 12.81 -17.17 10.78
N PHE B 70 14.04 -17.37 10.34
CA PHE B 70 14.97 -18.23 11.06
C PHE B 70 15.99 -17.42 11.83
N THR B 71 16.72 -16.52 11.17
CA THR B 71 17.33 -15.36 11.87
C THR B 71 16.67 -14.05 11.51
N GLU B 72 16.24 -13.34 12.54
CA GLU B 72 15.45 -12.12 12.39
C GLU B 72 16.27 -10.98 11.75
N VAL B 73 15.70 -10.25 10.79
CA VAL B 73 16.40 -9.10 10.23
C VAL B 73 16.58 -8.00 11.28
N GLU B 74 17.52 -7.07 11.06
CA GLU B 74 17.76 -5.97 12.00
C GLU B 74 16.41 -5.36 12.31
N ARG B 75 16.22 -4.96 13.56
CA ARG B 75 14.90 -4.63 14.03
C ARG B 75 14.27 -3.45 13.29
N GLN B 76 15.07 -2.42 12.99
CA GLN B 76 14.48 -1.19 12.44
C GLN B 76 13.79 -1.45 11.11
N ILE B 77 14.50 -2.11 10.19
CA ILE B 77 13.93 -2.42 8.89
C ILE B 77 12.88 -3.51 9.05
N GLY B 78 13.08 -4.36 10.06
CA GLY B 78 12.07 -5.33 10.42
C GLY B 78 10.72 -4.66 10.63
N ASN B 79 10.73 -3.59 11.43
CA ASN B 79 9.50 -2.89 11.80
C ASN B 79 8.88 -2.10 10.64
N VAL B 80 9.73 -1.56 9.76
CA VAL B 80 9.16 -0.98 8.54
C VAL B 80 8.46 -2.03 7.68
N ILE B 81 9.06 -3.22 7.55
CA ILE B 81 8.47 -4.24 6.66
C ILE B 81 7.11 -4.63 7.23
N ASN B 82 7.04 -4.76 8.55
CA ASN B 82 5.80 -5.19 9.19
C ASN B 82 4.70 -4.14 9.06
N TRP B 83 5.08 -2.90 9.31
CA TRP B 83 4.13 -1.82 9.18
C TRP B 83 3.55 -1.73 7.76
N THR B 84 4.37 -2.01 6.75
CA THR B 84 3.89 -2.03 5.36
C THR B 84 2.95 -3.22 5.11
N ARG B 85 3.43 -4.41 5.48
CA ARG B 85 2.63 -5.63 5.35
C ARG B 85 1.25 -5.44 6.01
N ASP B 86 1.26 -4.98 7.27
CA ASP B 86 0.01 -4.67 7.98
C ASP B 86 -0.81 -3.61 7.26
N SER B 87 -0.13 -2.62 6.70
CA SER B 87 -0.81 -1.67 5.84
C SER B 87 -1.54 -2.27 4.64
N MET B 88 -0.89 -3.24 3.97
CA MET B 88 -1.53 -3.91 2.82
C MET B 88 -2.65 -4.83 3.28
N THR B 89 -2.48 -5.46 4.43
CA THR B 89 -3.53 -6.30 4.95
C THR B 89 -4.83 -5.55 5.21
N GLU B 90 -4.70 -4.34 5.75
CA GLU B 90 -5.83 -3.41 5.90
C GLU B 90 -6.49 -3.10 4.58
N VAL B 91 -5.71 -2.75 3.56
CA VAL B 91 -6.28 -2.48 2.24
C VAL B 91 -7.04 -3.69 1.65
N TRP B 92 -6.38 -4.85 1.63
CA TRP B 92 -6.95 -6.00 0.95
C TRP B 92 -8.20 -6.51 1.67
N SER B 93 -8.19 -6.46 3.01
CA SER B 93 -9.36 -6.89 3.79
C SER B 93 -10.53 -5.96 3.49
N TYR B 94 -10.26 -4.65 3.41
CA TYR B 94 -11.28 -3.68 3.07
C TYR B 94 -11.79 -3.95 1.65
N ASN B 95 -10.85 -4.12 0.72
CA ASN B 95 -11.25 -4.39 -0.64
C ASN B 95 -12.11 -5.63 -0.71
N ALA B 96 -11.65 -6.73 -0.11
CA ALA B 96 -12.33 -8.01 -0.23
C ALA B 96 -13.77 -7.92 0.25
N GLU B 97 -13.95 -7.31 1.43
CA GLU B 97 -15.26 -7.26 2.04
C GLU B 97 -16.18 -6.32 1.25
N LEU B 98 -15.60 -5.27 0.66
CA LEU B 98 -16.38 -4.38 -0.18
C LEU B 98 -16.82 -5.05 -1.45
N LEU B 99 -15.89 -5.73 -2.13
CA LEU B 99 -16.18 -6.30 -3.44
C LEU B 99 -17.33 -7.30 -3.24
N VAL B 100 -17.33 -7.96 -2.09
CA VAL B 100 -18.20 -9.09 -1.92
C VAL B 100 -19.60 -8.60 -1.61
N ALA B 101 -19.66 -7.53 -0.82
CA ALA B 101 -20.93 -6.93 -0.44
C ALA B 101 -21.61 -6.37 -1.68
N MET B 102 -20.79 -5.71 -2.51
CA MET B 102 -21.29 -5.03 -3.68
C MET B 102 -21.73 -6.04 -4.73
N GLU B 103 -20.92 -7.05 -4.96
CA GLU B 103 -21.28 -8.10 -5.91
C GLU B 103 -22.61 -8.73 -5.54
N ASN B 104 -22.76 -9.09 -4.27
CA ASN B 104 -23.99 -9.71 -3.78
C ASN B 104 -25.24 -8.86 -3.96
N GLN B 105 -25.14 -7.61 -3.51
CA GLN B 105 -26.17 -6.62 -3.79
C GLN B 105 -26.54 -6.67 -5.25
N HIS B 106 -25.55 -6.80 -6.12
CA HIS B 106 -25.82 -6.74 -7.53
C HIS B 106 -26.41 -8.05 -8.05
N THR B 107 -25.92 -9.16 -7.52
CA THR B 107 -26.42 -10.47 -7.92
C THR B 107 -27.89 -10.64 -7.53
N ILE B 108 -28.21 -10.35 -6.28
CA ILE B 108 -29.58 -10.39 -5.80
C ILE B 108 -30.50 -9.56 -6.70
N ASP B 109 -30.10 -8.32 -6.98
CA ASP B 109 -30.92 -7.40 -7.78
C ASP B 109 -31.05 -7.90 -9.21
N LEU B 110 -29.93 -8.38 -9.75
CA LEU B 110 -29.88 -9.10 -11.02
C LEU B 110 -31.00 -10.13 -11.15
N ALA B 111 -31.24 -10.84 -10.07
CA ALA B 111 -32.17 -11.94 -10.10
C ALA B 111 -33.59 -11.39 -10.04
N ASP B 112 -33.82 -10.45 -9.12
CA ASP B 112 -35.10 -9.75 -9.05
C ASP B 112 -35.49 -9.25 -10.44
N SER B 113 -34.53 -8.64 -11.13
CA SER B 113 -34.78 -7.99 -12.41
C SER B 113 -35.24 -8.96 -13.48
N GLU B 114 -34.67 -10.16 -13.49
CA GLU B 114 -34.99 -11.14 -14.52
C GLU B 114 -36.40 -11.69 -14.36
N MET B 115 -36.77 -11.99 -13.12
CA MET B 115 -38.14 -12.34 -12.82
C MET B 115 -39.07 -11.27 -13.40
N ASN B 116 -38.85 -10.04 -12.99
CA ASN B 116 -39.70 -8.93 -13.38
C ASN B 116 -39.67 -8.67 -14.89
N LYS B 117 -38.65 -9.21 -15.56
CA LYS B 117 -38.57 -9.11 -17.02
C LYS B 117 -39.41 -10.20 -17.68
N LEU B 118 -39.49 -11.35 -17.01
CA LEU B 118 -40.29 -12.45 -17.51
C LEU B 118 -41.76 -12.06 -17.44
N TYR B 119 -42.23 -11.80 -16.22
CA TYR B 119 -43.55 -11.24 -15.99
C TYR B 119 -43.95 -10.25 -17.09
N GLU B 120 -43.21 -9.18 -17.26
CA GLU B 120 -43.67 -8.07 -18.10
C GLU B 120 -43.75 -8.46 -19.56
N ARG B 121 -43.05 -9.53 -19.94
CA ARG B 121 -43.04 -10.00 -21.31
C ARG B 121 -44.31 -10.78 -21.59
N VAL B 122 -44.72 -11.59 -20.61
CA VAL B 122 -45.97 -12.30 -20.69
C VAL B 122 -47.13 -11.32 -20.71
N LYS B 123 -47.19 -10.45 -19.71
CA LYS B 123 -48.18 -9.37 -19.69
C LYS B 123 -48.29 -8.69 -21.05
N ARG B 124 -47.17 -8.45 -21.70
CA ARG B 124 -47.17 -7.85 -23.03
C ARG B 124 -47.80 -8.80 -24.03
N GLN B 125 -47.44 -10.08 -23.91
CA GLN B 125 -47.94 -11.11 -24.81
C GLN B 125 -49.46 -11.11 -24.82
N LEU B 126 -50.06 -11.14 -23.64
CA LEU B 126 -51.48 -11.38 -23.50
C LEU B 126 -52.34 -10.14 -23.85
N ARG B 127 -51.69 -8.99 -24.03
CA ARG B 127 -52.36 -7.81 -24.55
C ARG B 127 -53.56 -7.38 -23.71
N GLU B 128 -54.75 -7.82 -24.12
CA GLU B 128 -56.00 -7.42 -23.44
C GLU B 128 -56.84 -8.62 -23.02
N ASN B 129 -56.25 -9.81 -23.12
CA ASN B 129 -56.99 -11.05 -22.90
C ASN B 129 -56.84 -11.59 -21.49
N ALA B 130 -56.16 -10.83 -20.63
CA ALA B 130 -55.97 -11.22 -19.22
C ALA B 130 -55.79 -10.03 -18.30
N GLU B 131 -55.67 -10.29 -17.01
CA GLU B 131 -55.55 -9.22 -16.02
C GLU B 131 -54.51 -9.53 -14.94
N GLU B 132 -53.74 -8.52 -14.58
CA GLU B 132 -52.85 -8.60 -13.42
C GLU B 132 -53.65 -8.62 -12.13
N ASP B 133 -53.66 -9.77 -11.46
CA ASP B 133 -54.30 -9.87 -10.15
C ASP B 133 -53.42 -9.29 -9.05
N GLY B 134 -52.11 -9.43 -9.21
CA GLY B 134 -51.15 -8.70 -8.40
C GLY B 134 -50.37 -9.53 -7.41
N THR B 135 -50.30 -10.84 -7.65
CA THR B 135 -49.39 -11.71 -6.91
C THR B 135 -48.58 -12.53 -7.89
N GLY B 136 -48.39 -11.98 -9.08
CA GLY B 136 -47.63 -12.65 -10.12
C GLY B 136 -48.47 -13.69 -10.80
N CYS B 137 -49.75 -13.37 -11.01
CA CYS B 137 -50.64 -14.23 -11.77
C CYS B 137 -51.35 -13.47 -12.88
N PHE B 138 -51.72 -14.19 -13.93
CA PHE B 138 -52.58 -13.64 -14.95
C PHE B 138 -53.88 -14.42 -15.00
N GLU B 139 -54.96 -13.80 -14.53
CA GLU B 139 -56.30 -14.35 -14.71
C GLU B 139 -56.72 -14.23 -16.16
N ILE B 140 -56.81 -15.37 -16.86
CA ILE B 140 -57.24 -15.37 -18.25
C ILE B 140 -58.77 -15.26 -18.32
N PHE B 141 -59.24 -14.37 -19.16
CA PHE B 141 -60.67 -14.18 -19.34
C PHE B 141 -61.17 -14.89 -20.58
N HIS B 142 -60.60 -16.06 -20.84
CA HIS B 142 -61.17 -17.00 -21.79
C HIS B 142 -60.68 -18.42 -21.51
N LYS B 143 -61.57 -19.39 -21.70
CA LYS B 143 -61.18 -20.80 -21.65
C LYS B 143 -59.95 -21.05 -22.53
N CYS B 144 -58.94 -21.70 -21.96
CA CYS B 144 -57.63 -21.83 -22.59
C CYS B 144 -56.95 -23.16 -22.24
N ASP B 145 -56.76 -24.01 -23.25
CA ASP B 145 -56.42 -25.42 -23.04
C ASP B 145 -54.91 -25.62 -22.94
N ASP B 146 -54.49 -26.86 -22.71
CA ASP B 146 -53.09 -27.15 -22.39
C ASP B 146 -52.14 -26.99 -23.57
N ASP B 147 -52.69 -26.80 -24.76
CA ASP B 147 -51.89 -26.39 -25.91
C ASP B 147 -51.91 -24.88 -26.05
N CYS B 148 -52.84 -24.23 -25.35
CA CYS B 148 -52.88 -22.78 -25.26
C CYS B 148 -51.84 -22.29 -24.25
N MET B 149 -51.62 -23.07 -23.20
CA MET B 149 -50.58 -22.79 -22.22
C MET B 149 -49.18 -22.89 -22.85
N ALA B 150 -48.93 -24.00 -23.52
CA ALA B 150 -47.65 -24.24 -24.17
C ALA B 150 -47.37 -23.29 -25.33
N SER B 151 -48.39 -22.53 -25.74
CA SER B 151 -48.21 -21.51 -26.76
C SER B 151 -47.78 -20.18 -26.14
N ILE B 152 -48.23 -19.95 -24.92
CA ILE B 152 -47.74 -18.84 -24.12
C ILE B 152 -46.26 -19.04 -23.80
N ARG B 153 -45.95 -20.17 -23.17
CA ARG B 153 -44.59 -20.49 -22.79
C ARG B 153 -43.59 -20.17 -23.90
N ASN B 154 -43.60 -20.97 -24.96
CA ASN B 154 -42.66 -20.75 -26.05
C ASN B 154 -43.04 -19.59 -26.96
N ASN B 155 -43.78 -18.63 -26.40
CA ASN B 155 -43.98 -17.34 -27.05
C ASN B 155 -44.56 -17.45 -28.46
N THR B 156 -45.82 -17.87 -28.55
CA THR B 156 -46.53 -17.91 -29.83
C THR B 156 -47.99 -17.47 -29.70
N TYR B 157 -48.54 -17.60 -28.49
CA TYR B 157 -49.91 -17.19 -28.20
C TYR B 157 -50.35 -15.99 -29.05
N ASP B 158 -51.24 -16.24 -30.00
CA ASP B 158 -51.81 -15.18 -30.84
C ASP B 158 -53.03 -14.57 -30.16
N HIS B 159 -52.94 -13.28 -29.83
CA HIS B 159 -53.93 -12.64 -28.97
C HIS B 159 -55.28 -12.48 -29.66
N SER B 160 -55.30 -11.82 -30.81
CA SER B 160 -56.55 -11.50 -31.50
C SER B 160 -57.33 -12.76 -31.87
N LYS B 161 -56.70 -13.92 -31.65
CA LYS B 161 -57.33 -15.20 -31.91
C LYS B 161 -58.39 -15.54 -30.87
N TYR B 162 -58.24 -14.99 -29.66
CA TYR B 162 -59.26 -15.15 -28.63
C TYR B 162 -59.73 -13.81 -28.11
N ARG B 163 -59.35 -12.74 -28.81
CA ARG B 163 -59.50 -11.39 -28.28
C ARG B 163 -60.96 -11.09 -27.95
N GLU B 164 -61.82 -11.21 -28.96
CA GLU B 164 -63.23 -10.87 -28.85
C GLU B 164 -63.89 -11.53 -27.62
N GLU B 165 -63.69 -12.83 -27.47
CA GLU B 165 -64.28 -13.56 -26.33
C GLU B 165 -63.94 -12.87 -25.01
N ALA B 166 -62.65 -12.67 -24.76
CA ALA B 166 -62.17 -12.20 -23.46
C ALA B 166 -62.58 -10.75 -23.19
N ILE B 167 -62.44 -9.91 -24.21
CA ILE B 167 -62.88 -8.53 -24.11
C ILE B 167 -64.38 -8.45 -23.77
N GLN B 168 -65.14 -9.45 -24.20
CA GLN B 168 -66.56 -9.56 -23.89
C GLN B 168 -66.76 -9.92 -22.41
N ASN B 169 -65.84 -10.72 -21.87
CA ASN B 169 -65.90 -11.16 -20.47
C ASN B 169 -65.45 -10.09 -19.49
N ARG B 170 -65.15 -8.90 -20.01
CA ARG B 170 -64.50 -7.88 -19.21
C ARG B 170 -65.26 -6.55 -19.17
N LYS C 6 -49.63 3.35 -36.09
CA LYS C 6 -48.71 2.95 -34.99
C LYS C 6 -47.50 3.92 -34.84
N ILE C 7 -47.21 4.19 -33.56
CA ILE C 7 -45.94 4.88 -33.28
C ILE C 7 -44.99 3.94 -32.51
N CYS C 8 -43.65 4.03 -32.80
CA CYS C 8 -42.64 3.18 -32.15
C CYS C 8 -41.40 3.96 -31.69
N LEU C 9 -40.95 3.69 -30.45
CA LEU C 9 -39.66 4.24 -30.01
C LEU C 9 -38.52 3.22 -30.07
N GLY C 10 -37.29 3.74 -30.02
CA GLY C 10 -36.10 2.94 -30.27
C GLY C 10 -34.85 3.77 -30.02
N HIS C 11 -33.70 3.12 -30.13
CA HIS C 11 -32.42 3.72 -29.75
C HIS C 11 -31.40 3.53 -30.87
N HIS C 12 -30.30 4.28 -30.84
CA HIS C 12 -29.36 4.21 -31.93
C HIS C 12 -28.39 3.03 -31.86
N ALA C 13 -27.72 2.78 -32.97
CA ALA C 13 -26.68 1.75 -33.03
C ALA C 13 -25.72 2.07 -34.18
N VAL C 14 -24.61 1.33 -34.23
CA VAL C 14 -23.59 1.55 -35.27
C VAL C 14 -23.09 0.20 -35.74
N SER C 15 -22.51 0.14 -36.93
CA SER C 15 -22.22 -1.15 -37.55
C SER C 15 -21.01 -1.83 -36.93
N ASN C 16 -20.02 -1.03 -36.56
CA ASN C 16 -18.91 -1.50 -35.73
C ASN C 16 -18.86 -0.72 -34.42
N GLY C 17 -19.08 -1.41 -33.31
CA GLY C 17 -18.81 -0.85 -32.00
C GLY C 17 -17.52 -1.38 -31.40
N THR C 18 -17.25 -1.05 -30.14
CA THR C 18 -16.05 -1.54 -29.47
C THR C 18 -16.33 -2.37 -28.21
N LYS C 19 -15.47 -3.35 -27.95
CA LYS C 19 -15.63 -4.24 -26.83
C LYS C 19 -15.09 -3.67 -25.50
N VAL C 20 -15.91 -3.68 -24.47
CA VAL C 20 -15.49 -3.39 -23.11
C VAL C 20 -15.71 -4.59 -22.20
N ASN C 21 -15.19 -4.52 -20.97
CA ASN C 21 -15.58 -5.52 -19.99
C ASN C 21 -16.56 -4.99 -18.96
N THR C 22 -17.45 -5.85 -18.50
CA THR C 22 -18.34 -5.50 -17.41
C THR C 22 -18.19 -6.45 -16.22
N LEU C 23 -19.04 -6.26 -15.21
CA LEU C 23 -19.05 -7.10 -14.01
C LEU C 23 -19.46 -8.53 -14.34
N THR C 24 -20.03 -8.70 -15.52
CA THR C 24 -20.92 -9.82 -15.78
C THR C 24 -20.58 -10.50 -17.11
N GLU C 25 -19.86 -9.79 -17.98
CA GLU C 25 -19.55 -10.31 -19.31
C GLU C 25 -18.25 -9.70 -19.83
N ARG C 26 -17.46 -10.47 -20.55
CA ARG C 26 -16.30 -9.95 -21.25
C ARG C 26 -16.65 -9.58 -22.69
N GLY C 27 -15.96 -8.60 -23.24
CA GLY C 27 -16.12 -8.25 -24.64
C GLY C 27 -17.56 -7.99 -25.07
N VAL C 28 -18.31 -7.22 -24.28
CA VAL C 28 -19.62 -6.78 -24.71
C VAL C 28 -19.54 -5.48 -25.51
N GLU C 29 -20.16 -5.46 -26.69
CA GLU C 29 -20.03 -4.34 -27.61
C GLU C 29 -20.91 -3.16 -27.21
N VAL C 30 -20.29 -2.00 -27.04
CA VAL C 30 -21.02 -0.75 -26.84
C VAL C 30 -20.72 0.21 -27.98
N VAL C 31 -21.46 1.31 -28.03
CA VAL C 31 -21.47 2.20 -29.20
C VAL C 31 -20.18 3.04 -29.31
N ASN C 32 -19.80 3.70 -28.22
CA ASN C 32 -18.52 4.39 -28.12
C ASN C 32 -17.88 4.04 -26.78
N ALA C 33 -16.55 3.94 -26.75
CA ALA C 33 -15.80 3.77 -25.51
C ALA C 33 -14.50 4.58 -25.53
N THR C 34 -13.89 4.80 -24.37
CA THR C 34 -12.65 5.56 -24.32
C THR C 34 -11.56 5.06 -23.37
N GLU C 35 -10.31 5.28 -23.75
CA GLU C 35 -9.17 4.69 -23.06
C GLU C 35 -8.92 5.31 -21.69
N THR C 36 -8.38 4.51 -20.78
CA THR C 36 -8.24 4.87 -19.39
C THR C 36 -6.76 4.76 -18.98
N VAL C 37 -6.00 4.02 -19.77
CA VAL C 37 -4.59 3.80 -19.49
C VAL C 37 -3.73 4.49 -20.52
N GLU C 38 -2.94 5.46 -20.08
CA GLU C 38 -1.97 6.15 -20.93
C GLU C 38 -0.89 5.20 -21.43
N ARG C 39 -0.72 5.10 -22.75
CA ARG C 39 0.40 4.33 -23.29
C ARG C 39 1.41 5.18 -24.05
N THR C 40 1.10 6.47 -24.26
CA THR C 40 1.96 7.33 -25.06
C THR C 40 2.99 8.16 -24.29
N ASN C 41 4.27 7.91 -24.60
CA ASN C 41 5.39 8.65 -24.01
C ASN C 41 5.80 9.84 -24.87
N VAL C 42 6.28 10.90 -24.22
CA VAL C 42 6.98 11.95 -24.95
C VAL C 42 8.49 11.88 -24.65
N PRO C 43 9.28 11.51 -25.67
CA PRO C 43 10.69 11.17 -25.41
C PRO C 43 11.60 12.38 -25.10
N ARG C 44 11.10 13.31 -24.29
CA ARG C 44 11.82 14.56 -23.97
C ARG C 44 11.43 14.97 -22.56
N ILE C 45 12.27 15.78 -21.91
CA ILE C 45 11.90 16.40 -20.63
C ILE C 45 11.15 17.72 -20.86
N CYS C 46 9.85 17.66 -20.71
CA CYS C 46 9.00 18.81 -20.97
C CYS C 46 9.12 19.81 -19.83
N SER C 47 9.93 20.85 -20.03
CA SER C 47 10.41 21.66 -18.93
C SER C 47 9.77 23.07 -18.95
N LYS C 48 8.80 23.28 -19.84
CA LYS C 48 8.26 24.60 -20.06
C LYS C 48 7.80 25.26 -18.78
N GLY C 49 8.34 26.43 -18.46
CA GLY C 49 7.88 27.20 -17.33
C GLY C 49 8.44 26.72 -16.01
N LYS C 50 9.46 25.88 -16.06
CA LYS C 50 10.14 25.45 -14.86
C LYS C 50 11.61 25.89 -14.87
N ARG C 51 12.09 26.41 -13.76
CA ARG C 51 13.51 26.76 -13.62
C ARG C 51 14.34 25.49 -13.66
N THR C 52 15.05 25.25 -14.76
CA THR C 52 15.68 23.95 -14.97
C THR C 52 17.20 23.97 -14.89
N VAL C 53 17.77 23.00 -14.19
CA VAL C 53 19.22 22.83 -14.15
C VAL C 53 19.57 21.42 -14.58
N ASP C 54 20.10 21.27 -15.79
CA ASP C 54 20.59 19.98 -16.25
C ASP C 54 22.07 19.83 -15.88
N LEU C 55 22.38 18.92 -14.95
CA LEU C 55 23.72 18.87 -14.34
C LEU C 55 24.84 18.36 -15.27
N GLY C 56 24.46 17.67 -16.33
CA GLY C 56 25.41 17.05 -17.27
C GLY C 56 26.57 16.33 -16.61
N GLN C 57 27.79 16.81 -16.82
CA GLN C 57 28.99 16.19 -16.29
C GLN C 57 29.13 16.35 -14.78
N CYS C 58 28.33 17.22 -14.18
CA CYS C 58 28.45 17.47 -12.76
C CYS C 58 27.51 16.57 -11.95
N GLY C 59 28.05 15.87 -10.96
CA GLY C 59 27.23 15.03 -10.12
C GLY C 59 26.55 15.83 -9.02
N LEU C 60 25.34 15.45 -8.67
CA LEU C 60 24.61 16.23 -7.71
C LEU C 60 25.41 16.54 -6.45
N LEU C 61 26.08 15.56 -5.87
CA LEU C 61 26.90 15.78 -4.66
C LEU C 61 28.08 16.70 -4.94
N GLY C 62 28.62 16.63 -6.15
CA GLY C 62 29.58 17.61 -6.61
C GLY C 62 29.25 19.04 -6.24
N THR C 63 27.99 19.43 -6.37
CA THR C 63 27.60 20.83 -6.16
C THR C 63 27.93 21.29 -4.75
N ILE C 64 28.08 20.34 -3.83
CA ILE C 64 28.36 20.67 -2.43
C ILE C 64 29.84 20.87 -2.12
N THR C 65 30.70 20.05 -2.72
CA THR C 65 32.12 20.08 -2.44
C THR C 65 32.88 20.86 -3.52
N GLY C 66 32.56 20.57 -4.78
CA GLY C 66 32.99 21.44 -5.88
C GLY C 66 34.24 21.01 -6.61
N PRO C 67 34.20 19.82 -7.25
CA PRO C 67 35.21 19.48 -8.26
C PRO C 67 35.03 20.37 -9.48
N PRO C 68 36.04 20.42 -10.35
CA PRO C 68 35.94 21.25 -11.55
C PRO C 68 34.66 21.08 -12.38
N GLN C 69 34.15 19.85 -12.54
CA GLN C 69 32.92 19.62 -13.35
C GLN C 69 31.77 20.50 -12.91
N CYS C 70 31.80 20.93 -11.65
CA CYS C 70 30.65 21.51 -10.99
C CYS C 70 30.80 23.00 -10.71
N ASP C 71 31.88 23.60 -11.21
CA ASP C 71 32.15 25.01 -10.93
C ASP C 71 30.94 25.86 -11.28
N GLN C 72 30.38 25.63 -12.45
CA GLN C 72 29.18 26.35 -12.87
C GLN C 72 27.88 25.94 -12.12
N PHE C 73 28.01 25.21 -11.02
CA PHE C 73 26.83 24.76 -10.26
C PHE C 73 26.91 24.93 -8.73
N LEU C 74 27.89 25.68 -8.26
CA LEU C 74 28.11 25.81 -6.82
C LEU C 74 26.96 26.52 -6.12
N GLU C 75 26.19 27.31 -6.85
CA GLU C 75 25.15 28.11 -6.22
C GLU C 75 23.80 28.21 -6.94
N PHE C 76 23.28 27.13 -7.52
CA PHE C 76 22.15 27.25 -8.44
C PHE C 76 20.74 27.45 -7.83
N SER C 77 19.76 27.82 -8.66
CA SER C 77 18.34 27.71 -8.29
C SER C 77 17.63 26.81 -9.27
N ALA C 78 16.67 26.03 -8.79
CA ALA C 78 15.96 25.12 -9.65
C ALA C 78 14.57 24.75 -9.14
N ASP C 79 13.64 24.51 -10.06
CA ASP C 79 12.35 23.86 -9.73
C ASP C 79 12.51 22.40 -10.11
N LEU C 80 13.33 22.15 -11.14
CA LEU C 80 13.52 20.83 -11.72
C LEU C 80 15.03 20.56 -11.92
N ILE C 81 15.53 19.46 -11.36
CA ILE C 81 16.97 19.14 -11.39
C ILE C 81 17.18 17.82 -12.05
N ILE C 82 18.06 17.78 -13.05
CA ILE C 82 18.22 16.58 -13.90
C ILE C 82 19.65 16.06 -13.73
N GLU C 83 19.79 14.85 -13.21
CA GLU C 83 21.07 14.18 -13.11
C GLU C 83 21.29 13.41 -14.39
N ARG C 84 22.53 13.39 -14.86
CA ARG C 84 22.90 12.60 -16.04
C ARG C 84 23.73 11.39 -15.67
N ARG C 85 23.74 10.42 -16.57
CA ARG C 85 24.41 9.18 -16.27
C ARG C 85 25.92 9.39 -16.22
N GLU C 86 26.37 10.55 -16.68
CA GLU C 86 27.81 10.82 -16.78
C GLU C 86 28.22 11.86 -15.75
N GLY C 87 27.30 12.16 -14.85
CA GLY C 87 27.59 13.01 -13.72
C GLY C 87 28.56 12.33 -12.77
N SER C 88 29.20 13.12 -11.92
CA SER C 88 30.40 12.67 -11.26
C SER C 88 30.72 13.56 -10.09
N ASP C 89 30.88 12.96 -8.92
CA ASP C 89 30.77 13.70 -7.66
C ASP C 89 32.11 14.26 -7.20
N VAL C 90 33.19 13.89 -7.90
CA VAL C 90 34.47 13.64 -7.25
C VAL C 90 35.57 13.96 -8.24
N CYS C 91 36.62 14.66 -7.83
CA CYS C 91 37.81 14.76 -8.66
C CYS C 91 38.91 13.85 -8.16
N TYR C 92 39.35 14.13 -6.93
CA TYR C 92 40.22 13.23 -6.19
C TYR C 92 39.45 11.98 -5.72
N PRO C 93 40.01 10.79 -5.97
CA PRO C 93 39.29 9.55 -5.71
C PRO C 93 38.78 9.45 -4.27
N GLY C 94 37.49 9.19 -4.12
CA GLY C 94 36.91 9.04 -2.81
C GLY C 94 35.42 8.82 -2.95
N LYS C 95 34.71 8.75 -1.82
CA LYS C 95 33.27 8.58 -1.85
C LYS C 95 32.57 9.50 -0.86
N PHE C 96 31.28 9.73 -1.07
CA PHE C 96 30.44 10.32 -0.04
C PHE C 96 29.87 9.20 0.78
N VAL C 97 29.97 9.29 2.10
CA VAL C 97 29.37 8.31 2.97
C VAL C 97 27.90 8.68 3.16
N ASN C 98 27.01 7.73 2.93
CA ASN C 98 25.60 7.99 3.10
C ASN C 98 25.09 8.86 1.95
N GLU C 99 25.58 8.55 0.76
CA GLU C 99 25.36 9.38 -0.41
C GLU C 99 23.91 9.49 -0.80
N GLU C 100 23.20 8.37 -0.92
CA GLU C 100 21.84 8.45 -1.45
C GLU C 100 20.92 9.37 -0.65
N ALA C 101 20.96 9.27 0.68
CA ALA C 101 20.25 10.26 1.50
C ALA C 101 20.60 11.67 1.02
N LEU C 102 21.89 12.01 1.07
CA LEU C 102 22.33 13.31 0.61
C LEU C 102 21.74 13.69 -0.76
N ARG C 103 21.75 12.76 -1.71
CA ARG C 103 21.15 13.06 -3.02
C ARG C 103 19.68 13.46 -2.88
N GLN C 104 18.95 12.62 -2.15
CA GLN C 104 17.54 12.81 -1.89
C GLN C 104 17.24 14.19 -1.33
N ILE C 105 18.08 14.68 -0.42
CA ILE C 105 17.92 16.02 0.12
C ILE C 105 18.13 17.05 -0.96
N LEU C 106 19.30 17.01 -1.59
CA LEU C 106 19.66 17.93 -2.67
C LEU C 106 18.64 18.03 -3.81
N ARG C 107 18.07 16.89 -4.21
CA ARG C 107 17.06 16.86 -5.27
C ARG C 107 15.84 17.74 -5.03
N GLU C 108 15.38 17.79 -3.79
CA GLU C 108 14.26 18.68 -3.44
C GLU C 108 14.68 20.01 -2.82
N SER C 109 15.91 20.45 -3.06
CA SER C 109 16.47 21.58 -2.33
C SER C 109 15.90 22.91 -2.83
N GLY C 110 15.40 22.90 -4.06
CA GLY C 110 15.11 24.15 -4.73
C GLY C 110 16.39 24.83 -5.15
N GLY C 111 17.50 24.12 -5.07
CA GLY C 111 18.82 24.71 -5.35
C GLY C 111 19.55 25.03 -4.06
N ILE C 112 20.76 25.57 -4.18
CA ILE C 112 21.57 25.85 -2.98
C ILE C 112 22.17 27.25 -2.96
N ASP C 113 22.28 27.79 -1.75
CA ASP C 113 22.91 29.08 -1.50
C ASP C 113 24.09 28.88 -0.53
N LYS C 114 25.28 29.31 -0.93
CA LYS C 114 26.48 29.11 -0.11
C LYS C 114 26.77 30.29 0.83
N GLU C 115 27.20 29.99 2.04
CA GLU C 115 27.72 31.02 2.93
C GLU C 115 29.03 30.58 3.52
N THR C 116 29.99 31.49 3.59
CA THR C 116 31.22 31.25 4.32
C THR C 116 30.96 30.78 5.75
N MET C 117 31.84 29.93 6.24
CA MET C 117 31.78 29.52 7.63
C MET C 117 32.69 30.34 8.52
N GLY C 118 33.52 31.17 7.90
CA GLY C 118 34.33 32.12 8.64
C GLY C 118 35.34 31.41 9.52
N PHE C 119 35.91 30.32 8.99
CA PHE C 119 37.11 29.74 9.57
C PHE C 119 38.38 30.48 9.09
N THR C 120 39.27 30.79 10.03
CA THR C 120 40.61 31.26 9.67
C THR C 120 41.65 30.47 10.47
N TYR C 121 42.86 30.35 9.94
CA TYR C 121 43.80 29.36 10.44
C TYR C 121 45.18 29.95 10.74
N SER C 122 45.85 29.38 11.73
CA SER C 122 47.14 29.92 12.16
C SER C 122 48.18 28.81 12.38
N GLY C 123 49.34 28.96 11.75
CA GLY C 123 50.46 28.03 11.96
C GLY C 123 50.29 26.70 11.26
N ILE C 124 49.61 26.72 10.11
CA ILE C 124 49.42 25.53 9.28
C ILE C 124 49.26 25.93 7.81
N ARG C 125 49.45 24.99 6.91
CA ARG C 125 49.14 25.22 5.50
C ARG C 125 47.64 25.08 5.22
N THR C 126 47.16 25.85 4.26
CA THR C 126 45.74 25.87 3.95
C THR C 126 45.48 25.47 2.50
N ASN C 127 46.55 25.50 1.71
CA ASN C 127 46.47 25.57 0.25
C ASN C 127 46.90 24.26 -0.41
N GLY C 128 46.66 23.13 0.28
CA GLY C 128 46.99 21.82 -0.28
C GLY C 128 46.21 21.55 -1.56
N THR C 129 46.87 20.95 -2.56
CA THR C 129 46.24 20.67 -3.85
C THR C 129 46.63 19.32 -4.47
N THR C 130 46.09 19.05 -5.65
CA THR C 130 46.23 17.75 -6.30
C THR C 130 46.11 17.92 -7.80
N SER C 131 46.90 17.16 -8.56
CA SER C 131 46.74 17.14 -10.01
C SER C 131 45.51 16.34 -10.42
N ALA C 132 44.72 15.94 -9.43
CA ALA C 132 43.52 15.17 -9.70
C ALA C 132 42.35 16.10 -9.95
N CYS C 133 42.39 17.29 -9.33
CA CYS C 133 41.44 18.37 -9.64
C CYS C 133 42.09 19.46 -10.50
N ARG C 134 42.03 19.28 -11.82
CA ARG C 134 42.77 20.08 -12.77
C ARG C 134 42.02 21.39 -13.06
N ARG C 135 42.72 22.50 -12.90
CA ARG C 135 42.16 23.83 -13.15
C ARG C 135 43.23 24.83 -13.63
N SER C 136 43.96 24.47 -14.68
CA SER C 136 45.26 25.07 -15.01
C SER C 136 46.35 24.90 -13.97
N GLY C 137 46.66 23.65 -13.67
CA GLY C 137 47.53 23.31 -12.56
C GLY C 137 46.70 22.62 -11.51
N SER C 138 47.37 21.89 -10.62
CA SER C 138 46.66 21.24 -9.53
C SER C 138 45.79 22.29 -8.87
N SER C 139 44.57 21.90 -8.53
CA SER C 139 43.70 22.76 -7.79
C SER C 139 43.22 21.94 -6.62
N PHE C 140 41.98 22.16 -6.20
CA PHE C 140 41.36 21.32 -5.20
C PHE C 140 39.86 21.54 -5.24
N TYR C 141 39.13 20.81 -4.42
CA TYR C 141 37.70 21.02 -4.29
C TYR C 141 37.41 22.47 -3.94
N ALA C 142 36.67 23.17 -4.81
CA ALA C 142 36.46 24.62 -4.66
C ALA C 142 35.85 25.09 -3.34
N GLU C 143 35.15 24.21 -2.64
CA GLU C 143 34.46 24.63 -1.43
C GLU C 143 35.26 24.24 -0.20
N MET C 144 36.33 23.48 -0.40
CA MET C 144 37.03 22.88 0.72
C MET C 144 38.43 23.50 0.92
N LYS C 145 39.04 23.21 2.07
CA LYS C 145 40.46 23.42 2.21
C LYS C 145 41.15 22.17 2.73
N TRP C 146 42.19 21.74 2.04
CA TRP C 146 43.08 20.73 2.57
C TRP C 146 44.04 21.36 3.59
N LEU C 147 43.83 21.05 4.86
CA LEU C 147 44.68 21.59 5.93
C LEU C 147 45.91 20.71 6.12
N LEU C 148 47.09 21.33 6.04
CA LEU C 148 48.37 20.64 6.13
C LEU C 148 49.17 21.12 7.34
N SER C 149 50.23 20.38 7.66
CA SER C 149 51.28 20.89 8.53
C SER C 149 52.13 21.91 7.78
N ASN C 150 52.85 22.74 8.53
CA ASN C 150 53.63 23.81 7.93
C ASN C 150 54.79 23.30 7.06
N THR C 151 55.53 22.31 7.57
CA THR C 151 56.61 21.66 6.83
C THR C 151 56.46 20.15 6.90
N ASP C 152 56.93 19.46 5.87
CA ASP C 152 56.89 18.00 5.86
C ASP C 152 57.40 17.46 7.21
N ASN C 153 56.58 16.64 7.86
CA ASN C 153 56.99 15.93 9.08
C ASN C 153 56.57 16.62 10.38
N ALA C 154 56.34 17.93 10.30
CA ALA C 154 56.05 18.74 11.48
C ALA C 154 54.70 18.37 12.11
N ALA C 155 54.55 18.63 13.39
CA ALA C 155 53.40 18.14 14.15
C ALA C 155 52.20 19.07 14.04
N PHE C 156 51.14 18.58 13.38
CA PHE C 156 49.90 19.33 13.22
C PHE C 156 49.31 19.60 14.60
N PRO C 157 48.79 20.82 14.82
CA PRO C 157 48.33 21.19 16.16
C PRO C 157 46.92 20.68 16.43
N GLN C 158 46.58 20.52 17.70
CA GLN C 158 45.26 20.08 18.09
C GLN C 158 44.31 21.26 17.94
N MET C 159 43.50 21.26 16.90
CA MET C 159 42.70 22.44 16.52
C MET C 159 41.22 22.27 16.84
N THR C 160 40.56 23.40 17.05
CA THR C 160 39.10 23.41 17.20
C THR C 160 38.44 24.55 16.43
N LYS C 161 37.78 24.19 15.33
CA LYS C 161 36.99 25.14 14.57
C LYS C 161 35.54 24.87 14.92
N SER C 162 34.81 25.92 15.29
CA SER C 162 33.36 25.79 15.47
C SER C 162 32.51 26.77 14.66
N TYR C 163 31.25 26.42 14.41
CA TYR C 163 30.39 27.22 13.55
C TYR C 163 28.91 27.14 13.90
N LYS C 164 28.30 28.32 14.12
CA LYS C 164 26.91 28.42 14.57
C LYS C 164 25.98 28.87 13.45
N ASN C 165 25.03 28.01 13.10
CA ASN C 165 24.05 28.35 12.08
C ASN C 165 23.14 29.46 12.60
N THR C 166 23.44 30.69 12.21
CA THR C 166 22.68 31.84 12.72
C THR C 166 21.61 32.25 11.71
N ARG C 167 21.36 31.41 10.72
CA ARG C 167 20.25 31.67 9.81
C ARG C 167 18.97 31.01 10.29
N LYS C 168 17.86 31.29 9.61
CA LYS C 168 16.54 30.82 10.05
C LYS C 168 16.34 29.35 9.70
N ASP C 169 17.19 28.85 8.81
CA ASP C 169 16.95 27.58 8.11
C ASP C 169 18.09 26.60 8.40
N PRO C 170 17.83 25.30 8.22
CA PRO C 170 18.87 24.30 8.50
C PRO C 170 20.05 24.43 7.53
N ALA C 171 21.27 24.30 8.07
CA ALA C 171 22.49 24.33 7.27
C ALA C 171 22.97 22.92 6.88
N LEU C 172 23.49 22.79 5.66
CA LEU C 172 24.13 21.57 5.25
C LEU C 172 25.66 21.68 5.35
N ILE C 173 26.26 20.84 6.19
CA ILE C 173 27.66 20.95 6.56
C ILE C 173 28.45 19.76 6.04
N ILE C 174 29.59 19.99 5.40
CA ILE C 174 30.38 18.89 4.90
C ILE C 174 31.83 18.97 5.35
N TRP C 175 32.45 17.82 5.60
CA TRP C 175 33.88 17.75 5.82
C TRP C 175 34.46 16.51 5.17
N GLY C 176 35.78 16.35 5.29
CA GLY C 176 36.45 15.26 4.63
C GLY C 176 37.51 14.63 5.50
N ILE C 177 37.67 13.32 5.38
CA ILE C 177 38.77 12.63 6.02
C ILE C 177 39.69 12.12 4.92
N HIS C 178 40.98 12.44 5.07
CA HIS C 178 41.95 12.06 4.08
C HIS C 178 42.63 10.77 4.49
N HIS C 179 42.53 9.76 3.66
CA HIS C 179 43.24 8.52 3.89
C HIS C 179 44.46 8.48 3.00
N SER C 180 45.63 8.74 3.57
CA SER C 180 46.87 8.79 2.82
C SER C 180 47.23 7.40 2.27
N GLY C 181 48.17 7.37 1.33
CA GLY C 181 48.52 6.14 0.62
C GLY C 181 49.54 5.29 1.36
N SER C 182 50.13 5.85 2.41
CA SER C 182 51.05 5.12 3.28
C SER C 182 51.05 5.71 4.68
N THR C 183 51.47 4.92 5.67
CA THR C 183 51.61 5.44 7.03
C THR C 183 52.56 6.62 7.06
N THR C 184 53.59 6.58 6.21
CA THR C 184 54.58 7.64 6.17
C THR C 184 54.11 8.83 5.32
N GLU C 185 53.29 8.56 4.32
CA GLU C 185 52.58 9.62 3.59
C GLU C 185 51.81 10.49 4.59
N GLN C 186 51.10 9.81 5.48
CA GLN C 186 50.38 10.48 6.55
C GLN C 186 51.35 11.29 7.40
N THR C 187 52.22 10.61 8.15
CA THR C 187 53.14 11.31 9.02
C THR C 187 53.92 12.44 8.34
N LYS C 188 54.15 12.33 7.03
CA LYS C 188 54.83 13.37 6.27
C LYS C 188 53.97 14.61 6.15
N LEU C 189 52.65 14.40 6.10
CA LEU C 189 51.69 15.49 5.89
C LEU C 189 51.26 16.15 7.19
N TYR C 190 51.02 15.35 8.21
CA TYR C 190 50.37 15.84 9.42
C TYR C 190 51.15 15.51 10.69
N GLY C 191 52.39 15.04 10.52
CA GLY C 191 53.25 14.64 11.65
C GLY C 191 52.99 13.22 12.11
N SER C 192 53.93 12.66 12.87
CA SER C 192 53.78 11.30 13.42
C SER C 192 52.65 11.25 14.46
N GLY C 193 52.22 10.05 14.83
CA GLY C 193 51.24 9.87 15.89
C GLY C 193 49.83 9.53 15.43
N ASN C 194 49.12 8.81 16.31
CA ASN C 194 47.72 8.44 16.08
C ASN C 194 46.81 9.67 15.92
N LYS C 195 46.14 9.76 14.78
CA LYS C 195 45.32 10.93 14.43
C LYS C 195 43.86 10.67 14.77
N LEU C 196 43.10 11.73 14.98
CA LEU C 196 41.67 11.61 15.28
C LEU C 196 40.94 12.85 14.80
N ILE C 197 39.67 12.67 14.46
CA ILE C 197 38.82 13.79 14.08
C ILE C 197 37.45 13.54 14.70
N THR C 198 36.96 14.52 15.45
CA THR C 198 35.59 14.42 15.99
C THR C 198 34.72 15.59 15.58
N VAL C 199 33.43 15.32 15.43
CA VAL C 199 32.49 16.32 14.97
C VAL C 199 31.25 16.19 15.82
N GLY C 200 30.90 17.26 16.52
CA GLY C 200 29.70 17.29 17.37
C GLY C 200 28.72 18.41 17.03
N SER C 201 27.44 18.15 17.27
CA SER C 201 26.47 19.20 17.56
C SER C 201 25.54 18.78 18.69
N SER C 202 24.26 19.08 18.56
CA SER C 202 23.27 18.69 19.57
C SER C 202 22.53 17.43 19.12
N ASN C 203 22.65 17.09 17.84
CA ASN C 203 22.08 15.84 17.35
C ASN C 203 23.12 14.98 16.68
N TYR C 204 24.38 15.30 16.89
CA TYR C 204 25.43 14.67 16.14
C TYR C 204 26.65 14.48 17.01
N GLN C 205 27.12 13.25 17.06
CA GLN C 205 28.32 12.89 17.77
C GLN C 205 28.96 11.74 16.97
N GLN C 206 30.18 11.97 16.49
CA GLN C 206 30.89 10.91 15.79
C GLN C 206 32.36 11.22 15.66
N SER C 207 33.19 10.20 15.68
CA SER C 207 34.62 10.40 15.48
C SER C 207 35.17 9.58 14.31
N PHE C 208 36.33 9.99 13.79
CA PHE C 208 36.89 9.41 12.57
C PHE C 208 38.40 9.27 12.72
N VAL C 209 38.89 8.06 12.42
CA VAL C 209 40.32 7.80 12.28
C VAL C 209 40.65 7.55 10.80
N PRO C 210 41.67 8.23 10.27
CA PRO C 210 42.19 7.92 8.95
C PRO C 210 42.72 6.49 8.89
N SER C 211 42.66 5.88 7.70
CA SER C 211 43.23 4.54 7.45
C SER C 211 44.29 4.61 6.37
N PRO C 212 45.46 5.18 6.71
CA PRO C 212 46.51 5.30 5.70
C PRO C 212 47.02 3.91 5.35
N GLY C 213 47.51 3.74 4.13
CA GLY C 213 47.91 2.41 3.66
C GLY C 213 47.71 2.21 2.18
N ALA C 214 48.19 1.08 1.66
CA ALA C 214 48.33 0.90 0.22
C ALA C 214 46.99 0.64 -0.47
N ARG C 215 46.69 1.48 -1.45
CA ARG C 215 45.58 1.25 -2.39
C ARG C 215 46.11 1.38 -3.83
N PRO C 216 45.40 0.78 -4.81
CA PRO C 216 45.61 1.14 -6.21
C PRO C 216 45.45 2.64 -6.44
N GLN C 217 46.10 3.16 -7.49
CA GLN C 217 45.91 4.54 -7.90
C GLN C 217 44.61 4.67 -8.69
N VAL C 218 43.78 5.64 -8.31
CA VAL C 218 42.70 6.12 -9.18
C VAL C 218 42.96 7.58 -9.48
N ASN C 219 42.90 7.95 -10.75
CA ASN C 219 43.38 9.25 -11.20
C ASN C 219 44.80 9.53 -10.72
N GLY C 220 45.64 8.50 -10.72
CA GLY C 220 47.02 8.64 -10.27
C GLY C 220 47.21 9.02 -8.82
N GLN C 221 46.23 8.71 -7.96
CA GLN C 221 46.39 8.92 -6.53
C GLN C 221 46.02 7.69 -5.72
N SER C 222 46.84 7.35 -4.73
CA SER C 222 46.60 6.21 -3.86
C SER C 222 45.82 6.59 -2.60
N GLY C 223 45.81 7.89 -2.31
CA GLY C 223 45.00 8.42 -1.21
C GLY C 223 43.51 8.35 -1.50
N ARG C 224 42.71 8.57 -0.46
CA ARG C 224 41.30 8.73 -0.63
C ARG C 224 40.78 9.83 0.28
N ILE C 225 39.89 10.66 -0.23
CA ILE C 225 39.20 11.63 0.58
C ILE C 225 37.73 11.24 0.62
N ASP C 226 37.18 11.09 1.82
CA ASP C 226 35.80 10.61 1.98
C ASP C 226 34.99 11.67 2.72
N PHE C 227 33.82 12.01 2.17
CA PHE C 227 33.05 13.15 2.66
C PHE C 227 31.96 12.68 3.60
N HIS C 228 31.78 13.43 4.68
CA HIS C 228 30.74 13.11 5.64
C HIS C 228 29.89 14.36 5.83
N TRP C 229 28.63 14.20 6.22
CA TRP C 229 27.75 15.37 6.25
C TRP C 229 26.75 15.40 7.39
N LEU C 230 26.11 16.56 7.60
CA LEU C 230 25.07 16.70 8.62
C LEU C 230 24.26 17.96 8.44
N ILE C 231 23.00 17.90 8.87
CA ILE C 231 22.10 19.05 8.86
C ILE C 231 22.23 19.75 10.19
N LEU C 232 22.66 21.01 10.15
CA LEU C 232 22.82 21.81 11.36
C LEU C 232 21.57 22.64 11.55
N ASN C 233 20.93 22.50 12.71
CA ASN C 233 19.70 23.23 12.97
C ASN C 233 19.91 24.70 13.35
N PRO C 234 18.97 25.55 12.92
CA PRO C 234 19.00 26.96 13.30
C PRO C 234 19.48 27.09 14.75
N ASN C 235 20.56 27.83 14.97
CA ASN C 235 20.95 28.21 16.31
C ASN C 235 21.93 27.23 16.94
N ASP C 236 22.00 26.04 16.35
CA ASP C 236 22.93 25.02 16.85
C ASP C 236 24.32 25.27 16.27
N THR C 237 25.30 24.51 16.76
CA THR C 237 26.70 24.80 16.51
C THR C 237 27.45 23.49 16.23
N VAL C 238 28.11 23.42 15.07
CA VAL C 238 29.12 22.37 14.85
C VAL C 238 30.49 22.75 15.40
N THR C 239 31.09 21.82 16.13
CA THR C 239 32.51 21.90 16.46
C THR C 239 33.31 20.79 15.77
N PHE C 240 34.38 21.20 15.07
CA PHE C 240 35.40 20.26 14.59
C PHE C 240 36.65 20.32 15.47
N SER C 241 37.03 19.18 16.05
CA SER C 241 38.37 19.07 16.65
C SER C 241 39.20 17.98 16.00
N PHE C 242 40.49 18.27 15.80
CA PHE C 242 41.31 17.48 14.89
C PHE C 242 42.78 17.84 14.99
N ASN C 243 43.62 16.92 14.52
CA ASN C 243 45.06 17.09 14.51
C ASN C 243 45.63 16.54 13.22
N GLY C 244 44.86 16.69 12.14
CA GLY C 244 45.31 16.31 10.80
C GLY C 244 44.36 15.41 10.03
N ALA C 245 44.74 15.10 8.79
CA ALA C 245 43.91 14.29 7.90
C ALA C 245 42.51 14.84 7.75
N PHE C 246 42.38 16.16 7.86
CA PHE C 246 41.10 16.86 7.87
C PHE C 246 40.93 17.82 6.68
N ILE C 247 39.87 17.61 5.89
CA ILE C 247 39.55 18.49 4.78
C ILE C 247 38.41 19.38 5.19
N ALA C 248 38.72 20.66 5.45
CA ALA C 248 37.78 21.55 6.10
C ALA C 248 36.83 22.22 5.12
N PRO C 249 35.55 22.35 5.51
CA PRO C 249 34.63 23.14 4.73
C PRO C 249 34.98 24.63 4.80
N ASP C 250 34.92 25.35 3.68
CA ASP C 250 34.99 26.80 3.69
C ASP C 250 33.61 27.46 3.72
N ARG C 251 32.65 26.83 3.06
CA ARG C 251 31.31 27.37 3.00
C ARG C 251 30.30 26.35 3.45
N ALA C 252 29.22 26.83 4.05
CA ALA C 252 28.09 25.98 4.36
C ALA C 252 27.06 26.11 3.25
N SER C 253 26.09 25.21 3.21
CA SER C 253 25.08 25.24 2.13
C SER C 253 23.69 25.37 2.71
N PHE C 254 22.94 26.37 2.27
CA PHE C 254 21.56 26.48 2.65
C PHE C 254 20.67 26.17 1.48
N LEU C 255 19.63 25.37 1.73
CA LEU C 255 18.65 24.98 0.71
C LEU C 255 17.70 26.13 0.41
N ARG C 256 17.34 26.33 -0.85
CA ARG C 256 16.63 27.55 -1.28
C ARG C 256 15.11 27.49 -1.15
N GLY C 257 14.53 26.31 -1.23
CA GLY C 257 13.09 26.21 -1.38
C GLY C 257 12.64 24.82 -1.73
N LYS C 258 12.01 24.68 -2.89
CA LYS C 258 11.43 23.41 -3.28
C LYS C 258 11.81 23.10 -4.71
N SER C 259 12.08 21.83 -4.98
CA SER C 259 12.34 21.35 -6.34
C SER C 259 12.03 19.88 -6.45
N MET C 260 11.90 19.38 -7.66
CA MET C 260 11.94 17.95 -7.88
C MET C 260 13.23 17.60 -8.61
N GLY C 261 13.69 16.37 -8.43
CA GLY C 261 14.85 15.89 -9.16
C GLY C 261 14.51 14.64 -9.93
N ILE C 262 15.13 14.46 -11.08
CA ILE C 262 14.86 13.30 -11.89
C ILE C 262 16.16 12.85 -12.51
N GLN C 263 16.20 11.60 -12.95
CA GLN C 263 17.32 11.10 -13.74
C GLN C 263 16.85 10.80 -15.13
N SER C 264 17.61 11.27 -16.12
CA SER C 264 17.13 11.22 -17.49
C SER C 264 18.19 10.98 -18.52
N GLU C 265 17.74 10.47 -19.66
CA GLU C 265 18.60 10.19 -20.77
C GLU C 265 18.11 10.88 -22.04
N VAL C 266 17.21 11.84 -21.89
CA VAL C 266 16.66 12.52 -23.04
C VAL C 266 16.87 14.03 -22.99
N GLN C 267 16.73 14.68 -24.14
CA GLN C 267 16.86 16.15 -24.27
C GLN C 267 15.78 16.87 -23.48
N VAL C 268 16.08 18.11 -23.13
CA VAL C 268 15.14 19.01 -22.52
C VAL C 268 14.30 19.69 -23.61
N ASP C 269 13.05 20.01 -23.29
CA ASP C 269 12.18 20.70 -24.22
C ASP C 269 11.37 21.74 -23.46
N ALA C 270 11.65 23.01 -23.73
CA ALA C 270 11.05 24.12 -22.99
C ALA C 270 9.70 24.48 -23.64
N ASN C 271 9.24 23.62 -24.53
CA ASN C 271 8.05 23.92 -25.27
C ASN C 271 6.81 23.10 -24.87
N CYS C 272 7.03 21.87 -24.40
CA CYS C 272 5.93 21.05 -23.89
C CYS C 272 5.95 21.08 -22.37
N GLU C 273 4.89 20.58 -21.75
CA GLU C 273 4.57 20.89 -20.37
C GLU C 273 3.99 19.65 -19.71
N GLY C 274 4.65 19.18 -18.65
CA GLY C 274 4.21 17.99 -17.95
C GLY C 274 4.75 17.98 -16.54
N ASP C 275 4.11 17.21 -15.67
CA ASP C 275 4.59 17.06 -14.32
C ASP C 275 4.99 15.65 -13.92
N CYS C 276 5.13 14.76 -14.90
CA CYS C 276 5.36 13.35 -14.62
C CYS C 276 6.49 12.84 -15.51
N TYR C 277 7.58 12.40 -14.89
CA TYR C 277 8.88 12.26 -15.59
C TYR C 277 9.42 10.87 -15.30
N HIS C 278 10.31 10.41 -16.18
CA HIS C 278 10.98 9.14 -16.01
C HIS C 278 12.15 9.15 -16.96
N SER C 279 13.13 8.27 -16.80
CA SER C 279 14.43 8.48 -17.43
C SER C 279 14.35 8.59 -18.95
N GLY C 280 13.22 8.19 -19.51
CA GLY C 280 13.04 8.18 -20.96
C GLY C 280 11.96 9.13 -21.42
N GLY C 281 11.49 9.99 -20.52
CA GLY C 281 10.84 11.23 -20.89
C GLY C 281 9.69 11.66 -19.97
N THR C 282 8.68 12.26 -20.58
CA THR C 282 7.59 12.85 -19.84
C THR C 282 6.34 12.08 -20.23
N ILE C 283 5.48 11.82 -19.25
CA ILE C 283 4.14 11.31 -19.50
C ILE C 283 3.10 12.41 -19.43
N ILE C 284 2.65 12.88 -20.60
CA ILE C 284 1.61 13.92 -20.68
C ILE C 284 0.23 13.30 -20.90
N SER C 285 -0.71 13.56 -19.99
CA SER C 285 -1.97 12.85 -20.03
C SER C 285 -2.88 13.26 -18.90
N ASN C 286 -4.19 13.23 -19.15
CA ASN C 286 -5.16 13.37 -18.07
C ASN C 286 -5.68 12.05 -17.52
N LEU C 287 -5.30 10.93 -18.13
CA LEU C 287 -5.97 9.67 -17.85
C LEU C 287 -5.59 9.17 -16.47
N PRO C 288 -6.50 8.46 -15.78
CA PRO C 288 -6.19 8.12 -14.37
C PRO C 288 -4.96 7.21 -14.20
N PHE C 289 -4.69 6.31 -15.14
CA PHE C 289 -3.60 5.32 -15.01
C PHE C 289 -2.65 5.29 -16.23
N GLN C 290 -1.54 4.57 -16.11
CA GLN C 290 -0.51 4.59 -17.13
C GLN C 290 0.29 3.30 -17.10
N ASN C 291 0.80 2.88 -18.25
CA ASN C 291 1.46 1.59 -18.37
C ASN C 291 2.84 1.77 -18.97
N ILE C 292 3.43 2.92 -18.72
CA ILE C 292 4.63 3.29 -19.40
C ILE C 292 5.86 2.98 -18.56
N ASN C 293 5.82 3.36 -17.29
CA ASN C 293 6.96 3.21 -16.44
C ASN C 293 6.59 3.26 -14.97
N SER C 294 6.85 2.17 -14.27
CA SER C 294 6.39 2.07 -12.91
C SER C 294 7.22 2.94 -11.98
N ARG C 295 8.34 3.48 -12.46
CA ARG C 295 9.16 4.35 -11.66
C ARG C 295 9.08 5.86 -11.97
N ALA C 296 8.06 6.28 -12.72
CA ALA C 296 7.79 7.69 -12.98
C ALA C 296 7.75 8.42 -11.66
N VAL C 297 8.07 9.71 -11.67
CA VAL C 297 8.00 10.51 -10.45
C VAL C 297 7.38 11.83 -10.83
N GLY C 298 6.91 12.57 -9.83
CA GLY C 298 6.16 13.79 -10.08
C GLY C 298 4.70 13.66 -9.68
N LYS C 299 3.83 14.40 -10.34
CA LYS C 299 2.39 14.16 -10.30
C LYS C 299 1.98 13.35 -11.50
N CYS C 300 1.67 12.06 -11.29
CA CYS C 300 1.50 11.06 -12.35
C CYS C 300 0.14 10.33 -12.31
N PRO C 301 -0.29 9.80 -13.47
CA PRO C 301 -1.29 8.73 -13.38
C PRO C 301 -0.73 7.51 -12.65
N ARG C 302 -1.60 6.80 -11.94
CA ARG C 302 -1.20 5.61 -11.17
C ARG C 302 -0.74 4.51 -12.13
N TYR C 303 0.39 3.89 -11.83
CA TYR C 303 0.93 2.88 -12.73
C TYR C 303 0.10 1.62 -12.63
N VAL C 304 -0.26 1.02 -13.76
CA VAL C 304 -0.93 -0.28 -13.72
C VAL C 304 -0.29 -1.35 -14.64
N LYS C 305 -0.54 -2.62 -14.34
CA LYS C 305 -0.11 -3.78 -15.16
C LYS C 305 -0.74 -3.81 -16.55
N GLN C 306 -2.01 -3.43 -16.64
CA GLN C 306 -2.77 -3.60 -17.87
C GLN C 306 -2.32 -2.62 -18.94
N GLU C 307 -2.28 -3.06 -20.18
CA GLU C 307 -2.03 -2.19 -21.31
C GLU C 307 -3.21 -1.32 -21.71
N SER C 308 -4.42 -1.82 -21.52
CA SER C 308 -5.61 -1.09 -21.92
C SER C 308 -6.80 -1.44 -21.03
N LEU C 309 -7.59 -0.43 -20.65
CA LEU C 309 -8.85 -0.66 -19.94
C LEU C 309 -9.92 0.30 -20.48
N LEU C 310 -10.78 -0.19 -21.36
CA LEU C 310 -11.77 0.69 -21.98
C LEU C 310 -12.99 0.96 -21.10
N LEU C 311 -13.38 2.23 -21.06
CA LEU C 311 -14.55 2.70 -20.34
C LEU C 311 -15.66 3.03 -21.33
N ALA C 312 -16.83 2.43 -21.15
CA ALA C 312 -17.91 2.59 -22.10
C ALA C 312 -18.46 4.00 -22.00
N THR C 313 -18.62 4.67 -23.14
CA THR C 313 -19.22 6.01 -23.18
C THR C 313 -20.48 6.06 -24.02
N GLY C 314 -21.09 4.89 -24.21
CA GLY C 314 -22.35 4.80 -24.91
C GLY C 314 -23.09 3.57 -24.46
N MET C 315 -24.21 3.29 -25.12
CA MET C 315 -25.11 2.22 -24.70
C MET C 315 -24.64 0.91 -25.28
N LYS C 316 -25.16 -0.19 -24.71
CA LYS C 316 -25.13 -1.50 -25.35
C LYS C 316 -25.53 -1.34 -26.82
N ASN C 317 -24.65 -1.80 -27.73
CA ASN C 317 -24.87 -1.60 -29.16
C ASN C 317 -25.47 -2.84 -29.80
N VAL C 318 -26.57 -2.65 -30.53
CA VAL C 318 -27.26 -3.77 -31.18
C VAL C 318 -27.51 -3.49 -32.67
N PRO C 319 -26.72 -4.12 -33.55
CA PRO C 319 -26.84 -3.86 -34.98
C PRO C 319 -27.95 -4.70 -35.64
N GLU C 320 -28.38 -4.27 -36.82
CA GLU C 320 -29.37 -5.01 -37.60
C GLU C 320 -28.71 -6.14 -38.38
N GLY D 1 -29.43 -4.29 -20.30
CA GLY D 1 -29.61 -5.69 -19.78
C GLY D 1 -30.54 -5.81 -18.59
N LEU D 2 -30.51 -4.81 -17.71
CA LEU D 2 -31.13 -4.87 -16.38
C LEU D 2 -32.61 -4.46 -16.40
N PHE D 3 -32.98 -3.60 -17.34
CA PHE D 3 -34.33 -3.08 -17.43
C PHE D 3 -35.08 -3.71 -18.61
N GLY D 4 -34.36 -4.45 -19.44
CA GLY D 4 -34.97 -5.34 -20.43
C GLY D 4 -35.52 -4.63 -21.64
N ALA D 5 -35.02 -3.43 -21.91
CA ALA D 5 -35.41 -2.71 -23.12
C ALA D 5 -34.41 -2.93 -24.25
N ILE D 6 -33.22 -2.35 -24.10
CA ILE D 6 -32.17 -2.48 -25.10
C ILE D 6 -31.65 -3.92 -25.16
N ALA D 7 -31.72 -4.52 -26.34
CA ALA D 7 -31.47 -5.95 -26.50
C ALA D 7 -32.48 -6.78 -25.72
N GLY D 8 -33.61 -6.17 -25.36
CA GLY D 8 -34.66 -6.85 -24.61
C GLY D 8 -35.91 -7.08 -25.44
N PHE D 9 -36.93 -6.28 -25.20
CA PHE D 9 -38.16 -6.37 -25.98
C PHE D 9 -38.16 -5.48 -27.22
N ILE D 10 -37.41 -4.37 -27.18
CA ILE D 10 -36.93 -3.77 -28.43
C ILE D 10 -35.94 -4.72 -29.10
N GLU D 11 -36.13 -4.96 -30.39
CA GLU D 11 -35.39 -6.00 -31.09
C GLU D 11 -33.96 -5.56 -31.39
N ASN D 12 -33.80 -4.33 -31.82
CA ASN D 12 -32.48 -3.74 -32.04
C ASN D 12 -32.52 -2.24 -32.21
N GLY D 13 -31.40 -1.68 -32.65
CA GLY D 13 -31.26 -0.24 -32.75
C GLY D 13 -31.23 0.23 -34.18
N TRP D 14 -31.32 1.54 -34.36
CA TRP D 14 -31.50 2.11 -35.68
C TRP D 14 -30.24 2.82 -36.13
N GLU D 15 -29.50 2.19 -37.03
CA GLU D 15 -28.27 2.76 -37.57
C GLU D 15 -28.52 4.08 -38.29
N GLY D 16 -29.75 4.25 -38.78
CA GLY D 16 -30.13 5.46 -39.51
C GLY D 16 -30.67 6.55 -38.61
N LEU D 17 -30.42 6.43 -37.31
CA LEU D 17 -30.74 7.50 -36.38
C LEU D 17 -29.47 8.23 -35.94
N ILE D 18 -29.05 9.21 -36.74
CA ILE D 18 -27.77 9.87 -36.54
C ILE D 18 -27.82 10.98 -35.48
N ASP D 19 -29.01 11.52 -35.23
CA ASP D 19 -29.14 12.78 -34.51
C ASP D 19 -29.51 12.65 -33.04
N GLY D 20 -29.31 11.46 -32.47
CA GLY D 20 -29.62 11.22 -31.05
C GLY D 20 -29.45 9.77 -30.64
N TRP D 21 -29.77 9.50 -29.39
CA TRP D 21 -29.63 8.15 -28.83
C TRP D 21 -30.97 7.44 -28.81
N TYR D 22 -32.00 8.15 -28.34
CA TYR D 22 -33.36 7.64 -28.30
C TYR D 22 -34.27 8.48 -29.20
N GLY D 23 -35.25 7.83 -29.84
CA GLY D 23 -36.09 8.52 -30.80
C GLY D 23 -37.38 7.81 -31.14
N PHE D 24 -38.18 8.46 -31.97
CA PHE D 24 -39.47 7.93 -32.43
C PHE D 24 -39.44 7.66 -33.93
N ARG D 25 -39.97 6.51 -34.32
CA ARG D 25 -40.22 6.20 -35.72
C ARG D 25 -41.69 5.81 -35.87
N HIS D 26 -42.41 6.53 -36.73
CA HIS D 26 -43.85 6.35 -36.83
C HIS D 26 -44.31 5.91 -38.22
N GLN D 27 -45.52 5.35 -38.27
CA GLN D 27 -46.20 5.07 -39.53
C GLN D 27 -47.67 5.48 -39.42
N ASN D 28 -48.14 6.27 -40.38
CA ASN D 28 -49.54 6.68 -40.42
C ASN D 28 -50.01 6.93 -41.84
N ALA D 29 -51.11 7.66 -41.97
CA ALA D 29 -51.77 7.87 -43.26
C ALA D 29 -50.89 8.64 -44.24
N GLN D 30 -50.23 9.69 -43.75
CA GLN D 30 -49.51 10.61 -44.63
C GLN D 30 -48.16 10.06 -45.08
N GLY D 31 -47.51 9.28 -44.22
CA GLY D 31 -46.19 8.74 -44.51
C GLY D 31 -45.43 8.31 -43.27
N GLU D 32 -44.16 7.97 -43.46
CA GLU D 32 -43.32 7.42 -42.39
C GLU D 32 -42.24 8.42 -41.98
N GLY D 33 -41.91 8.44 -40.68
CA GLY D 33 -41.00 9.46 -40.15
C GLY D 33 -40.05 8.96 -39.06
N THR D 34 -38.90 9.64 -38.94
CA THR D 34 -37.89 9.32 -37.94
C THR D 34 -37.32 10.60 -37.35
N ALA D 35 -37.54 10.82 -36.05
CA ALA D 35 -37.03 12.02 -35.38
C ALA D 35 -36.69 11.76 -33.91
N ALA D 36 -35.52 12.22 -33.48
CA ALA D 36 -34.96 11.84 -32.18
C ALA D 36 -35.57 12.60 -31.00
N ASP D 37 -35.51 11.99 -29.81
CA ASP D 37 -35.92 12.67 -28.57
C ASP D 37 -34.74 13.31 -27.83
N TYR D 38 -34.79 14.63 -27.69
CA TYR D 38 -33.66 15.40 -27.17
C TYR D 38 -33.46 15.20 -25.66
N LYS D 39 -34.54 15.22 -24.89
CA LYS D 39 -34.46 15.31 -23.44
C LYS D 39 -33.95 14.03 -22.78
N SER D 40 -34.31 12.89 -23.35
CA SER D 40 -33.79 11.61 -22.85
C SER D 40 -32.36 11.33 -23.31
N THR D 41 -32.02 11.79 -24.50
CA THR D 41 -30.64 11.73 -25.00
C THR D 41 -29.72 12.59 -24.14
N GLN D 42 -30.05 13.86 -24.03
CA GLN D 42 -29.34 14.80 -23.17
C GLN D 42 -29.15 14.23 -21.76
N SER D 43 -30.16 13.52 -21.27
CA SER D 43 -30.13 13.01 -19.91
C SER D 43 -29.04 11.96 -19.75
N ALA D 44 -29.01 11.01 -20.66
CA ALA D 44 -27.97 9.99 -20.67
C ALA D 44 -26.59 10.61 -20.88
N ILE D 45 -26.35 11.22 -22.03
CA ILE D 45 -25.13 11.99 -22.24
C ILE D 45 -24.65 12.72 -20.98
N ASP D 46 -25.57 13.37 -20.28
CA ASP D 46 -25.19 14.17 -19.11
C ASP D 46 -24.63 13.32 -17.97
N GLN D 47 -25.16 12.11 -17.85
CA GLN D 47 -24.68 11.18 -16.85
C GLN D 47 -23.33 10.56 -17.22
N ILE D 48 -23.13 10.27 -18.51
CA ILE D 48 -21.86 9.74 -18.97
C ILE D 48 -20.72 10.76 -18.87
N THR D 49 -21.04 12.02 -19.12
CA THR D 49 -20.09 13.12 -18.97
C THR D 49 -19.75 13.32 -17.50
N GLY D 50 -20.75 13.19 -16.65
CA GLY D 50 -20.59 13.19 -15.20
C GLY D 50 -19.55 12.19 -14.76
N LYS D 51 -19.70 10.95 -15.20
CA LYS D 51 -18.66 9.92 -15.00
C LYS D 51 -17.28 10.40 -15.44
N LEU D 52 -17.14 10.68 -16.73
CA LEU D 52 -15.87 11.11 -17.30
C LEU D 52 -15.18 12.20 -16.50
N ASN D 53 -15.94 13.17 -16.02
CA ASN D 53 -15.37 14.29 -15.27
C ASN D 53 -14.77 13.83 -13.96
N ARG D 54 -15.35 12.78 -13.39
CA ARG D 54 -14.89 12.22 -12.14
C ARG D 54 -13.62 11.41 -12.33
N LEU D 55 -13.53 10.70 -13.46
CA LEU D 55 -12.47 9.71 -13.71
C LEU D 55 -11.26 10.26 -14.46
N ILE D 56 -11.49 11.13 -15.43
CA ILE D 56 -10.40 11.76 -16.14
C ILE D 56 -9.77 12.83 -15.23
N GLU D 57 -9.45 12.40 -14.01
CA GLU D 57 -9.09 13.34 -12.96
C GLU D 57 -7.57 13.32 -12.76
N LYS D 58 -7.07 14.48 -12.35
CA LYS D 58 -5.64 14.65 -12.05
C LYS D 58 -5.38 14.59 -10.52
N THR D 59 -4.59 13.60 -10.10
CA THR D 59 -4.04 13.58 -8.73
C THR D 59 -3.00 14.66 -8.55
N ASN D 60 -3.29 15.59 -7.65
CA ASN D 60 -2.32 16.63 -7.33
C ASN D 60 -1.16 16.18 -6.44
N GLN D 61 -0.87 14.87 -6.39
CA GLN D 61 0.07 14.37 -5.39
C GLN D 61 1.45 14.10 -5.93
N GLN D 62 2.46 14.70 -5.32
CA GLN D 62 3.80 14.59 -5.84
C GLN D 62 4.52 13.44 -5.18
N PHE D 63 5.18 12.60 -5.97
CA PHE D 63 6.09 11.60 -5.43
C PHE D 63 7.51 11.84 -5.92
N GLU D 64 8.50 11.41 -5.14
CA GLU D 64 9.91 11.62 -5.48
C GLU D 64 10.58 10.29 -5.65
N LEU D 65 11.76 10.29 -6.28
CA LEU D 65 12.64 9.13 -6.27
C LEU D 65 12.92 8.72 -4.83
N ILE D 66 12.79 7.42 -4.50
CA ILE D 66 13.50 6.88 -3.31
C ILE D 66 14.55 5.90 -3.76
N ASP D 67 14.90 6.03 -5.02
CA ASP D 67 15.48 4.93 -5.78
C ASP D 67 16.57 5.60 -6.56
N ASN D 68 17.35 4.80 -7.27
CA ASN D 68 18.44 5.34 -8.05
C ASN D 68 18.80 4.42 -9.17
N GLU D 69 18.63 4.93 -10.39
CA GLU D 69 18.79 4.18 -11.62
C GLU D 69 20.22 4.15 -12.10
N PHE D 70 21.08 4.99 -11.55
CA PHE D 70 22.43 5.18 -12.09
C PHE D 70 23.50 4.48 -11.24
N THR D 71 23.56 4.77 -9.94
CA THR D 71 24.13 3.83 -8.95
C THR D 71 23.09 3.23 -8.02
N GLU D 72 23.01 1.91 -8.02
CA GLU D 72 21.98 1.18 -7.29
C GLU D 72 22.10 1.42 -5.76
N VAL D 73 20.97 1.59 -5.09
CA VAL D 73 20.99 1.68 -3.62
C VAL D 73 21.40 0.35 -2.98
N GLU D 74 21.83 0.37 -1.71
CA GLU D 74 22.22 -0.86 -1.01
C GLU D 74 21.09 -1.85 -1.18
N ARG D 75 21.43 -3.12 -1.34
CA ARG D 75 20.47 -4.04 -1.88
C ARG D 75 19.26 -4.26 -0.96
N GLN D 76 19.49 -4.26 0.36
CA GLN D 76 18.43 -4.61 1.29
C GLN D 76 17.28 -3.61 1.21
N ILE D 77 17.61 -2.33 1.38
CA ILE D 77 16.61 -1.32 1.26
C ILE D 77 16.11 -1.28 -0.18
N GLY D 78 16.97 -1.64 -1.13
CA GLY D 78 16.53 -1.81 -2.50
C GLY D 78 15.33 -2.73 -2.58
N ASN D 79 15.45 -3.91 -1.98
CA ASN D 79 14.40 -4.91 -2.09
C ASN D 79 13.12 -4.52 -1.33
N VAL D 80 13.28 -3.82 -0.22
CA VAL D 80 12.07 -3.32 0.43
C VAL D 80 11.33 -2.35 -0.46
N ILE D 81 12.06 -1.41 -1.09
CA ILE D 81 11.41 -0.45 -1.97
C ILE D 81 10.65 -1.17 -3.10
N ASN D 82 11.29 -2.18 -3.68
CA ASN D 82 10.68 -2.88 -4.81
C ASN D 82 9.43 -3.66 -4.37
N TRP D 83 9.54 -4.30 -3.22
CA TRP D 83 8.42 -5.07 -2.73
C TRP D 83 7.21 -4.19 -2.45
N THR D 84 7.46 -2.96 -1.99
CA THR D 84 6.35 -2.05 -1.74
C THR D 84 5.76 -1.54 -3.07
N ARG D 85 6.64 -1.12 -3.95
CA ARG D 85 6.22 -0.62 -5.26
C ARG D 85 5.38 -1.71 -5.96
N ASP D 86 5.91 -2.93 -6.00
CA ASP D 86 5.15 -4.06 -6.53
C ASP D 86 3.83 -4.27 -5.80
N SER D 87 3.84 -4.09 -4.48
CA SER D 87 2.59 -4.13 -3.73
C SER D 87 1.57 -3.09 -4.17
N MET D 88 2.02 -1.86 -4.44
CA MET D 88 1.11 -0.79 -4.89
C MET D 88 0.62 -1.08 -6.28
N THR D 89 1.47 -1.66 -7.11
CA THR D 89 1.05 -1.96 -8.46
C THR D 89 -0.10 -2.97 -8.49
N GLU D 90 -0.02 -3.97 -7.60
CA GLU D 90 -1.13 -4.91 -7.37
C GLU D 90 -2.43 -4.23 -6.97
N VAL D 91 -2.36 -3.29 -6.01
CA VAL D 91 -3.57 -2.60 -5.59
C VAL D 91 -4.18 -1.76 -6.73
N TRP D 92 -3.33 -0.95 -7.36
CA TRP D 92 -3.85 -0.06 -8.38
C TRP D 92 -4.40 -0.82 -9.56
N SER D 93 -3.75 -1.93 -9.94
CA SER D 93 -4.21 -2.71 -11.10
C SER D 93 -5.56 -3.31 -10.77
N TYR D 94 -5.70 -3.81 -9.54
CA TYR D 94 -6.96 -4.39 -9.07
C TYR D 94 -8.03 -3.32 -9.06
N ASN D 95 -7.69 -2.16 -8.49
CA ASN D 95 -8.63 -1.05 -8.42
C ASN D 95 -9.08 -0.64 -9.79
N ALA D 96 -8.13 -0.41 -10.69
CA ALA D 96 -8.41 0.10 -12.03
C ALA D 96 -9.40 -0.80 -12.77
N GLU D 97 -9.14 -2.10 -12.72
CA GLU D 97 -9.92 -3.02 -13.50
C GLU D 97 -11.29 -3.13 -12.88
N LEU D 98 -11.36 -2.99 -11.56
CA LEU D 98 -12.64 -3.07 -10.89
C LEU D 98 -13.49 -1.87 -11.22
N LEU D 99 -12.91 -0.68 -11.10
CA LEU D 99 -13.65 0.56 -11.29
C LEU D 99 -14.25 0.51 -12.68
N VAL D 100 -13.48 -0.01 -13.63
CA VAL D 100 -13.87 0.03 -15.02
C VAL D 100 -15.00 -0.96 -15.31
N ALA D 101 -14.91 -2.13 -14.71
CA ALA D 101 -15.93 -3.14 -14.93
C ALA D 101 -17.26 -2.65 -14.35
N MET D 102 -17.17 -2.06 -13.16
CA MET D 102 -18.32 -1.57 -12.45
C MET D 102 -18.94 -0.37 -13.16
N GLU D 103 -18.12 0.61 -13.50
CA GLU D 103 -18.63 1.76 -14.22
C GLU D 103 -19.41 1.35 -15.45
N ASN D 104 -18.86 0.38 -16.18
CA ASN D 104 -19.44 -0.03 -17.45
C ASN D 104 -20.75 -0.74 -17.27
N GLN D 105 -20.78 -1.63 -16.29
CA GLN D 105 -22.01 -2.28 -15.88
C GLN D 105 -23.06 -1.24 -15.59
N HIS D 106 -22.65 -0.17 -14.93
CA HIS D 106 -23.60 0.87 -14.57
C HIS D 106 -24.01 1.73 -15.76
N THR D 107 -23.05 2.07 -16.62
CA THR D 107 -23.34 2.87 -17.80
C THR D 107 -24.32 2.15 -18.72
N ILE D 108 -24.00 0.91 -19.07
CA ILE D 108 -24.90 0.09 -19.86
C ILE D 108 -26.33 0.06 -19.30
N ASP D 109 -26.46 -0.23 -18.01
CA ASP D 109 -27.76 -0.27 -17.35
C ASP D 109 -28.44 1.09 -17.30
N LEU D 110 -27.62 2.14 -17.14
CA LEU D 110 -28.06 3.52 -17.26
C LEU D 110 -28.83 3.75 -18.55
N ALA D 111 -28.30 3.23 -19.64
CA ALA D 111 -28.86 3.48 -20.95
C ALA D 111 -30.14 2.68 -21.13
N ASP D 112 -30.11 1.41 -20.74
CA ASP D 112 -31.30 0.58 -20.74
C ASP D 112 -32.44 1.33 -20.05
N SER D 113 -32.15 1.89 -18.88
CA SER D 113 -33.15 2.51 -18.02
C SER D 113 -33.81 3.72 -18.66
N GLU D 114 -33.05 4.47 -19.45
CA GLU D 114 -33.57 5.71 -20.03
C GLU D 114 -34.52 5.42 -21.18
N MET D 115 -34.13 4.46 -22.01
CA MET D 115 -35.04 3.90 -22.99
C MET D 115 -36.36 3.51 -22.32
N ASN D 116 -36.28 2.66 -21.31
CA ASN D 116 -37.46 2.14 -20.65
C ASN D 116 -38.24 3.23 -19.92
N LYS D 117 -37.58 4.35 -19.65
CA LYS D 117 -38.27 5.51 -19.06
C LYS D 117 -39.04 6.28 -20.13
N LEU D 118 -38.48 6.35 -21.34
CA LEU D 118 -39.14 7.02 -22.45
C LEU D 118 -40.42 6.27 -22.82
N TYR D 119 -40.26 5.02 -23.24
CA TYR D 119 -41.37 4.10 -23.43
C TYR D 119 -42.51 4.34 -22.44
N GLU D 120 -42.23 4.22 -21.15
CA GLU D 120 -43.31 4.18 -20.16
C GLU D 120 -44.00 5.53 -20.01
N ARG D 121 -43.34 6.57 -20.48
CA ARG D 121 -43.87 7.93 -20.38
C ARG D 121 -44.90 8.13 -21.50
N VAL D 122 -44.56 7.63 -22.67
CA VAL D 122 -45.47 7.63 -23.81
C VAL D 122 -46.69 6.77 -23.51
N LYS D 123 -46.46 5.52 -23.13
CA LYS D 123 -47.53 4.63 -22.68
C LYS D 123 -48.50 5.34 -21.72
N ARG D 124 -47.94 6.09 -20.77
CA ARG D 124 -48.77 6.86 -19.86
C ARG D 124 -49.53 7.95 -20.61
N GLN D 125 -48.86 8.59 -21.55
CA GLN D 125 -49.47 9.67 -22.32
C GLN D 125 -50.74 9.16 -23.00
N LEU D 126 -50.63 8.02 -23.67
CA LEU D 126 -51.68 7.54 -24.55
C LEU D 126 -52.85 6.92 -23.80
N ARG D 127 -52.71 6.74 -22.49
CA ARG D 127 -53.81 6.33 -21.63
C ARG D 127 -54.51 5.05 -22.11
N GLU D 128 -55.59 5.21 -22.87
CA GLU D 128 -56.41 4.08 -23.31
C GLU D 128 -56.60 4.07 -24.83
N ASN D 129 -55.88 4.94 -25.52
CA ASN D 129 -56.07 5.14 -26.94
C ASN D 129 -55.12 4.31 -27.80
N ALA D 130 -54.30 3.48 -27.15
CA ALA D 130 -53.33 2.63 -27.84
C ALA D 130 -53.01 1.34 -27.08
N GLU D 131 -52.22 0.47 -27.69
CA GLU D 131 -51.88 -0.81 -27.08
C GLU D 131 -50.41 -1.17 -27.24
N GLU D 132 -49.83 -1.73 -26.18
CA GLU D 132 -48.49 -2.33 -26.25
C GLU D 132 -48.53 -3.63 -27.07
N ASP D 133 -47.94 -3.59 -28.26
CA ASP D 133 -47.80 -4.80 -29.06
C ASP D 133 -46.67 -5.67 -28.54
N GLY D 134 -45.62 -5.03 -28.01
CA GLY D 134 -44.61 -5.73 -27.23
C GLY D 134 -43.25 -5.83 -27.90
N THR D 135 -42.99 -4.97 -28.86
CA THR D 135 -41.67 -4.83 -29.44
C THR D 135 -41.25 -3.38 -29.42
N GLY D 136 -41.82 -2.63 -28.48
CA GLY D 136 -41.54 -1.21 -28.39
C GLY D 136 -42.31 -0.43 -29.42
N CYS D 137 -43.54 -0.86 -29.68
CA CYS D 137 -44.47 -0.10 -30.52
C CYS D 137 -45.80 0.16 -29.81
N PHE D 138 -46.45 1.23 -30.22
CA PHE D 138 -47.81 1.49 -29.80
C PHE D 138 -48.72 1.50 -31.02
N GLU D 139 -49.53 0.45 -31.15
CA GLU D 139 -50.60 0.43 -32.15
C GLU D 139 -51.70 1.41 -31.76
N ILE D 140 -51.85 2.48 -32.52
CA ILE D 140 -52.89 3.45 -32.24
C ILE D 140 -54.22 2.96 -32.80
N PHE D 141 -55.27 3.06 -31.98
CA PHE D 141 -56.59 2.64 -32.41
C PHE D 141 -57.47 3.82 -32.81
N HIS D 142 -56.83 4.81 -33.43
CA HIS D 142 -57.55 5.84 -34.15
C HIS D 142 -56.65 6.49 -35.19
N LYS D 143 -57.21 6.84 -36.34
CA LYS D 143 -56.51 7.63 -37.34
C LYS D 143 -55.84 8.84 -36.70
N CYS D 144 -54.55 9.03 -36.98
CA CYS D 144 -53.74 10.05 -36.30
C CYS D 144 -52.68 10.64 -37.23
N ASP D 145 -52.82 11.94 -37.51
CA ASP D 145 -52.07 12.60 -38.58
C ASP D 145 -50.71 13.11 -38.10
N ASP D 146 -49.94 13.69 -39.02
CA ASP D 146 -48.55 14.05 -38.75
C ASP D 146 -48.40 15.23 -37.81
N ASP D 147 -49.50 15.88 -37.47
CA ASP D 147 -49.49 16.87 -36.40
C ASP D 147 -49.95 16.23 -35.10
N CYS D 148 -50.56 15.06 -35.22
CA CYS D 148 -50.90 14.23 -34.05
C CYS D 148 -49.65 13.54 -33.52
N MET D 149 -48.77 13.13 -34.43
CA MET D 149 -47.48 12.56 -34.06
C MET D 149 -46.62 13.57 -33.30
N ALA D 150 -46.44 14.74 -33.90
CA ALA D 150 -45.63 15.80 -33.30
C ALA D 150 -46.22 16.35 -32.00
N SER D 151 -47.45 15.95 -31.69
CA SER D 151 -48.08 16.34 -30.43
C SER D 151 -47.77 15.33 -29.33
N ILE D 152 -47.57 14.07 -29.74
CA ILE D 152 -47.05 13.05 -28.86
C ILE D 152 -45.60 13.36 -28.47
N ARG D 153 -44.75 13.51 -29.49
CA ARG D 153 -43.35 13.83 -29.29
C ARG D 153 -43.16 14.88 -28.21
N ASN D 154 -43.49 16.13 -28.51
CA ASN D 154 -43.30 17.20 -27.55
C ASN D 154 -44.36 17.23 -26.45
N ASN D 155 -44.95 16.07 -26.18
CA ASN D 155 -45.75 15.87 -24.97
C ASN D 155 -46.91 16.86 -24.84
N THR D 156 -47.88 16.74 -25.73
CA THR D 156 -49.09 17.55 -25.67
C THR D 156 -50.35 16.73 -25.99
N TYR D 157 -50.18 15.66 -26.77
CA TYR D 157 -51.28 14.77 -27.13
C TYR D 157 -52.33 14.72 -26.04
N ASP D 158 -53.50 15.31 -26.32
CA ASP D 158 -54.65 15.25 -25.42
C ASP D 158 -55.47 13.99 -25.70
N HIS D 159 -55.56 13.11 -24.69
CA HIS D 159 -56.13 11.79 -24.89
C HIS D 159 -57.64 11.82 -25.13
N SER D 160 -58.37 12.47 -24.23
CA SER D 160 -59.84 12.41 -24.27
C SER D 160 -60.41 13.06 -25.53
N LYS D 161 -59.54 13.66 -26.35
CA LYS D 161 -60.00 14.25 -27.62
C LYS D 161 -60.44 13.19 -28.66
N TYR D 162 -59.66 12.11 -28.81
CA TYR D 162 -59.84 11.04 -29.71
C TYR D 162 -60.24 9.78 -28.95
N ARG D 163 -60.72 9.93 -27.71
CA ARG D 163 -60.83 8.79 -26.76
C ARG D 163 -62.03 7.92 -27.10
N GLU D 164 -63.19 8.56 -27.10
CA GLU D 164 -64.43 7.98 -27.60
C GLU D 164 -64.23 7.16 -28.89
N GLU D 165 -63.63 7.78 -29.92
CA GLU D 165 -63.38 7.07 -31.18
C GLU D 165 -62.56 5.79 -30.92
N ALA D 166 -61.42 5.94 -30.22
CA ALA D 166 -60.44 4.87 -30.09
C ALA D 166 -60.94 3.73 -29.22
N ILE D 167 -61.68 4.07 -28.17
CA ILE D 167 -62.14 3.07 -27.21
C ILE D 167 -63.08 2.05 -27.85
N GLN D 168 -64.06 2.54 -28.60
CA GLN D 168 -64.99 1.68 -29.34
C GLN D 168 -64.31 1.04 -30.55
N ASN D 169 -63.23 1.66 -31.02
CA ASN D 169 -62.36 1.04 -32.01
C ASN D 169 -61.66 -0.19 -31.45
N ARG D 170 -61.41 -0.19 -30.15
CA ARG D 170 -60.85 -1.35 -29.46
C ARG D 170 -61.93 -2.37 -29.12
N ILE D 171 -63.19 -1.92 -29.13
CA ILE D 171 -64.34 -2.79 -28.91
C ILE D 171 -65.37 -2.66 -30.03
N GLY E 4 -64.89 12.43 -11.92
CA GLY E 4 -64.38 11.32 -11.03
C GLY E 4 -63.60 11.86 -9.86
N ASP E 5 -63.08 10.95 -9.04
CA ASP E 5 -62.15 11.30 -7.96
C ASP E 5 -60.74 10.89 -8.35
N LYS E 6 -59.80 11.07 -7.42
CA LYS E 6 -58.41 10.65 -7.62
C LYS E 6 -57.70 10.33 -6.31
N ILE E 7 -56.81 9.32 -6.38
CA ILE E 7 -55.79 9.12 -5.36
C ILE E 7 -54.38 9.33 -5.95
N CYS E 8 -53.48 9.92 -5.16
CA CYS E 8 -52.11 10.22 -5.62
C CYS E 8 -51.07 9.87 -4.57
N LEU E 9 -50.06 9.09 -4.96
CA LEU E 9 -48.91 8.87 -4.09
C LEU E 9 -47.74 9.79 -4.38
N GLY E 10 -46.82 9.88 -3.43
CA GLY E 10 -45.78 10.89 -3.45
C GLY E 10 -44.81 10.69 -2.30
N HIS E 11 -43.75 11.49 -2.30
CA HIS E 11 -42.61 11.29 -1.40
C HIS E 11 -42.27 12.62 -0.74
N HIS E 12 -41.56 12.58 0.37
CA HIS E 12 -41.28 13.83 1.08
C HIS E 12 -40.17 14.68 0.48
N ALA E 13 -40.07 15.90 0.98
CA ALA E 13 -38.99 16.80 0.60
C ALA E 13 -38.82 17.86 1.69
N VAL E 14 -37.77 18.67 1.57
CA VAL E 14 -37.49 19.72 2.53
C VAL E 14 -36.99 20.97 1.80
N SER E 15 -37.05 22.13 2.43
CA SER E 15 -36.79 23.37 1.71
C SER E 15 -35.31 23.62 1.46
N ASN E 16 -34.48 23.27 2.45
CA ASN E 16 -33.04 23.17 2.25
C ASN E 16 -32.57 21.74 2.49
N GLY E 17 -32.04 21.12 1.44
CA GLY E 17 -31.28 19.89 1.61
C GLY E 17 -29.78 20.12 1.57
N THR E 18 -29.02 19.02 1.51
CA THR E 18 -27.55 19.11 1.42
C THR E 18 -26.95 18.40 0.20
N LYS E 19 -25.87 18.96 -0.31
CA LYS E 19 -25.24 18.48 -1.53
C LYS E 19 -24.26 17.32 -1.27
N VAL E 20 -24.44 16.21 -1.99
CA VAL E 20 -23.50 15.11 -1.99
C VAL E 20 -22.90 14.96 -3.38
N ASN E 21 -21.94 14.05 -3.53
CA ASN E 21 -21.54 13.62 -4.87
C ASN E 21 -22.00 12.21 -5.20
N THR E 22 -22.30 11.97 -6.47
CA THR E 22 -22.53 10.61 -6.94
C THR E 22 -21.60 10.22 -8.08
N LEU E 23 -21.87 9.05 -8.65
CA LEU E 23 -21.06 8.48 -9.71
C LEU E 23 -21.20 9.30 -10.98
N THR E 24 -22.21 10.16 -10.99
CA THR E 24 -22.82 10.64 -12.21
C THR E 24 -23.05 12.15 -12.19
N GLU E 25 -23.11 12.74 -10.99
CA GLU E 25 -23.35 14.18 -10.84
C GLU E 25 -22.66 14.72 -9.59
N ARG E 26 -22.14 15.95 -9.67
CA ARG E 26 -21.63 16.65 -8.50
C ARG E 26 -22.72 17.52 -7.87
N GLY E 27 -22.67 17.66 -6.55
CA GLY E 27 -23.58 18.55 -5.85
C GLY E 27 -25.06 18.30 -6.09
N VAL E 28 -25.47 17.04 -6.07
CA VAL E 28 -26.88 16.72 -6.13
C VAL E 28 -27.52 16.73 -4.74
N GLU E 29 -28.62 17.49 -4.61
CA GLU E 29 -29.26 17.72 -3.33
C GLU E 29 -30.08 16.53 -2.87
N VAL E 30 -29.78 16.00 -1.69
CA VAL E 30 -30.64 15.01 -1.04
C VAL E 30 -31.17 15.55 0.28
N VAL E 31 -32.06 14.77 0.89
CA VAL E 31 -32.86 15.22 2.03
C VAL E 31 -32.05 15.32 3.34
N ASN E 32 -31.36 14.23 3.69
CA ASN E 32 -30.41 14.22 4.80
C ASN E 32 -29.12 13.54 4.34
N ALA E 33 -27.98 14.04 4.82
CA ALA E 33 -26.68 13.39 4.59
C ALA E 33 -25.83 13.44 5.86
N THR E 34 -24.83 12.56 5.94
CA THR E 34 -23.95 12.55 7.11
C THR E 34 -22.45 12.41 6.83
N GLU E 35 -21.64 13.00 7.71
CA GLU E 35 -20.20 13.13 7.48
C GLU E 35 -19.51 11.81 7.66
N THR E 36 -18.38 11.66 6.98
CA THR E 36 -17.67 10.40 6.87
C THR E 36 -16.21 10.60 7.28
N VAL E 37 -15.78 11.86 7.33
CA VAL E 37 -14.40 12.18 7.63
C VAL E 37 -14.35 12.98 8.92
N GLU E 38 -13.71 12.41 9.93
CA GLU E 38 -13.51 13.09 11.22
C GLU E 38 -12.59 14.31 11.07
N ARG E 39 -13.05 15.45 11.57
CA ARG E 39 -12.22 16.66 11.55
C ARG E 39 -11.94 17.17 12.96
N THR E 40 -12.70 16.67 13.95
CA THR E 40 -12.59 17.18 15.32
C THR E 40 -11.55 16.46 16.18
N ASN E 41 -10.58 17.23 16.68
CA ASN E 41 -9.56 16.73 17.60
C ASN E 41 -9.94 16.93 19.07
N VAL E 42 -9.45 16.04 19.94
CA VAL E 42 -9.49 16.32 21.37
C VAL E 42 -8.08 16.62 21.87
N PRO E 43 -7.83 17.86 22.31
CA PRO E 43 -6.44 18.27 22.55
C PRO E 43 -5.84 17.75 23.86
N ARG E 44 -5.99 16.45 24.12
CA ARG E 44 -5.56 15.82 25.37
C ARG E 44 -5.31 14.35 25.06
N ILE E 45 -4.46 13.71 25.85
CA ILE E 45 -4.28 12.26 25.75
C ILE E 45 -5.36 11.54 26.57
N CYS E 46 -6.37 11.02 25.90
CA CYS E 46 -7.48 10.39 26.59
C CYS E 46 -7.05 9.02 27.10
N SER E 47 -6.78 8.94 28.39
CA SER E 47 -6.04 7.81 28.91
C SER E 47 -6.89 6.90 29.82
N LYS E 48 -8.21 7.11 29.84
CA LYS E 48 -9.09 6.49 30.80
C LYS E 48 -9.02 4.98 30.72
N GLY E 49 -8.69 4.34 31.84
CA GLY E 49 -8.70 2.88 31.91
C GLY E 49 -7.46 2.24 31.30
N LYS E 50 -6.47 3.05 30.97
CA LYS E 50 -5.18 2.53 30.58
C LYS E 50 -4.10 2.82 31.63
N ARG E 51 -3.26 1.84 31.90
CA ARG E 51 -2.11 2.02 32.77
C ARG E 51 -1.14 2.98 32.10
N THR E 52 -1.03 4.20 32.62
CA THR E 52 -0.23 5.21 31.90
C THR E 52 1.09 5.60 32.56
N VAL E 53 2.14 5.73 31.74
CA VAL E 53 3.39 6.30 32.22
C VAL E 53 3.80 7.46 31.32
N ASP E 54 3.68 8.68 31.84
CA ASP E 54 4.17 9.86 31.15
C ASP E 54 5.62 10.11 31.60
N LEU E 55 6.58 9.86 30.71
CA LEU E 55 7.99 9.88 31.07
C LEU E 55 8.56 11.25 31.44
N GLY E 56 7.90 12.33 30.99
CA GLY E 56 8.39 13.69 31.26
C GLY E 56 9.86 13.90 30.95
N GLN E 57 10.66 14.22 31.97
CA GLN E 57 12.08 14.52 31.79
C GLN E 57 12.89 13.29 31.45
N CYS E 58 12.35 12.10 31.71
CA CYS E 58 13.07 10.86 31.43
C CYS E 58 12.90 10.40 29.97
N GLY E 59 14.02 10.14 29.28
CA GLY E 59 13.96 9.59 27.93
C GLY E 59 13.77 8.08 27.93
N LEU E 60 13.06 7.57 26.93
CA LEU E 60 12.69 6.17 26.98
C LEU E 60 13.88 5.23 27.21
N LEU E 61 14.98 5.47 26.49
CA LEU E 61 16.20 4.68 26.66
C LEU E 61 16.82 4.87 28.05
N GLY E 62 16.72 6.09 28.59
CA GLY E 62 16.90 6.29 30.02
C GLY E 62 16.50 5.15 30.91
N THR E 63 15.29 4.60 30.70
CA THR E 63 14.74 3.62 31.63
C THR E 63 15.63 2.39 31.74
N ILE E 64 16.45 2.16 30.72
CA ILE E 64 17.30 0.96 30.65
C ILE E 64 18.65 1.09 31.39
N THR E 65 19.27 2.26 31.30
CA THR E 65 20.59 2.47 31.83
C THR E 65 20.50 3.22 33.17
N GLY E 66 19.66 4.26 33.20
CA GLY E 66 19.26 4.87 34.48
C GLY E 66 20.06 6.09 34.90
N PRO E 67 20.01 7.16 34.11
CA PRO E 67 20.42 8.48 34.59
C PRO E 67 19.47 8.95 35.69
N PRO E 68 19.89 9.93 36.49
CA PRO E 68 19.03 10.48 37.55
C PRO E 68 17.60 10.78 37.11
N GLN E 69 17.41 11.38 35.94
CA GLN E 69 16.06 11.74 35.52
C GLN E 69 15.08 10.61 35.37
N CYS E 70 15.60 9.38 35.37
CA CYS E 70 14.79 8.16 35.15
C CYS E 70 14.67 7.24 36.38
N ASP E 71 15.23 7.65 37.51
CA ASP E 71 15.20 6.81 38.71
C ASP E 71 13.81 6.29 39.00
N GLN E 72 12.81 7.15 38.88
CA GLN E 72 11.43 6.75 39.14
C GLN E 72 10.80 5.90 38.02
N PHE E 73 11.62 5.35 37.13
CA PHE E 73 11.14 4.64 35.93
C PHE E 73 11.91 3.37 35.60
N LEU E 74 12.79 2.95 36.50
CA LEU E 74 13.65 1.81 36.23
C LEU E 74 12.85 0.52 36.06
N GLU E 75 11.66 0.45 36.65
CA GLU E 75 10.92 -0.80 36.63
C GLU E 75 9.41 -0.69 36.35
N PHE E 76 8.99 0.17 35.45
CA PHE E 76 7.56 0.47 35.34
C PHE E 76 6.66 -0.60 34.69
N SER E 77 5.35 -0.46 34.80
CA SER E 77 4.38 -1.17 33.94
C SER E 77 3.47 -0.19 33.23
N ALA E 78 3.11 -0.50 31.98
CA ALA E 78 2.32 0.40 31.17
C ALA E 78 1.50 -0.25 30.05
N ASP E 79 0.32 0.30 29.80
CA ASP E 79 -0.44 -0.03 28.59
C ASP E 79 -0.12 1.06 27.59
N LEU E 80 0.10 2.27 28.09
CA LEU E 80 0.32 3.45 27.25
C LEU E 80 1.53 4.26 27.76
N ILE E 81 2.55 4.45 26.91
CA ILE E 81 3.78 5.12 27.29
C ILE E 81 3.98 6.39 26.49
N ILE E 82 4.21 7.52 27.16
CA ILE E 82 4.20 8.85 26.53
C ILE E 82 5.58 9.50 26.69
N GLU E 83 6.26 9.71 25.56
CA GLU E 83 7.56 10.36 25.52
C GLU E 83 7.30 11.84 25.43
N ARG E 84 8.08 12.65 26.15
CA ARG E 84 7.98 14.10 26.04
C ARG E 84 9.17 14.67 25.26
N ARG E 85 8.97 15.83 24.67
CA ARG E 85 10.02 16.45 23.89
C ARG E 85 11.24 16.83 24.74
N GLU E 86 11.09 16.79 26.07
CA GLU E 86 12.17 17.21 26.95
C GLU E 86 12.74 15.98 27.65
N GLY E 87 12.36 14.83 27.10
CA GLY E 87 12.98 13.57 27.51
C GLY E 87 14.45 13.53 27.16
N SER E 88 15.21 12.75 27.91
CA SER E 88 16.65 12.80 27.83
C SER E 88 17.23 11.48 28.29
N ASP E 89 18.10 10.88 27.48
CA ASP E 89 18.46 9.47 27.65
C ASP E 89 19.64 9.23 28.58
N VAL E 90 20.31 10.30 28.96
CA VAL E 90 21.77 10.29 29.11
C VAL E 90 22.13 11.28 30.22
N CYS E 91 23.04 10.94 31.12
CA CYS E 91 23.58 11.95 32.01
C CYS E 91 24.96 12.36 31.54
N TYR E 92 25.83 11.37 31.44
CA TYR E 92 27.17 11.54 30.91
C TYR E 92 27.11 11.53 29.37
N PRO E 93 27.73 12.53 28.74
CA PRO E 93 27.57 12.72 27.30
C PRO E 93 27.90 11.46 26.49
N GLY E 94 26.97 11.03 25.65
CA GLY E 94 27.12 9.82 24.87
C GLY E 94 25.85 9.54 24.11
N LYS E 95 25.82 8.45 23.37
CA LYS E 95 24.65 8.12 22.56
C LYS E 95 24.32 6.63 22.66
N PHE E 96 23.09 6.26 22.34
CA PHE E 96 22.76 4.86 22.16
C PHE E 96 22.96 4.55 20.70
N VAL E 97 23.70 3.49 20.39
CA VAL E 97 23.88 3.10 19.01
C VAL E 97 22.68 2.29 18.59
N ASN E 98 22.10 2.66 17.46
CA ASN E 98 20.95 1.95 16.96
C ASN E 98 19.73 2.25 17.83
N GLU E 99 19.59 3.53 18.17
CA GLU E 99 18.64 3.98 19.15
C GLU E 99 17.17 3.78 18.75
N GLU E 100 16.80 4.12 17.53
CA GLU E 100 15.38 4.07 17.19
C GLU E 100 14.76 2.68 17.28
N ALA E 101 15.46 1.65 16.81
CA ALA E 101 15.02 0.29 17.05
C ALA E 101 14.75 0.08 18.54
N LEU E 102 15.79 0.29 19.37
CA LEU E 102 15.62 0.18 20.81
C LEU E 102 14.34 0.87 21.31
N ARG E 103 14.10 2.11 20.87
CA ARG E 103 12.90 2.81 21.28
C ARG E 103 11.66 1.98 20.91
N GLN E 104 11.63 1.57 19.65
CA GLN E 104 10.51 0.85 19.10
C GLN E 104 10.19 -0.38 19.91
N ILE E 105 11.22 -1.08 20.39
CA ILE E 105 11.01 -2.26 21.23
C ILE E 105 10.42 -1.83 22.57
N LEU E 106 11.09 -0.88 23.23
CA LEU E 106 10.66 -0.33 24.50
C LEU E 106 9.21 0.20 24.54
N ARG E 107 8.79 0.89 23.49
CA ARG E 107 7.42 1.41 23.36
C ARG E 107 6.32 0.35 23.49
N GLU E 108 6.56 -0.84 22.96
CA GLU E 108 5.56 -1.88 23.04
C GLU E 108 5.93 -2.95 24.07
N SER E 109 6.77 -2.58 25.03
CA SER E 109 7.29 -3.52 26.01
C SER E 109 6.20 -3.97 27.01
N GLY E 110 5.19 -3.14 27.18
CA GLY E 110 4.29 -3.30 28.30
C GLY E 110 4.95 -2.93 29.59
N GLY E 111 6.11 -2.27 29.49
CA GLY E 111 6.91 -1.92 30.68
C GLY E 111 8.06 -2.88 30.86
N ILE E 112 8.85 -2.67 31.91
CA ILE E 112 10.08 -3.45 32.11
C ILE E 112 10.27 -3.96 33.54
N ASP E 113 10.88 -5.14 33.63
CA ASP E 113 11.18 -5.79 34.88
C ASP E 113 12.68 -6.13 34.96
N LYS E 114 13.38 -5.61 35.96
CA LYS E 114 14.83 -5.80 36.02
C LYS E 114 15.22 -7.03 36.83
N GLU E 115 16.26 -7.73 36.37
CA GLU E 115 16.87 -8.78 37.16
C GLU E 115 18.38 -8.61 37.16
N THR E 116 18.99 -8.82 38.32
CA THR E 116 20.44 -8.86 38.42
C THR E 116 21.05 -9.83 37.42
N MET E 117 22.24 -9.52 36.95
CA MET E 117 22.96 -10.47 36.10
C MET E 117 23.94 -11.29 36.92
N GLY E 118 24.10 -10.93 38.19
CA GLY E 118 24.94 -11.71 39.07
C GLY E 118 26.38 -11.71 38.60
N PHE E 119 26.85 -10.54 38.18
CA PHE E 119 28.28 -10.33 38.04
C PHE E 119 28.93 -9.95 39.37
N THR E 120 30.06 -10.59 39.70
CA THR E 120 30.90 -10.09 40.78
C THR E 120 32.36 -9.97 40.32
N TYR E 121 33.13 -9.10 40.96
CA TYR E 121 34.41 -8.68 40.39
C TYR E 121 35.53 -8.75 41.41
N SER E 122 36.74 -9.00 40.91
CA SER E 122 37.88 -9.19 41.78
C SER E 122 39.13 -8.49 41.26
N GLY E 123 39.75 -7.68 42.10
CA GLY E 123 41.01 -7.02 41.74
C GLY E 123 40.83 -5.86 40.78
N ILE E 124 39.68 -5.20 40.86
CA ILE E 124 39.40 -3.99 40.08
C ILE E 124 38.47 -3.06 40.85
N ARG E 125 38.42 -1.80 40.44
CA ARG E 125 37.42 -0.88 40.96
C ARG E 125 36.09 -1.07 40.25
N THR E 126 35.01 -0.81 40.99
CA THR E 126 33.66 -1.06 40.51
C THR E 126 32.83 0.22 40.58
N ASN E 127 33.32 1.18 41.36
CA ASN E 127 32.51 2.29 41.86
C ASN E 127 32.83 3.61 41.17
N GLY E 128 33.28 3.55 39.92
CA GLY E 128 33.61 4.76 39.17
C GLY E 128 32.42 5.67 39.02
N THR E 129 32.64 6.97 39.19
CA THR E 129 31.55 7.95 39.10
C THR E 129 31.89 9.24 38.34
N THR E 130 30.91 10.13 38.24
CA THR E 130 31.03 11.35 37.46
C THR E 130 30.15 12.43 38.06
N SER E 131 30.60 13.67 37.96
CA SER E 131 29.78 14.80 38.34
C SER E 131 28.72 15.12 37.27
N ALA E 132 28.69 14.30 36.22
CA ALA E 132 27.72 14.49 35.18
C ALA E 132 26.40 13.84 35.57
N CYS E 133 26.48 12.77 36.37
CA CYS E 133 25.28 12.14 36.92
C CYS E 133 25.11 12.51 38.38
N ARG E 134 24.48 13.65 38.62
CA ARG E 134 24.37 14.27 39.96
C ARG E 134 23.27 13.61 40.80
N ARG E 135 23.65 13.18 42.01
CA ARG E 135 22.71 12.49 42.91
C ARG E 135 23.11 12.70 44.37
N SER E 136 23.51 13.93 44.71
CA SER E 136 24.08 14.22 46.04
C SER E 136 25.59 14.06 46.03
N GLY E 137 26.22 14.53 44.96
CA GLY E 137 27.60 14.16 44.68
C GLY E 137 27.62 13.36 43.39
N SER E 138 28.79 13.21 42.81
CA SER E 138 28.93 12.41 41.61
C SER E 138 28.23 11.10 41.88
N SER E 139 27.56 10.59 40.86
CA SER E 139 26.94 9.28 40.95
C SER E 139 27.28 8.58 39.65
N PHE E 140 26.41 7.69 39.19
CA PHE E 140 26.58 7.08 37.89
C PHE E 140 25.26 6.51 37.38
N TYR E 141 25.28 5.92 36.19
CA TYR E 141 24.11 5.26 35.67
C TYR E 141 23.67 4.14 36.62
N ALA E 142 22.48 4.28 37.19
CA ALA E 142 21.97 3.38 38.25
C ALA E 142 21.99 1.89 37.92
N GLU E 143 21.98 1.53 36.64
CA GLU E 143 21.95 0.12 36.29
C GLU E 143 23.31 -0.39 35.89
N MET E 144 24.29 0.50 35.80
CA MET E 144 25.56 0.12 35.21
C MET E 144 26.67 0.14 36.27
N LYS E 145 27.83 -0.37 35.91
CA LYS E 145 29.02 -0.15 36.72
C LYS E 145 30.21 0.23 35.86
N TRP E 146 30.80 1.37 36.16
CA TRP E 146 32.07 1.77 35.56
C TRP E 146 33.18 0.92 36.14
N LEU E 147 33.67 -0.05 35.38
CA LEU E 147 34.78 -0.88 35.82
C LEU E 147 36.12 -0.18 35.56
N LEU E 148 36.92 -0.03 36.62
CA LEU E 148 38.21 0.65 36.56
C LEU E 148 39.35 -0.31 36.90
N SER E 149 40.58 0.16 36.68
CA SER E 149 41.75 -0.44 37.30
C SER E 149 41.81 -0.07 38.77
N ASN E 150 42.58 -0.82 39.54
CA ASN E 150 42.67 -0.63 40.98
C ASN E 150 43.35 0.69 41.39
N THR E 151 44.44 1.01 40.70
CA THR E 151 45.14 2.30 40.88
C THR E 151 45.45 2.94 39.54
N ASP E 152 45.51 4.27 39.52
CA ASP E 152 45.86 4.99 38.31
C ASP E 152 47.07 4.35 37.64
N ASN E 153 46.92 3.98 36.37
CA ASN E 153 48.03 3.48 35.55
C ASN E 153 48.13 1.95 35.51
N ALA E 154 47.53 1.30 36.50
CA ALA E 154 47.67 -0.14 36.67
C ALA E 154 46.98 -0.92 35.57
N ALA E 155 47.50 -2.10 35.23
CA ALA E 155 47.02 -2.87 34.10
C ALA E 155 45.73 -3.63 34.40
N PHE E 156 44.63 -3.20 33.79
CA PHE E 156 43.34 -3.89 33.90
C PHE E 156 43.48 -5.33 33.41
N PRO E 157 42.81 -6.28 34.08
CA PRO E 157 43.02 -7.68 33.72
C PRO E 157 42.09 -8.11 32.60
N GLN E 158 42.50 -9.16 31.88
CA GLN E 158 41.68 -9.69 30.80
C GLN E 158 40.50 -10.47 31.40
N MET E 159 39.31 -9.88 31.38
CA MET E 159 38.17 -10.44 32.13
C MET E 159 37.14 -11.10 31.22
N THR E 160 36.41 -12.05 31.81
CA THR E 160 35.29 -12.68 31.12
C THR E 160 34.07 -12.85 32.02
N LYS E 161 33.05 -12.03 31.78
CA LYS E 161 31.80 -12.13 32.47
C LYS E 161 30.79 -12.72 31.52
N SER E 162 30.14 -13.80 31.92
CA SER E 162 29.06 -14.37 31.11
C SER E 162 27.72 -14.50 31.83
N TYR E 163 26.65 -14.53 31.06
CA TYR E 163 25.29 -14.49 31.61
C TYR E 163 24.28 -15.25 30.75
N LYS E 164 23.56 -16.17 31.39
CA LYS E 164 22.61 -17.05 30.71
C LYS E 164 21.17 -16.68 31.06
N ASN E 165 20.42 -16.21 30.05
CA ASN E 165 18.99 -15.99 30.21
C ASN E 165 18.26 -17.29 30.54
N THR E 166 17.98 -17.49 31.83
CA THR E 166 17.30 -18.70 32.27
C THR E 166 15.81 -18.46 32.43
N ARG E 167 15.32 -17.31 31.98
CA ARG E 167 13.89 -17.06 32.04
C ARG E 167 13.20 -17.49 30.75
N LYS E 168 11.86 -17.48 30.74
CA LYS E 168 11.13 -18.06 29.61
C LYS E 168 11.11 -17.11 28.41
N ASP E 169 11.51 -15.86 28.65
CA ASP E 169 11.30 -14.75 27.72
C ASP E 169 12.63 -14.14 27.31
N PRO E 170 12.66 -13.40 26.20
CA PRO E 170 13.93 -12.81 25.74
C PRO E 170 14.41 -11.69 26.67
N ALA E 171 15.72 -11.68 26.94
CA ALA E 171 16.32 -10.61 27.75
C ALA E 171 16.85 -9.44 26.92
N LEU E 172 16.64 -8.21 27.38
CA LEU E 172 17.34 -7.05 26.86
C LEU E 172 18.64 -6.74 27.62
N ILE E 173 19.77 -6.77 26.91
CA ILE E 173 21.10 -6.67 27.53
C ILE E 173 21.81 -5.41 27.04
N ILE E 174 22.41 -4.66 27.95
CA ILE E 174 23.06 -3.43 27.57
C ILE E 174 24.47 -3.36 28.13
N TRP E 175 25.38 -2.75 27.37
CA TRP E 175 26.70 -2.41 27.90
C TRP E 175 27.15 -1.07 27.35
N GLY E 176 28.32 -0.63 27.78
CA GLY E 176 28.81 0.67 27.34
C GLY E 176 30.27 0.63 27.03
N ILE E 177 30.69 1.44 26.04
CA ILE E 177 32.10 1.64 25.76
C ILE E 177 32.49 3.07 26.11
N HIS E 178 33.54 3.19 26.92
CA HIS E 178 34.00 4.49 27.36
C HIS E 178 35.09 5.03 26.46
N HIS E 179 34.83 6.16 25.83
CA HIS E 179 35.85 6.82 25.02
C HIS E 179 36.46 7.96 25.80
N SER E 180 37.65 7.74 26.37
CA SER E 180 38.28 8.73 27.23
C SER E 180 38.67 9.98 26.47
N GLY E 181 38.96 11.06 27.19
CA GLY E 181 39.22 12.37 26.58
C GLY E 181 40.62 12.52 26.01
N SER E 182 41.51 11.60 26.39
CA SER E 182 42.88 11.56 25.86
C SER E 182 43.43 10.14 25.89
N THR E 183 44.45 9.87 25.09
CA THR E 183 45.13 8.57 25.15
C THR E 183 45.65 8.28 26.56
N THR E 184 46.09 9.33 27.26
CA THR E 184 46.62 9.15 28.61
C THR E 184 45.52 9.14 29.67
N GLU E 185 44.39 9.76 29.36
CA GLU E 185 43.17 9.59 30.16
C GLU E 185 42.82 8.12 30.19
N GLN E 186 42.82 7.49 29.03
CA GLN E 186 42.64 6.06 28.93
C GLN E 186 43.67 5.30 29.77
N THR E 187 44.94 5.36 29.37
CA THR E 187 45.97 4.58 30.07
C THR E 187 45.99 4.83 31.58
N LYS E 188 45.56 6.01 32.00
CA LYS E 188 45.46 6.33 33.43
C LYS E 188 44.35 5.50 34.10
N LEU E 189 43.28 5.22 33.36
CA LEU E 189 42.12 4.51 33.89
C LEU E 189 42.24 3.00 33.82
N TYR E 190 42.72 2.48 32.69
CA TYR E 190 42.67 1.05 32.42
C TYR E 190 44.04 0.47 32.10
N GLY E 191 45.08 1.28 32.27
CA GLY E 191 46.45 0.86 31.95
C GLY E 191 46.82 1.10 30.49
N SER E 192 48.11 1.10 30.19
CA SER E 192 48.60 1.27 28.83
C SER E 192 48.20 0.10 27.95
N GLY E 193 48.35 0.25 26.64
CA GLY E 193 48.11 -0.87 25.73
C GLY E 193 46.79 -0.82 24.96
N ASN E 194 46.82 -1.37 23.75
CA ASN E 194 45.64 -1.48 22.91
C ASN E 194 44.52 -2.24 23.61
N LYS E 195 43.36 -1.60 23.73
CA LYS E 195 42.22 -2.18 24.45
C LYS E 195 41.23 -2.81 23.48
N LEU E 196 40.44 -3.76 23.94
CA LEU E 196 39.40 -4.37 23.11
C LEU E 196 38.27 -4.89 23.97
N ILE E 197 37.08 -4.95 23.38
CA ILE E 197 35.91 -5.48 24.06
C ILE E 197 35.14 -6.31 23.03
N THR E 198 34.84 -7.56 23.36
CA THR E 198 34.01 -8.35 22.46
C THR E 198 32.79 -8.91 23.17
N VAL E 199 31.71 -9.11 22.41
CA VAL E 199 30.45 -9.53 22.97
C VAL E 199 29.85 -10.54 22.02
N GLY E 200 29.59 -11.74 22.54
CA GLY E 200 29.01 -12.82 21.75
C GLY E 200 27.79 -13.46 22.38
N SER E 201 26.89 -13.93 21.54
CA SER E 201 25.97 -14.99 21.91
C SER E 201 25.86 -15.97 20.75
N SER E 202 24.65 -16.47 20.49
CA SER E 202 24.44 -17.39 19.38
C SER E 202 23.95 -16.65 18.13
N ASN E 203 23.47 -15.44 18.31
CA ASN E 203 23.03 -14.62 17.18
C ASN E 203 23.78 -13.31 17.11
N TYR E 204 24.87 -13.20 17.87
CA TYR E 204 25.51 -11.93 18.04
C TYR E 204 27.00 -12.13 18.16
N GLN E 205 27.73 -11.44 17.30
CA GLN E 205 29.18 -11.43 17.33
C GLN E 205 29.64 -10.02 16.99
N GLN E 206 30.32 -9.35 17.91
CA GLN E 206 30.81 -8.01 17.61
C GLN E 206 31.90 -7.54 18.56
N SER E 207 32.86 -6.78 18.04
CA SER E 207 33.91 -6.25 18.91
C SER E 207 33.96 -4.74 18.88
N PHE E 208 34.56 -4.16 19.91
CA PHE E 208 34.58 -2.70 20.09
C PHE E 208 35.96 -2.24 20.57
N VAL E 209 36.50 -1.24 19.88
CA VAL E 209 37.67 -0.50 20.33
C VAL E 209 37.28 0.90 20.79
N PRO E 210 37.75 1.31 21.97
CA PRO E 210 37.64 2.71 22.38
C PRO E 210 38.39 3.65 21.43
N SER E 211 37.89 4.88 21.28
CA SER E 211 38.56 5.93 20.52
C SER E 211 38.89 7.09 21.43
N PRO E 212 39.89 6.93 22.32
CA PRO E 212 40.28 8.03 23.19
C PRO E 212 40.85 9.17 22.36
N GLY E 213 40.64 10.41 22.81
CA GLY E 213 41.13 11.59 22.09
C GLY E 213 40.30 12.83 22.36
N ALA E 214 40.76 13.96 21.82
CA ALA E 214 40.17 15.25 22.19
C ALA E 214 38.77 15.49 21.61
N ARG E 215 37.81 15.72 22.50
CA ARG E 215 36.48 16.24 22.15
C ARG E 215 36.17 17.50 22.95
N PRO E 216 35.22 18.32 22.46
CA PRO E 216 34.64 19.35 23.32
C PRO E 216 34.02 18.74 24.57
N GLN E 217 33.92 19.52 25.64
CA GLN E 217 33.24 19.09 26.85
C GLN E 217 31.73 19.25 26.66
N VAL E 218 30.99 18.20 26.99
CA VAL E 218 29.55 18.29 27.17
C VAL E 218 29.21 17.87 28.60
N ASN E 219 28.45 18.71 29.30
CA ASN E 219 28.31 18.59 30.75
C ASN E 219 29.66 18.55 31.45
N GLY E 220 30.63 19.26 30.89
CA GLY E 220 31.97 19.33 31.49
C GLY E 220 32.78 18.05 31.41
N GLN E 221 32.45 17.19 30.46
CA GLN E 221 33.25 15.98 30.23
C GLN E 221 33.62 15.82 28.76
N SER E 222 34.89 15.52 28.50
CA SER E 222 35.37 15.28 27.13
C SER E 222 35.23 13.80 26.74
N GLY E 223 35.11 12.92 27.72
CA GLY E 223 34.84 11.52 27.48
C GLY E 223 33.48 11.28 26.85
N ARG E 224 33.28 10.09 26.32
CA ARG E 224 31.97 9.68 25.85
C ARG E 224 31.71 8.24 26.25
N ILE E 225 30.48 7.96 26.68
CA ILE E 225 30.07 6.59 26.90
C ILE E 225 28.95 6.25 25.92
N ASP E 226 29.17 5.24 25.08
CA ASP E 226 28.20 4.85 24.07
C ASP E 226 27.62 3.48 24.38
N PHE E 227 26.30 3.37 24.33
CA PHE E 227 25.63 2.15 24.76
C PHE E 227 25.30 1.26 23.56
N HIS E 228 25.46 -0.03 23.76
CA HIS E 228 25.16 -1.01 22.73
C HIS E 228 24.25 -2.06 23.35
N TRP E 229 23.45 -2.74 22.54
CA TRP E 229 22.41 -3.58 23.10
C TRP E 229 22.12 -4.84 22.29
N LEU E 230 21.44 -5.80 22.90
CA LEU E 230 21.03 -7.01 22.18
C LEU E 230 19.90 -7.76 22.88
N ILE E 231 19.07 -8.46 22.12
CA ILE E 231 18.05 -9.35 22.68
C ILE E 231 18.63 -10.74 22.88
N LEU E 232 18.64 -11.20 24.13
CA LEU E 232 19.21 -12.51 24.50
C LEU E 232 18.08 -13.53 24.58
N ASN E 233 18.20 -14.62 23.83
CA ASN E 233 17.09 -15.56 23.74
C ASN E 233 17.07 -16.53 24.91
N PRO E 234 15.86 -16.96 25.31
CA PRO E 234 15.70 -17.97 26.35
C PRO E 234 16.79 -19.03 26.23
N ASN E 235 17.63 -19.16 27.25
CA ASN E 235 18.57 -20.29 27.32
C ASN E 235 19.92 -19.94 26.75
N ASP E 236 19.98 -18.88 25.97
CA ASP E 236 21.24 -18.48 25.35
C ASP E 236 22.05 -17.70 26.38
N THR E 237 23.30 -17.40 26.03
CA THR E 237 24.28 -16.90 26.98
C THR E 237 25.09 -15.77 26.33
N VAL E 238 25.11 -14.60 26.97
CA VAL E 238 26.08 -13.56 26.60
C VAL E 238 27.40 -13.75 27.32
N THR E 239 28.48 -13.64 26.56
CA THR E 239 29.80 -13.47 27.15
C THR E 239 30.36 -12.09 26.83
N PHE E 240 30.89 -11.43 27.86
CA PHE E 240 31.67 -10.21 27.68
C PHE E 240 33.13 -10.50 27.98
N SER E 241 34.02 -10.25 27.02
CA SER E 241 35.46 -10.24 27.32
C SER E 241 36.11 -8.90 27.00
N PHE E 242 37.02 -8.48 27.87
CA PHE E 242 37.44 -7.09 27.91
C PHE E 242 38.64 -6.85 28.84
N ASN E 243 39.33 -5.74 28.61
CA ASN E 243 40.51 -5.38 29.39
C ASN E 243 40.50 -3.87 29.60
N GLY E 244 39.29 -3.31 29.69
CA GLY E 244 39.11 -1.89 30.01
C GLY E 244 38.06 -1.16 29.17
N ALA E 245 37.82 0.10 29.52
CA ALA E 245 36.91 0.97 28.78
C ALA E 245 35.54 0.34 28.67
N PHE E 246 35.17 -0.45 29.67
CA PHE E 246 33.90 -1.21 29.66
C PHE E 246 32.95 -0.80 30.78
N ILE E 247 31.75 -0.38 30.41
CA ILE E 247 30.70 -0.02 31.38
C ILE E 247 29.73 -1.18 31.50
N ALA E 248 29.87 -1.94 32.58
CA ALA E 248 29.19 -3.23 32.70
C ALA E 248 27.75 -3.09 33.17
N PRO E 249 26.86 -3.93 32.61
CA PRO E 249 25.49 -3.99 33.09
C PRO E 249 25.43 -4.67 34.46
N ASP E 250 24.61 -4.16 35.37
CA ASP E 250 24.32 -4.88 36.61
C ASP E 250 23.01 -5.66 36.52
N ARG E 251 22.05 -5.12 35.79
CA ARG E 251 20.76 -5.78 35.65
C ARG E 251 20.39 -5.97 34.18
N ALA E 252 19.71 -7.06 33.91
CA ALA E 252 19.13 -7.29 32.59
C ALA E 252 17.70 -6.81 32.63
N SER E 253 17.11 -6.60 31.46
CA SER E 253 15.73 -6.07 31.40
C SER E 253 14.81 -7.06 30.70
N PHE E 254 13.71 -7.42 31.34
CA PHE E 254 12.72 -8.27 30.68
C PHE E 254 11.47 -7.47 30.42
N LEU E 255 10.93 -7.56 29.21
CA LEU E 255 9.69 -6.86 28.84
C LEU E 255 8.50 -7.58 29.44
N ARG E 256 7.50 -6.82 29.86
CA ARG E 256 6.42 -7.37 30.70
C ARG E 256 5.25 -7.91 29.91
N GLY E 257 5.02 -7.38 28.71
CA GLY E 257 3.80 -7.69 28.00
C GLY E 257 3.58 -6.85 26.77
N LYS E 258 2.49 -6.08 26.77
CA LYS E 258 2.15 -5.29 25.61
C LYS E 258 1.80 -3.88 26.00
N SER E 259 2.16 -2.92 25.16
CA SER E 259 1.82 -1.52 25.36
C SER E 259 1.89 -0.80 24.02
N MET E 260 1.28 0.38 23.95
CA MET E 260 1.59 1.30 22.88
C MET E 260 2.43 2.45 23.40
N GLY E 261 3.25 3.01 22.52
CA GLY E 261 3.97 4.23 22.82
C GLY E 261 3.59 5.39 21.92
N ILE E 262 3.55 6.60 22.47
CA ILE E 262 3.24 7.75 21.66
C ILE E 262 4.12 8.90 22.05
N GLN E 263 4.21 9.90 21.18
CA GLN E 263 4.88 11.14 21.51
C GLN E 263 3.88 12.28 21.53
N SER E 264 3.82 13.01 22.63
CA SER E 264 2.78 14.00 22.79
C SER E 264 3.23 15.31 23.38
N GLU E 265 2.44 16.34 23.14
CA GLU E 265 2.70 17.65 23.67
C GLU E 265 1.49 18.16 24.44
N VAL E 266 0.60 17.25 24.83
CA VAL E 266 -0.61 17.65 25.50
C VAL E 266 -0.82 16.90 26.82
N GLN E 267 -1.68 17.44 27.67
CA GLN E 267 -1.92 16.90 28.99
C GLN E 267 -2.63 15.56 28.88
N VAL E 268 -2.55 14.79 29.96
CA VAL E 268 -3.23 13.52 30.04
C VAL E 268 -4.62 13.79 30.57
N ASP E 269 -5.58 12.97 30.17
CA ASP E 269 -6.94 13.08 30.69
C ASP E 269 -7.49 11.70 30.95
N ALA E 270 -7.66 11.36 32.22
CA ALA E 270 -8.11 10.02 32.62
C ALA E 270 -9.63 9.90 32.52
N ASN E 271 -10.27 10.89 31.90
CA ASN E 271 -11.72 10.93 31.88
C ASN E 271 -12.35 10.61 30.52
N CYS E 272 -11.65 10.95 29.43
CA CYS E 272 -12.09 10.60 28.08
C CYS E 272 -11.32 9.39 27.58
N GLU E 273 -11.85 8.74 26.55
CA GLU E 273 -11.44 7.39 26.20
C GLU E 273 -11.24 7.32 24.68
N GLY E 274 -10.03 6.96 24.29
CA GLY E 274 -9.70 6.83 22.87
C GLY E 274 -8.62 5.83 22.59
N ASP E 275 -8.56 5.35 21.36
CA ASP E 275 -7.49 4.47 20.97
C ASP E 275 -6.60 5.02 19.85
N CYS E 276 -6.78 6.28 19.50
CA CYS E 276 -6.08 6.84 18.35
C CYS E 276 -5.47 8.17 18.74
N TYR E 277 -4.14 8.27 18.59
CA TYR E 277 -3.37 9.28 19.33
C TYR E 277 -2.44 9.95 18.35
N HIS E 278 -2.04 11.18 18.66
CA HIS E 278 -1.06 11.89 17.84
C HIS E 278 -0.52 13.02 18.68
N SER E 279 0.62 13.60 18.30
CA SER E 279 1.33 14.47 19.23
C SER E 279 0.44 15.59 19.81
N GLY E 280 -0.70 15.85 19.15
CA GLY E 280 -1.56 16.97 19.52
C GLY E 280 -2.90 16.52 20.06
N GLY E 281 -3.04 15.22 20.30
CA GLY E 281 -4.11 14.71 21.13
C GLY E 281 -4.71 13.42 20.63
N THR E 282 -6.01 13.25 20.86
CA THR E 282 -6.69 11.98 20.68
C THR E 282 -7.76 12.21 19.63
N ILE E 283 -7.89 11.27 18.70
CA ILE E 283 -9.01 11.31 17.78
C ILE E 283 -10.15 10.40 18.21
N ILE E 284 -11.20 10.96 18.79
CA ILE E 284 -12.39 10.19 19.17
C ILE E 284 -13.49 10.21 18.10
N SER E 285 -13.83 9.04 17.56
CA SER E 285 -14.74 9.01 16.43
C SER E 285 -15.10 7.58 16.08
N ASN E 286 -16.28 7.37 15.52
CA ASN E 286 -16.55 6.11 14.82
C ASN E 286 -16.36 6.14 13.32
N LEU E 287 -15.99 7.30 12.75
CA LEU E 287 -16.13 7.51 11.32
C LEU E 287 -15.02 6.79 10.57
N PRO E 288 -15.29 6.31 9.34
CA PRO E 288 -14.26 5.47 8.74
C PRO E 288 -12.94 6.19 8.44
N PHE E 289 -12.97 7.50 8.17
CA PHE E 289 -11.76 8.23 7.76
C PHE E 289 -11.56 9.47 8.62
N GLN E 290 -10.43 10.14 8.44
CA GLN E 290 -10.05 11.29 9.28
C GLN E 290 -9.01 12.14 8.56
N ASN E 291 -9.07 13.46 8.81
CA ASN E 291 -8.26 14.42 8.08
C ASN E 291 -7.49 15.27 9.07
N ILE E 292 -7.20 14.71 10.23
CA ILE E 292 -6.58 15.47 11.29
C ILE E 292 -5.08 15.34 11.25
N ASN E 293 -4.58 14.11 11.19
CA ASN E 293 -3.14 13.86 11.29
C ASN E 293 -2.78 12.54 10.64
N SER E 294 -1.90 12.62 9.65
CA SER E 294 -1.58 11.44 8.89
C SER E 294 -0.66 10.51 9.67
N ARG E 295 -0.06 10.99 10.76
CA ARG E 295 0.81 10.13 11.56
C ARG E 295 0.21 9.61 12.87
N ALA E 296 -1.12 9.59 12.97
CA ALA E 296 -1.81 9.10 14.15
C ALA E 296 -1.41 7.66 14.33
N VAL E 297 -1.44 7.15 15.55
CA VAL E 297 -1.09 5.76 15.80
C VAL E 297 -2.13 5.17 16.72
N GLY E 298 -2.19 3.85 16.78
CA GLY E 298 -3.23 3.20 17.54
C GLY E 298 -4.25 2.49 16.64
N LYS E 299 -5.50 2.43 17.08
CA LYS E 299 -6.60 1.99 16.23
C LYS E 299 -7.36 3.22 15.76
N CYS E 300 -7.20 3.55 14.48
CA CYS E 300 -7.61 4.86 13.95
C CYS E 300 -8.57 4.74 12.77
N PRO E 301 -9.35 5.79 12.52
CA PRO E 301 -9.85 5.93 11.15
C PRO E 301 -8.70 6.14 10.16
N ARG E 302 -8.93 5.71 8.91
CA ARG E 302 -7.92 5.79 7.85
C ARG E 302 -7.74 7.26 7.46
N TYR E 303 -6.51 7.73 7.43
CA TYR E 303 -6.23 9.10 7.10
C TYR E 303 -6.54 9.38 5.63
N VAL E 304 -7.28 10.45 5.33
CA VAL E 304 -7.51 10.83 3.92
C VAL E 304 -7.18 12.31 3.63
N LYS E 305 -6.98 12.64 2.34
CA LYS E 305 -6.67 14.00 1.84
C LYS E 305 -7.89 14.94 1.96
N GLN E 306 -9.08 14.42 1.72
CA GLN E 306 -10.30 15.22 1.71
C GLN E 306 -10.71 15.73 3.10
N GLU E 307 -11.24 16.94 3.13
CA GLU E 307 -11.73 17.51 4.38
C GLU E 307 -13.12 17.05 4.70
N SER E 308 -13.91 16.77 3.67
CA SER E 308 -15.26 16.30 3.89
C SER E 308 -15.70 15.34 2.79
N LEU E 309 -16.40 14.27 3.15
CA LEU E 309 -17.06 13.40 2.18
C LEU E 309 -18.45 12.99 2.69
N LEU E 310 -19.50 13.62 2.16
CA LEU E 310 -20.83 13.37 2.70
C LEU E 310 -21.51 12.15 2.08
N LEU E 311 -22.10 11.34 2.95
CA LEU E 311 -22.84 10.15 2.56
C LEU E 311 -24.34 10.42 2.67
N ALA E 312 -25.08 10.18 1.60
CA ALA E 312 -26.50 10.51 1.56
C ALA E 312 -27.25 9.56 2.46
N THR E 313 -28.12 10.08 3.31
CA THR E 313 -28.98 9.25 4.18
C THR E 313 -30.46 9.51 3.94
N GLY E 314 -30.79 10.05 2.78
CA GLY E 314 -32.17 10.21 2.37
C GLY E 314 -32.24 10.27 0.86
N MET E 315 -33.45 10.47 0.34
CA MET E 315 -33.69 10.42 -1.09
C MET E 315 -33.28 11.70 -1.79
N LYS E 316 -33.27 11.69 -3.12
CA LYS E 316 -33.12 12.92 -3.87
C LYS E 316 -34.27 13.84 -3.50
N ASN E 317 -33.96 15.12 -3.33
CA ASN E 317 -34.90 16.05 -2.73
C ASN E 317 -35.42 17.02 -3.77
N VAL E 318 -36.75 17.15 -3.86
CA VAL E 318 -37.38 18.01 -4.87
C VAL E 318 -38.47 18.93 -4.33
N PRO E 319 -38.20 20.26 -4.33
CA PRO E 319 -39.23 21.24 -4.02
C PRO E 319 -39.95 21.77 -5.27
N GLU E 320 -40.83 22.75 -5.09
CA GLU E 320 -41.28 23.62 -6.19
C GLU E 320 -40.88 25.08 -5.95
N GLY F 1 -33.10 8.77 -10.01
CA GLY F 1 -33.56 8.94 -11.41
C GLY F 1 -33.34 7.72 -12.30
N LEU F 2 -33.01 6.58 -11.69
CA LEU F 2 -32.83 5.31 -12.42
C LEU F 2 -34.15 4.59 -12.72
N PHE F 3 -35.15 4.83 -11.88
CA PHE F 3 -36.46 4.20 -12.02
C PHE F 3 -37.50 5.22 -12.51
N GLY F 4 -37.10 6.49 -12.56
CA GLY F 4 -37.89 7.53 -13.22
C GLY F 4 -39.12 7.96 -12.46
N ALA F 5 -39.13 7.73 -11.15
CA ALA F 5 -40.23 8.21 -10.31
C ALA F 5 -39.91 9.57 -9.68
N ILE F 6 -39.00 9.56 -8.71
CA ILE F 6 -38.60 10.78 -8.02
C ILE F 6 -37.86 11.70 -8.98
N ALA F 7 -38.34 12.94 -9.10
CA ALA F 7 -37.86 13.85 -10.13
C ALA F 7 -38.11 13.29 -11.52
N GLY F 8 -39.01 12.31 -11.62
CA GLY F 8 -39.34 11.70 -12.90
C GLY F 8 -40.73 12.07 -13.39
N PHE F 9 -41.67 11.14 -13.25
CA PHE F 9 -43.05 11.44 -13.64
C PHE F 9 -43.86 12.01 -12.48
N ILE F 10 -43.52 11.67 -11.24
CA ILE F 10 -43.89 12.52 -10.11
C ILE F 10 -43.17 13.85 -10.23
N GLU F 11 -43.90 14.95 -10.10
CA GLU F 11 -43.37 16.28 -10.39
C GLU F 11 -42.44 16.75 -9.29
N ASN F 12 -42.85 16.54 -8.04
CA ASN F 12 -42.02 16.86 -6.89
C ASN F 12 -42.53 16.26 -5.60
N GLY F 13 -41.92 16.69 -4.49
CA GLY F 13 -42.18 16.09 -3.20
C GLY F 13 -42.97 17.01 -2.29
N TRP F 14 -43.44 16.46 -1.18
CA TRP F 14 -44.41 17.14 -0.36
C TRP F 14 -43.77 17.59 0.94
N GLU F 15 -43.47 18.87 1.04
CA GLU F 15 -42.85 19.42 2.23
C GLU F 15 -43.75 19.26 3.44
N GLY F 16 -45.05 19.13 3.20
CA GLY F 16 -46.03 19.01 4.26
C GLY F 16 -46.29 17.57 4.65
N LEU F 17 -45.40 16.67 4.23
CA LEU F 17 -45.45 15.29 4.68
C LEU F 17 -44.35 15.00 5.69
N ILE F 18 -44.65 15.25 6.97
CA ILE F 18 -43.64 15.19 8.02
C ILE F 18 -43.44 13.78 8.57
N ASP F 19 -44.44 12.92 8.41
CA ASP F 19 -44.50 11.67 9.16
C ASP F 19 -44.06 10.42 8.39
N GLY F 20 -43.34 10.63 7.29
CA GLY F 20 -42.88 9.52 6.46
C GLY F 20 -42.16 9.97 5.20
N TRP F 21 -41.68 9.00 4.43
CA TRP F 21 -40.96 9.28 3.19
C TRP F 21 -41.90 9.17 1.99
N TYR F 22 -42.69 8.10 1.99
CA TYR F 22 -43.68 7.87 0.94
C TYR F 22 -45.10 7.89 1.52
N GLY F 23 -46.05 8.40 0.74
CA GLY F 23 -47.40 8.55 1.25
C GLY F 23 -48.47 8.74 0.19
N PHE F 24 -49.72 8.80 0.66
CA PHE F 24 -50.89 9.04 -0.19
C PHE F 24 -51.53 10.38 0.12
N ARG F 25 -51.88 11.11 -0.94
CA ARG F 25 -52.73 12.29 -0.84
C ARG F 25 -53.91 12.09 -1.77
N HIS F 26 -55.11 12.19 -1.22
CA HIS F 26 -56.33 11.91 -1.99
C HIS F 26 -57.29 13.10 -2.09
N GLN F 27 -58.18 13.03 -3.07
CA GLN F 27 -59.30 13.97 -3.17
C GLN F 27 -60.58 13.22 -3.54
N ASN F 28 -61.63 13.43 -2.76
CA ASN F 28 -62.91 12.79 -3.02
C ASN F 28 -64.08 13.63 -2.55
N ALA F 29 -65.25 13.01 -2.43
CA ALA F 29 -66.48 13.72 -2.12
C ALA F 29 -66.43 14.40 -0.75
N GLN F 30 -65.88 13.71 0.24
CA GLN F 30 -65.95 14.18 1.62
C GLN F 30 -64.91 15.27 1.91
N GLY F 31 -63.76 15.18 1.26
CA GLY F 31 -62.66 16.12 1.49
C GLY F 31 -61.31 15.59 1.07
N GLU F 32 -60.27 16.34 1.42
CA GLU F 32 -58.90 16.03 0.98
C GLU F 32 -58.05 15.55 2.16
N GLY F 33 -57.14 14.62 1.91
CA GLY F 33 -56.37 13.98 2.97
C GLY F 33 -54.92 13.66 2.65
N THR F 34 -54.10 13.58 3.68
CA THR F 34 -52.68 13.28 3.53
C THR F 34 -52.20 12.36 4.66
N ALA F 35 -51.77 11.15 4.30
CA ALA F 35 -51.31 10.17 5.30
C ALA F 35 -50.25 9.22 4.75
N ALA F 36 -49.18 9.02 5.51
CA ALA F 36 -47.96 8.37 5.01
C ALA F 36 -48.07 6.84 4.96
N ASP F 37 -47.30 6.21 4.07
CA ASP F 37 -47.17 4.75 4.04
C ASP F 37 -45.98 4.23 4.87
N TYR F 38 -46.28 3.43 5.88
CA TYR F 38 -45.29 3.00 6.86
C TYR F 38 -44.34 1.93 6.30
N LYS F 39 -44.88 0.95 5.60
CA LYS F 39 -44.09 -0.22 5.19
C LYS F 39 -43.01 0.09 4.15
N SER F 40 -43.30 1.00 3.22
CA SER F 40 -42.32 1.39 2.22
C SER F 40 -41.30 2.38 2.76
N THR F 41 -41.73 3.20 3.72
CA THR F 41 -40.81 4.09 4.45
C THR F 41 -39.83 3.26 5.29
N GLN F 42 -40.37 2.45 6.19
CA GLN F 42 -39.58 1.52 6.97
C GLN F 42 -38.58 0.73 6.12
N SER F 43 -38.99 0.38 4.91
CA SER F 43 -38.17 -0.44 4.04
C SER F 43 -36.91 0.33 3.63
N ALA F 44 -37.10 1.53 3.12
CA ALA F 44 -35.98 2.36 2.70
C ALA F 44 -35.08 2.66 3.90
N ILE F 45 -35.63 3.31 4.91
CA ILE F 45 -34.89 3.55 6.15
C ILE F 45 -34.06 2.32 6.57
N ASP F 46 -34.64 1.14 6.47
CA ASP F 46 -33.94 -0.07 6.93
C ASP F 46 -32.71 -0.37 6.11
N GLN F 47 -32.79 -0.08 4.82
CA GLN F 47 -31.63 -0.21 3.95
C GLN F 47 -30.55 0.86 4.23
N ILE F 48 -30.96 2.12 4.41
CA ILE F 48 -30.01 3.17 4.68
C ILE F 48 -29.26 2.99 6.01
N THR F 49 -29.97 2.42 6.99
CA THR F 49 -29.38 2.06 8.28
C THR F 49 -28.39 0.91 8.10
N GLY F 50 -28.76 -0.01 7.20
CA GLY F 50 -27.92 -1.14 6.86
C GLY F 50 -26.59 -0.69 6.33
N LYS F 51 -26.61 0.30 5.43
CA LYS F 51 -25.37 0.92 4.94
C LYS F 51 -24.55 1.52 6.08
N LEU F 52 -25.18 2.42 6.84
CA LEU F 52 -24.51 3.08 7.96
C LEU F 52 -23.81 2.10 8.88
N ASN F 53 -24.49 1.00 9.22
CA ASN F 53 -23.90 0.04 10.14
C ASN F 53 -22.62 -0.58 9.60
N ARG F 54 -22.54 -0.66 8.28
CA ARG F 54 -21.42 -1.27 7.61
C ARG F 54 -20.25 -0.29 7.51
N LEU F 55 -20.55 1.00 7.38
CA LEU F 55 -19.55 2.03 7.10
C LEU F 55 -19.06 2.79 8.34
N ILE F 56 -19.95 3.03 9.29
CA ILE F 56 -19.53 3.66 10.54
C ILE F 56 -18.82 2.59 11.38
N GLU F 57 -17.83 1.95 10.76
CA GLU F 57 -17.23 0.75 11.33
C GLU F 57 -15.89 1.08 11.94
N LYS F 58 -15.59 0.35 13.02
CA LYS F 58 -14.29 0.44 13.70
C LYS F 58 -13.30 -0.64 13.23
N THR F 59 -12.17 -0.20 12.66
CA THR F 59 -11.04 -1.09 12.39
C THR F 59 -10.31 -1.48 13.65
N ASN F 60 -10.38 -2.75 14.01
CA ASN F 60 -9.68 -3.21 15.21
C ASN F 60 -8.16 -3.31 15.06
N GLN F 61 -7.58 -2.60 14.09
CA GLN F 61 -6.17 -2.83 13.75
C GLN F 61 -5.22 -1.81 14.32
N GLN F 62 -4.28 -2.27 15.12
CA GLN F 62 -3.38 -1.35 15.77
C GLN F 62 -2.17 -1.09 14.91
N PHE F 63 -1.77 0.17 14.80
CA PHE F 63 -0.50 0.55 14.21
C PHE F 63 0.41 1.29 15.18
N GLU F 64 1.72 1.16 15.03
CA GLU F 64 2.67 1.86 15.91
C GLU F 64 3.51 2.87 15.15
N LEU F 65 4.16 3.77 15.88
CA LEU F 65 5.17 4.64 15.32
C LEU F 65 6.18 3.78 14.59
N ILE F 66 6.52 4.10 13.33
CA ILE F 66 7.85 3.66 12.80
C ILE F 66 8.76 4.84 12.62
N ASP F 67 8.41 5.91 13.33
CA ASP F 67 8.78 7.25 12.95
C ASP F 67 9.14 7.91 14.24
N ASN F 68 9.70 9.11 14.16
CA ASN F 68 10.06 9.84 15.33
C ASN F 68 10.01 11.34 15.10
N GLU F 69 9.13 11.99 15.84
CA GLU F 69 8.86 13.42 15.74
C GLU F 69 9.83 14.30 16.50
N PHE F 70 10.57 13.73 17.45
CA PHE F 70 11.39 14.51 18.36
C PHE F 70 12.87 14.54 17.95
N THR F 71 13.49 13.36 17.77
CA THR F 71 14.69 13.22 16.91
C THR F 71 14.41 12.41 15.65
N GLU F 72 14.73 13.00 14.51
CA GLU F 72 14.38 12.46 13.21
C GLU F 72 15.16 11.16 12.94
N VAL F 73 14.50 10.14 12.40
CA VAL F 73 15.21 8.91 11.98
C VAL F 73 16.19 9.18 10.82
N GLU F 74 17.17 8.30 10.62
CA GLU F 74 18.17 8.53 9.57
C GLU F 74 17.41 8.80 8.28
N ARG F 75 17.95 9.69 7.45
CA ARG F 75 17.14 10.27 6.42
C ARG F 75 16.66 9.24 5.39
N GLN F 76 17.51 8.28 5.03
CA GLN F 76 17.14 7.34 3.97
C GLN F 76 15.89 6.52 4.30
N ILE F 77 15.91 5.83 5.43
CA ILE F 77 14.75 5.08 5.87
C ILE F 77 13.62 6.07 6.16
N GLY F 78 13.99 7.26 6.62
CA GLY F 78 13.01 8.31 6.74
C GLY F 78 12.22 8.46 5.46
N ASN F 79 12.92 8.66 4.34
CA ASN F 79 12.25 8.90 3.07
C ASN F 79 11.46 7.70 2.59
N VAL F 80 11.93 6.50 2.91
CA VAL F 80 11.15 5.34 2.51
C VAL F 80 9.83 5.32 3.28
N ILE F 81 9.88 5.62 4.58
CA ILE F 81 8.65 5.54 5.39
C ILE F 81 7.62 6.54 4.85
N ASN F 82 8.11 7.74 4.51
CA ASN F 82 7.24 8.79 3.98
C ASN F 82 6.60 8.45 2.64
N TRP F 83 7.40 7.88 1.75
CA TRP F 83 6.91 7.53 0.44
C TRP F 83 5.82 6.45 0.54
N THR F 84 5.93 5.60 1.57
CA THR F 84 4.94 4.54 1.73
C THR F 84 3.66 5.11 2.30
N ARG F 85 3.84 5.93 3.34
CA ARG F 85 2.70 6.56 4.01
C ARG F 85 1.93 7.36 2.96
N ASP F 86 2.66 8.19 2.20
CA ASP F 86 2.04 8.94 1.10
C ASP F 86 1.36 8.02 0.11
N SER F 87 1.97 6.88 -0.18
CA SER F 87 1.32 5.87 -1.03
C SER F 87 0.01 5.34 -0.47
N MET F 88 -0.05 5.10 0.85
CA MET F 88 -1.32 4.64 1.47
C MET F 88 -2.32 5.76 1.46
N THR F 89 -1.85 6.99 1.64
CA THR F 89 -2.79 8.08 1.66
C THR F 89 -3.50 8.22 0.32
N GLU F 90 -2.75 8.01 -0.78
CA GLU F 90 -3.35 8.02 -2.11
C GLU F 90 -4.42 6.95 -2.23
N VAL F 91 -4.11 5.74 -1.77
CA VAL F 91 -5.06 4.64 -1.90
C VAL F 91 -6.34 4.94 -1.11
N TRP F 92 -6.18 5.31 0.15
CA TRP F 92 -7.34 5.45 1.03
C TRP F 92 -8.22 6.61 0.57
N SER F 93 -7.60 7.66 0.04
CA SER F 93 -8.33 8.84 -0.40
C SER F 93 -9.15 8.44 -1.60
N TYR F 94 -8.55 7.66 -2.49
CA TYR F 94 -9.22 7.20 -3.70
C TYR F 94 -10.38 6.31 -3.27
N ASN F 95 -10.11 5.42 -2.31
CA ASN F 95 -11.12 4.48 -1.84
C ASN F 95 -12.27 5.22 -1.25
N ALA F 96 -11.97 6.15 -0.34
CA ALA F 96 -13.01 6.88 0.38
C ALA F 96 -13.97 7.57 -0.60
N GLU F 97 -13.40 8.28 -1.56
CA GLU F 97 -14.20 9.10 -2.44
C GLU F 97 -15.02 8.19 -3.35
N LEU F 98 -14.46 7.03 -3.71
CA LEU F 98 -15.20 6.08 -4.54
C LEU F 98 -16.37 5.47 -3.77
N LEU F 99 -16.10 5.00 -2.56
CA LEU F 99 -17.10 4.26 -1.82
C LEU F 99 -18.28 5.17 -1.66
N VAL F 100 -17.98 6.46 -1.50
CA VAL F 100 -19.00 7.41 -1.12
C VAL F 100 -19.84 7.77 -2.33
N ALA F 101 -19.19 7.98 -3.46
CA ALA F 101 -19.93 8.28 -4.69
C ALA F 101 -20.88 7.14 -5.03
N MET F 102 -20.35 5.92 -4.93
CA MET F 102 -21.07 4.73 -5.30
C MET F 102 -22.22 4.47 -4.33
N GLU F 103 -21.91 4.49 -3.04
CA GLU F 103 -22.95 4.37 -2.05
C GLU F 103 -24.11 5.30 -2.35
N ASN F 104 -23.79 6.56 -2.64
CA ASN F 104 -24.80 7.60 -2.82
C ASN F 104 -25.65 7.36 -4.05
N GLN F 105 -24.99 7.08 -5.16
CA GLN F 105 -25.65 6.64 -6.38
C GLN F 105 -26.61 5.51 -6.08
N HIS F 106 -26.22 4.62 -5.17
CA HIS F 106 -27.07 3.50 -4.86
C HIS F 106 -28.20 3.84 -3.91
N THR F 107 -27.92 4.62 -2.89
CA THR F 107 -28.94 5.14 -2.01
C THR F 107 -30.03 5.90 -2.78
N ILE F 108 -29.63 6.88 -3.59
CA ILE F 108 -30.57 7.64 -4.41
C ILE F 108 -31.47 6.74 -5.25
N ASP F 109 -30.88 5.79 -5.97
CA ASP F 109 -31.64 4.87 -6.82
C ASP F 109 -32.54 3.93 -6.01
N LEU F 110 -32.01 3.47 -4.89
CA LEU F 110 -32.78 2.75 -3.88
C LEU F 110 -34.11 3.44 -3.57
N ALA F 111 -34.05 4.75 -3.38
CA ALA F 111 -35.22 5.50 -2.97
C ALA F 111 -36.17 5.62 -4.16
N ASP F 112 -35.63 5.95 -5.33
CA ASP F 112 -36.44 6.00 -6.54
C ASP F 112 -37.22 4.71 -6.69
N SER F 113 -36.56 3.60 -6.39
CA SER F 113 -37.12 2.29 -6.67
C SER F 113 -38.30 1.96 -5.76
N GLU F 114 -38.22 2.40 -4.51
CA GLU F 114 -39.26 2.11 -3.54
C GLU F 114 -40.55 2.86 -3.87
N MET F 115 -40.40 4.13 -4.22
CA MET F 115 -41.51 4.91 -4.73
C MET F 115 -42.20 4.12 -5.85
N ASN F 116 -41.42 3.81 -6.88
CA ASN F 116 -41.93 3.14 -8.04
C ASN F 116 -42.48 1.74 -7.73
N LYS F 117 -42.10 1.20 -6.57
CA LYS F 117 -42.68 -0.05 -6.10
C LYS F 117 -44.04 0.15 -5.44
N LEU F 118 -44.21 1.30 -4.79
CA LEU F 118 -45.47 1.63 -4.14
C LEU F 118 -46.52 1.86 -5.21
N TYR F 119 -46.25 2.85 -6.07
CA TYR F 119 -47.05 3.09 -7.25
C TYR F 119 -47.58 1.81 -7.87
N GLU F 120 -46.69 0.93 -8.29
CA GLU F 120 -47.09 -0.21 -9.12
C GLU F 120 -47.94 -1.21 -8.35
N ARG F 121 -47.84 -1.17 -7.03
CA ARG F 121 -48.60 -2.08 -6.19
C ARG F 121 -50.04 -1.61 -6.07
N VAL F 122 -50.20 -0.29 -5.97
CA VAL F 122 -51.52 0.30 -5.98
C VAL F 122 -52.18 0.08 -7.35
N LYS F 123 -51.50 0.48 -8.41
CA LYS F 123 -51.96 0.22 -9.77
C LYS F 123 -52.45 -1.21 -9.94
N ARG F 124 -51.71 -2.16 -9.39
CA ARG F 124 -52.13 -3.56 -9.42
C ARG F 124 -53.42 -3.76 -8.61
N GLN F 125 -53.49 -3.10 -7.45
CA GLN F 125 -54.63 -3.24 -6.57
C GLN F 125 -55.90 -2.86 -7.30
N LEU F 126 -55.86 -1.73 -8.00
CA LEU F 126 -57.06 -1.13 -8.57
C LEU F 126 -57.52 -1.80 -9.86
N ARG F 127 -56.67 -2.67 -10.41
CA ARG F 127 -57.07 -3.54 -11.53
C ARG F 127 -57.56 -2.75 -12.74
N GLU F 128 -58.89 -2.57 -12.83
CA GLU F 128 -59.49 -1.91 -13.99
C GLU F 128 -60.40 -0.75 -13.59
N ASN F 129 -60.37 -0.39 -12.31
CA ASN F 129 -61.28 0.58 -11.75
C ASN F 129 -60.70 1.99 -11.71
N ALA F 130 -59.50 2.16 -12.26
CA ALA F 130 -58.85 3.46 -12.32
C ALA F 130 -57.89 3.60 -13.50
N GLU F 131 -57.31 4.79 -13.65
CA GLU F 131 -56.41 5.05 -14.77
C GLU F 131 -55.17 5.83 -14.37
N GLU F 132 -54.02 5.44 -14.91
CA GLU F 132 -52.80 6.22 -14.80
C GLU F 132 -52.91 7.50 -15.62
N ASP F 133 -53.00 8.63 -14.94
CA ASP F 133 -52.98 9.94 -15.60
C ASP F 133 -51.55 10.32 -15.98
N GLY F 134 -50.59 9.92 -15.15
CA GLY F 134 -49.19 9.98 -15.54
C GLY F 134 -48.37 11.03 -14.81
N THR F 135 -48.86 11.49 -13.66
CA THR F 135 -48.07 12.32 -12.77
C THR F 135 -48.08 11.73 -11.37
N GLY F 136 -48.29 10.42 -11.31
CA GLY F 136 -48.33 9.72 -10.04
C GLY F 136 -49.69 9.86 -9.38
N CYS F 137 -50.72 9.85 -10.21
CA CYS F 137 -52.10 9.87 -9.71
C CYS F 137 -52.92 8.75 -10.32
N PHE F 138 -53.94 8.32 -9.59
CA PHE F 138 -54.91 7.41 -10.13
C PHE F 138 -56.28 8.07 -10.14
N GLU F 139 -56.76 8.43 -11.33
CA GLU F 139 -58.13 8.90 -11.48
C GLU F 139 -59.09 7.73 -11.30
N ILE F 140 -59.88 7.76 -10.22
CA ILE F 140 -60.85 6.72 -9.97
C ILE F 140 -62.12 6.98 -10.76
N PHE F 141 -62.62 5.94 -11.42
CA PHE F 141 -63.82 6.04 -12.23
C PHE F 141 -65.04 5.49 -11.49
N HIS F 142 -65.05 5.69 -10.18
CA HIS F 142 -66.26 5.53 -9.41
C HIS F 142 -66.18 6.34 -8.12
N LYS F 143 -67.31 6.91 -7.70
CA LYS F 143 -67.41 7.55 -6.40
C LYS F 143 -66.85 6.65 -5.31
N CYS F 144 -65.99 7.19 -4.45
CA CYS F 144 -65.23 6.38 -3.51
C CYS F 144 -64.93 7.15 -2.21
N ASP F 145 -65.53 6.71 -1.11
CA ASP F 145 -65.59 7.48 0.13
C ASP F 145 -64.35 7.30 1.00
N ASP F 146 -64.30 8.00 2.13
CA ASP F 146 -63.09 8.07 2.94
C ASP F 146 -62.78 6.77 3.68
N ASP F 147 -63.70 5.81 3.63
CA ASP F 147 -63.41 4.47 4.09
C ASP F 147 -63.00 3.59 2.91
N CYS F 148 -63.25 4.09 1.71
CA CYS F 148 -62.77 3.45 0.49
C CYS F 148 -61.28 3.77 0.28
N MET F 149 -60.88 4.98 0.66
CA MET F 149 -59.48 5.39 0.62
C MET F 149 -58.64 4.58 1.61
N ALA F 150 -59.09 4.51 2.85
CA ALA F 150 -58.39 3.77 3.90
C ALA F 150 -58.37 2.27 3.65
N SER F 151 -59.15 1.80 2.69
CA SER F 151 -59.13 0.38 2.30
C SER F 151 -58.07 0.12 1.25
N ILE F 152 -57.81 1.13 0.42
CA ILE F 152 -56.68 1.10 -0.51
C ILE F 152 -55.37 1.13 0.28
N ARG F 153 -55.21 2.16 1.11
CA ARG F 153 -54.03 2.30 1.95
C ARG F 153 -53.58 0.98 2.55
N ASN F 154 -54.33 0.48 3.54
CA ASN F 154 -53.94 -0.76 4.19
C ASN F 154 -54.26 -2.00 3.38
N ASN F 155 -54.33 -1.84 2.06
CA ASN F 155 -54.37 -2.97 1.14
C ASN F 155 -55.51 -3.93 1.41
N THR F 156 -56.74 -3.49 1.15
CA THR F 156 -57.92 -4.34 1.27
C THR F 156 -58.90 -4.10 0.12
N TYR F 157 -58.87 -2.90 -0.44
CA TYR F 157 -59.75 -2.53 -1.55
C TYR F 157 -60.10 -3.71 -2.44
N ASP F 158 -61.34 -4.17 -2.34
CA ASP F 158 -61.85 -5.24 -3.20
C ASP F 158 -62.35 -4.66 -4.51
N HIS F 159 -61.73 -5.07 -5.62
CA HIS F 159 -61.98 -4.42 -6.91
C HIS F 159 -63.35 -4.72 -7.49
N SER F 160 -63.70 -6.00 -7.59
CA SER F 160 -64.94 -6.42 -8.26
C SER F 160 -66.19 -5.91 -7.55
N LYS F 161 -66.02 -5.32 -6.37
CA LYS F 161 -67.13 -4.78 -5.60
C LYS F 161 -67.51 -3.37 -6.04
N TYR F 162 -66.88 -2.90 -7.17
CA TYR F 162 -67.17 -1.63 -7.73
C TYR F 162 -66.89 -1.72 -9.22
N ARG F 163 -66.56 -2.89 -9.72
CA ARG F 163 -66.07 -3.05 -11.10
C ARG F 163 -67.00 -2.45 -12.14
N GLU F 164 -68.28 -2.84 -12.05
CA GLU F 164 -69.31 -2.49 -13.03
C GLU F 164 -69.46 -0.99 -13.24
N GLU F 165 -69.80 -0.28 -12.16
CA GLU F 165 -69.97 1.17 -12.23
C GLU F 165 -68.92 1.84 -13.01
N ALA F 166 -67.69 1.48 -12.62
CA ALA F 166 -66.50 2.14 -13.15
C ALA F 166 -66.26 1.80 -14.62
N ILE F 167 -66.47 0.52 -14.97
CA ILE F 167 -66.10 0.01 -16.29
C ILE F 167 -66.84 0.73 -17.41
N GLN F 168 -68.10 1.08 -17.14
CA GLN F 168 -68.96 1.69 -18.13
C GLN F 168 -68.47 3.07 -18.55
N ASN F 169 -67.22 3.38 -18.17
CA ASN F 169 -66.63 4.69 -18.44
C ASN F 169 -65.34 4.56 -19.26
C1 NAG G . 51.86 -25.94 2.44
C2 NAG G . 52.70 -26.96 3.20
C3 NAG G . 54.06 -26.43 3.62
C4 NAG G . 54.78 -25.79 2.43
C5 NAG G . 53.82 -24.70 1.98
C6 NAG G . 54.42 -23.60 1.10
C7 NAG G . 51.18 -28.46 4.36
C8 NAG G . 50.58 -28.86 5.68
N2 NAG G . 52.02 -27.43 4.40
O3 NAG G . 54.84 -27.45 4.21
O4 NAG G . 56.02 -25.21 2.82
O5 NAG G . 52.64 -25.29 1.45
O6 NAG G . 54.54 -23.98 -0.24
O7 NAG G . 50.88 -29.02 3.30
C1 NAG G . 57.21 -25.96 2.47
C2 NAG G . 57.02 -27.12 1.46
C3 NAG G . 58.35 -27.71 0.96
C4 NAG G . 59.58 -26.79 1.02
C5 NAG G . 59.49 -25.75 2.12
C6 NAG G . 60.62 -24.71 2.00
C7 NAG G . 55.95 -29.35 1.51
C8 NAG G . 55.08 -30.28 2.30
N2 NAG G . 56.21 -28.16 2.07
O3 NAG G . 58.20 -28.17 -0.36
O4 NAG G . 60.74 -27.58 1.18
O5 NAG G . 58.24 -25.10 2.04
O6 NAG G . 60.79 -24.07 3.25
O7 NAG G . 56.38 -29.70 0.41
C1 NAG H . 46.40 -26.12 23.86
C2 NAG H . 47.67 -25.29 23.72
C3 NAG H . 47.97 -25.04 22.24
C4 NAG H . 47.14 -25.90 21.29
C5 NAG H . 46.82 -27.31 21.81
C6 NAG H . 47.92 -28.32 21.45
C7 NAG H . 48.55 -23.45 25.09
C8 NAG H . 48.25 -22.16 25.79
N2 NAG H . 47.54 -24.04 24.45
O1 NAG H . 46.09 -26.29 25.22
O3 NAG H . 49.34 -25.26 22.01
O4 NAG H . 45.94 -25.25 20.88
O5 NAG H . 46.58 -27.36 23.22
O6 NAG H . 48.51 -27.96 20.21
O7 NAG H . 49.69 -23.93 25.13
C1 GAL H . 46.12 -24.53 19.64
C2 GAL H . 45.18 -25.05 18.54
C3 GAL H . 45.24 -24.21 17.27
C4 GAL H . 45.14 -22.73 17.63
C5 GAL H . 46.21 -22.41 18.66
C6 GAL H . 46.30 -20.91 18.94
O2 GAL H . 45.47 -26.40 18.25
O3 GAL H . 44.19 -24.57 16.39
O4 GAL H . 43.88 -22.49 18.21
O5 GAL H . 45.91 -23.13 19.83
O6 GAL H . 46.58 -20.69 20.31
C1 SIA H . 43.13 -24.50 14.21
C2 SIA H . 44.43 -24.27 14.99
C3 SIA H . 45.44 -25.07 14.14
C4 SIA H . 45.37 -24.52 12.72
C5 SIA H . 45.84 -23.07 12.76
C6 SIA H . 44.77 -22.35 13.57
C7 SIA H . 44.88 -20.84 13.51
C8 SIA H . 43.89 -20.11 14.42
C9 SIA H . 43.88 -18.62 14.11
C10 SIA H . 46.86 -21.57 11.12
C11 SIA H . 47.82 -21.13 12.20
N5 SIA H . 45.98 -22.50 11.42
O1A SIA H . 42.55 -23.49 13.74
O1B SIA H . 42.75 -25.68 14.00
O4 SIA H . 46.03 -25.34 11.75
O6 SIA H . 44.79 -22.88 14.91
O7 SIA H . 46.20 -20.42 13.83
O8 SIA H . 42.58 -20.64 14.24
O9 SIA H . 43.18 -17.95 15.16
O10 SIA H . 46.94 -21.07 10.00
C1 NAG I . 57.11 9.47 -9.16
C2 NAG I . 57.78 9.41 -7.79
C3 NAG I . 56.97 10.28 -6.82
C4 NAG I . 56.24 11.44 -7.53
C5 NAG I . 56.92 11.85 -8.85
C6 NAG I . 58.17 12.68 -8.59
C7 NAG I . 58.78 7.56 -6.52
C8 NAG I . 58.67 6.12 -6.11
N2 NAG I . 57.81 8.03 -7.32
O1 NAG I . 57.71 8.52 -10.01
O3 NAG I . 57.84 10.79 -5.83
O4 NAG I . 54.86 11.19 -7.71
O5 NAG I . 57.26 10.77 -9.71
O6 NAG I . 57.80 14.01 -8.31
O7 NAG I . 59.72 8.25 -6.12
C1 GAL I . 54.09 11.69 -6.59
C2 GAL I . 52.84 12.46 -7.06
C3 GAL I . 52.04 12.99 -5.87
C4 GAL I . 51.76 11.83 -4.90
C5 GAL I . 53.08 11.17 -4.51
C6 GAL I . 52.84 10.01 -3.55
O2 GAL I . 53.21 13.50 -7.93
O3 GAL I . 50.82 13.60 -6.29
O4 GAL I . 50.97 10.88 -5.57
O5 GAL I . 53.70 10.67 -5.69
O6 GAL I . 54.00 9.20 -3.45
C1 SIA I . 48.95 15.09 -5.89
C2 SIA I . 50.32 14.67 -5.43
C3 SIA I . 51.07 16.00 -5.36
C4 SIA I . 50.26 16.93 -4.46
C5 SIA I . 50.18 16.35 -3.05
C6 SIA I . 49.48 14.99 -3.19
C7 SIA I . 49.23 14.30 -1.85
C8 SIA I . 48.69 12.87 -2.01
C9 SIA I . 47.99 12.37 -0.74
C10 SIA I . 49.65 17.30 -0.82
C11 SIA I . 50.73 16.47 -0.21
N5 SIA I . 49.45 17.23 -2.14
O1A SIA I . 48.85 15.82 -6.91
O1B SIA I . 47.94 14.76 -5.22
O4 SIA I . 50.77 18.27 -4.46
O6 SIA I . 50.25 14.16 -4.08
O7 SIA I . 50.43 14.29 -1.07
O8 SIA I . 47.76 12.81 -3.10
O9 SIA I . 47.90 10.94 -0.79
O10 SIA I . 48.98 18.05 -0.12
C1 NAG J . 40.73 21.38 36.05
C2 NAG J . 41.93 20.46 36.01
C3 NAG J . 41.55 19.05 36.46
C4 NAG J . 40.11 18.95 37.00
C5 NAG J . 39.65 20.17 37.81
C6 NAG J . 39.91 19.98 39.31
C7 NAG J . 43.83 20.48 34.50
C8 NAG J . 44.32 20.41 33.07
N2 NAG J . 42.52 20.42 34.68
O1 NAG J . 41.11 22.68 35.64
O3 NAG J . 42.46 18.63 37.45
O4 NAG J . 39.16 18.62 36.00
O5 NAG J . 40.24 21.40 37.38
O6 NAG J . 40.43 18.69 39.54
O7 NAG J . 44.64 20.60 35.42
C1 GAL J . 39.02 17.18 35.87
C2 GAL J . 37.61 16.72 36.29
C3 GAL J . 37.38 15.23 36.03
C4 GAL J . 37.85 14.85 34.63
C5 GAL J . 39.27 15.36 34.41
C6 GAL J . 39.79 15.00 33.02
O2 GAL J . 37.39 17.02 37.64
O3 GAL J . 35.99 14.95 36.18
O4 GAL J . 37.01 15.45 33.67
O5 GAL J . 39.27 16.76 34.55
O6 GAL J . 41.00 15.69 32.76
C1 SIA J . 34.18 13.35 36.27
C2 SIA J . 35.67 13.57 36.48
C3 SIA J . 35.94 13.07 37.91
C4 SIA J . 35.49 11.61 38.03
C5 SIA J . 36.19 10.76 36.97
C6 SIA J . 35.90 11.35 35.60
C7 SIA J . 36.52 10.54 34.48
C8 SIA J . 36.32 11.15 33.09
C9 SIA J . 36.77 10.20 31.99
C10 SIA J . 36.53 8.34 36.72
C11 SIA J . 37.94 8.62 36.30
N5 SIA J . 35.74 9.37 37.05
O1A SIA J . 33.35 13.78 37.11
O1B SIA J . 33.82 12.67 35.27
O4 SIA J . 35.73 11.08 39.33
O6 SIA J . 36.39 12.70 35.60
O7 SIA J . 37.92 10.40 34.71
O8 SIA J . 34.95 11.45 32.86
O9 SIA J . 36.48 10.81 30.73
O10 SIA J . 36.12 7.19 36.77
C1 NAG K . -23.23 -23.86 -5.75
C2 NAG K . -23.68 -24.69 -6.96
C3 NAG K . -22.54 -25.29 -7.77
C4 NAG K . -21.38 -24.32 -7.96
C5 NAG K . -20.99 -23.65 -6.64
C6 NAG K . -19.93 -22.59 -6.90
C7 NAG K . -25.73 -26.07 -7.05
C8 NAG K . -26.46 -27.24 -6.46
N2 NAG K . -24.54 -25.77 -6.50
O3 NAG K . -23.00 -25.69 -9.05
O4 NAG K . -20.26 -24.99 -8.52
O5 NAG K . -22.12 -23.03 -6.04
O6 NAG K . -20.24 -21.85 -8.06
O7 NAG K . -26.22 -25.44 -8.00
C1 NAG L . 34.68 -3.02 -21.68
C2 NAG L . 34.87 -3.04 -23.21
C3 NAG L . 35.66 -1.87 -23.84
C4 NAG L . 36.06 -0.78 -22.84
C5 NAG L . 36.48 -1.46 -21.54
C6 NAG L . 37.17 -0.52 -20.56
C7 NAG L . 34.71 -5.47 -23.73
C8 NAG L . 35.48 -6.70 -24.13
N2 NAG L . 35.43 -4.35 -23.60
O3 NAG L . 34.93 -1.29 -24.89
O4 NAG L . 37.10 0.02 -23.35
O5 NAG L . 35.28 -1.93 -20.99
O6 NAG L . 37.76 -1.34 -19.56
O7 NAG L . 33.49 -5.53 -23.57
C1 NAG M . 6.96 -8.79 12.48
C2 NAG M . 7.85 -9.12 13.68
C3 NAG M . 8.00 -10.63 13.82
C4 NAG M . 6.60 -11.23 13.89
C5 NAG M . 5.79 -10.91 12.63
C6 NAG M . 4.36 -10.47 12.95
C7 NAG M . 9.41 -7.43 14.45
C8 NAG M . 10.74 -6.74 14.24
N2 NAG M . 9.11 -8.41 13.59
O3 NAG M . 8.74 -10.91 14.99
O4 NAG M . 6.62 -12.63 14.14
O5 NAG M . 6.45 -9.95 11.82
O6 NAG M . 3.55 -10.63 11.79
O7 NAG M . 8.69 -7.09 15.39
C1 NAG N . 50.81 27.94 0.54
C2 NAG N . 51.88 28.49 -0.42
C3 NAG N . 53.24 28.72 0.23
C4 NAG N . 53.10 29.37 1.60
C5 NAG N . 52.20 28.44 2.40
C6 NAG N . 52.22 28.69 3.91
C7 NAG N . 51.72 27.95 -2.79
C8 NAG N . 52.01 26.96 -3.88
N2 NAG N . 52.05 27.59 -1.55
O3 NAG N . 54.08 29.50 -0.61
O4 NAG N . 54.36 29.55 2.22
O5 NAG N . 50.91 28.53 1.84
O6 NAG N . 51.43 29.80 4.27
O7 NAG N . 51.21 29.04 -3.05
C1 NAG O . -16.21 8.77 -27.99
C2 NAG O . -16.81 10.00 -28.68
C3 NAG O . -16.10 11.33 -28.39
C4 NAG O . -15.58 11.45 -26.95
C5 NAG O . -14.98 10.15 -26.42
C6 NAG O . -14.77 10.28 -24.92
C7 NAG O . -17.95 9.69 -30.80
C8 NAG O . -17.79 9.44 -32.27
N2 NAG O . -16.81 9.78 -30.10
O3 NAG O . -17.03 12.38 -28.58
O4 NAG O . -14.66 12.53 -26.84
O5 NAG O . -15.83 9.05 -26.65
O6 NAG O . -16.02 10.44 -24.30
O7 NAG O . -19.07 9.83 -30.29
C1 NAG P . 18.33 30.98 19.50
C2 NAG P . 17.97 32.32 18.85
C3 NAG P . 19.17 33.27 18.81
C4 NAG P . 19.88 33.28 20.16
C5 NAG P . 20.24 31.86 20.59
C6 NAG P . 21.01 31.83 21.92
C7 NAG P . 16.19 31.84 17.23
C8 NAG P . 15.83 31.64 15.78
N2 NAG P . 17.46 32.13 17.50
O3 NAG P . 18.72 34.57 18.52
O4 NAG P . 21.03 34.09 20.09
O5 NAG P . 19.07 31.07 20.70
O6 NAG P . 22.38 32.02 21.66
O7 NAG P . 15.32 31.76 18.10
C1 NAG Q . 14.20 -3.22 -8.29
C2 NAG Q . 15.64 -3.71 -8.50
C3 NAG Q . 16.32 -3.01 -9.67
C4 NAG Q . 15.42 -3.15 -10.90
C5 NAG Q . 14.12 -2.39 -10.59
C6 NAG Q . 13.17 -2.36 -11.79
C7 NAG Q . 16.97 -4.50 -6.58
C8 NAG Q . 17.79 -4.10 -5.38
N2 NAG Q . 16.45 -3.50 -7.30
O3 NAG Q . 17.60 -3.56 -9.91
O4 NAG Q . 16.05 -2.71 -12.09
O5 NAG Q . 13.47 -3.03 -9.51
O6 NAG Q . 11.83 -2.40 -11.32
O7 NAG Q . 16.80 -5.70 -6.84
C1 NAG R . 35.71 2.22 45.64
C2 NAG R . 36.03 3.04 46.89
C3 NAG R . 37.43 2.79 47.47
C4 NAG R . 37.82 1.31 47.43
C5 NAG R . 37.59 0.84 46.00
C6 NAG R . 38.20 -0.53 45.67
C7 NAG R . 34.79 5.11 47.14
C8 NAG R . 34.70 6.57 46.82
N2 NAG R . 35.82 4.45 46.62
O3 NAG R . 37.50 3.25 48.81
O4 NAG R . 39.14 1.11 47.88
O5 NAG R . 36.20 0.88 45.77
O6 NAG R . 37.50 -1.57 46.30
O7 NAG R . 33.94 4.55 47.86
C1 NAG S . -29.77 12.78 9.56
C2 NAG S . -30.95 12.25 10.41
C3 NAG S . -30.54 11.61 11.73
C4 NAG S . -29.32 10.70 11.60
C5 NAG S . -28.21 11.38 10.80
C6 NAG S . -27.10 10.37 10.55
C7 NAG S . -33.20 13.16 10.40
C8 NAG S . -34.09 14.32 10.76
N2 NAG S . -31.90 13.31 10.67
O3 NAG S . -31.62 10.84 12.23
O4 NAG S . -28.85 10.30 12.87
O5 NAG S . -28.69 11.86 9.55
O6 NAG S . -27.64 9.14 10.12
O7 NAG S . -33.68 12.15 9.89
C1 NAG T . 16.84 -24.87 27.80
C2 NAG T . 15.54 -25.28 28.50
C3 NAG T . 15.83 -25.68 29.94
C4 NAG T . 16.94 -26.72 29.96
C5 NAG T . 18.18 -26.26 29.19
C6 NAG T . 19.24 -27.38 29.13
C7 NAG T . 13.64 -24.05 27.54
C8 NAG T . 12.75 -22.85 27.67
N2 NAG T . 14.60 -24.17 28.47
O3 NAG T . 14.66 -26.22 30.51
O4 NAG T . 17.26 -27.02 31.30
O5 NAG T . 17.85 -25.87 27.87
O6 NAG T . 20.35 -27.05 29.94
O7 NAG T . 13.47 -24.87 26.64
C1 NAG U . 8.24 12.93 6.41
C2 NAG U . 9.38 13.92 6.63
C3 NAG U . 9.13 14.78 7.87
C4 NAG U . 7.73 15.41 7.76
C5 NAG U . 6.70 14.29 7.68
C6 NAG U . 5.28 14.83 7.59
C7 NAG U . 11.62 13.37 5.83
C8 NAG U . 12.89 12.58 6.06
N2 NAG U . 10.65 13.23 6.74
O3 NAG U . 10.12 15.77 7.99
O4 NAG U . 7.49 16.30 8.84
O5 NAG U . 6.94 13.51 6.53
O6 NAG U . 4.40 13.82 7.17
O7 NAG U . 11.52 14.09 4.84
#